data_1UB7
#
_entry.id   1UB7
#
_cell.length_a   57.586
_cell.length_b   91.355
_cell.length_c   149.436
_cell.angle_alpha   90.00
_cell.angle_beta   98.26
_cell.angle_gamma   90.00
#
_symmetry.space_group_name_H-M   'P 1 21 1'
#
loop_
_entity.id
_entity.type
_entity.pdbx_description
1 polymer '3-oxoacyl-[acyl-carrier protein] synthase'
2 non-polymer GLYCEROL
3 water water
#
_entity_poly.entity_id   1
_entity_poly.type   'polypeptide(L)'
_entity_poly.pdbx_seq_one_letter_code
;MSGILALGAYVPERVMTNADFEAYLDTSDEWIVTRTGIKERRVAAEDEYTSDLAFKAVEDLLRRHPGALEGVDAVIVATN
TPDALFPDTAALVQARFGLKAFAYDLLAG(CSO)PGWIYALAQAHALVEAGLAQKVLAVGAEALSKIIDWNDRATAVLFG
DGGGAAVVGKVREGYGFRSFVLGADGTGAKELYHACVAPRLPDGTSMKNRLYMNGREVFKFAVRVMNTATLEAIEKAGLT
PEDIRLFVPHQANLRIIDAARERLGLPWERVAVNVDRYGNTSTASIPLALKEAVDAGRIREGDHVLLVSFGAGLTWAAAV
LTWGGA
;
_entity_poly.pdbx_strand_id   A,B,C,D
#
loop_
_chem_comp.id
_chem_comp.type
_chem_comp.name
_chem_comp.formula
GOL non-polymer GLYCEROL 'C3 H8 O3'
#
# COMPACT_ATOMS: atom_id res chain seq x y z
N SER A 2 10.32 -14.77 -21.24
CA SER A 2 8.91 -14.97 -20.78
C SER A 2 8.61 -14.06 -19.60
N GLY A 3 7.33 -13.98 -19.25
CA GLY A 3 6.92 -13.15 -18.13
C GLY A 3 5.61 -13.64 -17.55
N ILE A 4 5.11 -12.93 -16.54
CA ILE A 4 3.85 -13.28 -15.90
C ILE A 4 2.67 -12.58 -16.56
N LEU A 5 1.82 -13.37 -17.20
CA LEU A 5 0.66 -12.86 -17.91
C LEU A 5 -0.58 -12.70 -17.01
N ALA A 6 -0.64 -13.45 -15.91
CA ALA A 6 -1.80 -13.36 -15.03
C ALA A 6 -1.41 -13.87 -13.65
N LEU A 7 -2.15 -13.42 -12.63
CA LEU A 7 -1.88 -13.79 -11.24
C LEU A 7 -3.16 -13.82 -10.43
N GLY A 8 -3.19 -14.68 -9.43
CA GLY A 8 -4.33 -14.80 -8.54
C GLY A 8 -3.86 -15.53 -7.29
N ALA A 9 -4.58 -15.41 -6.17
CA ALA A 9 -4.20 -16.09 -4.93
C ALA A 9 -5.40 -16.28 -4.04
N TYR A 10 -5.24 -17.10 -3.00
CA TYR A 10 -6.34 -17.40 -2.10
C TYR A 10 -5.83 -17.84 -0.74
N VAL A 11 -6.57 -17.54 0.32
CA VAL A 11 -6.22 -18.00 1.65
C VAL A 11 -7.49 -18.55 2.21
N PRO A 12 -7.40 -19.57 3.05
CA PRO A 12 -8.65 -20.10 3.60
C PRO A 12 -9.38 -19.00 4.39
N GLU A 13 -10.68 -19.19 4.56
CA GLU A 13 -11.57 -18.27 5.26
C GLU A 13 -11.35 -18.20 6.78
N ARG A 14 -11.15 -19.34 7.41
CA ARG A 14 -10.94 -19.38 8.86
C ARG A 14 -9.62 -18.76 9.33
N VAL A 15 -9.75 -17.76 10.22
CA VAL A 15 -8.59 -17.07 10.77
C VAL A 15 -8.21 -17.63 12.15
N MET A 16 -6.93 -17.49 12.49
CA MET A 16 -6.45 -17.97 13.78
C MET A 16 -5.48 -16.95 14.38
N THR A 17 -5.96 -16.22 15.38
CA THR A 17 -5.20 -15.18 16.08
C THR A 17 -4.22 -15.77 17.08
N ASN A 18 -3.21 -14.98 17.43
CA ASN A 18 -2.22 -15.43 18.39
C ASN A 18 -2.98 -15.77 19.66
N ALA A 19 -4.07 -15.04 19.89
CA ALA A 19 -4.93 -15.27 21.05
C ALA A 19 -5.37 -16.74 21.03
N ASP A 20 -5.85 -17.17 19.86
CA ASP A 20 -6.30 -18.55 19.66
C ASP A 20 -5.24 -19.55 20.10
N PHE A 21 -3.98 -19.12 20.03
CA PHE A 21 -2.86 -19.96 20.42
C PHE A 21 -2.58 -19.83 21.92
N GLU A 22 -2.87 -18.66 22.49
CA GLU A 22 -2.66 -18.44 23.93
C GLU A 22 -3.72 -19.24 24.69
N ALA A 23 -4.80 -19.59 24.00
CA ALA A 23 -5.90 -20.34 24.58
C ALA A 23 -5.60 -21.81 24.92
N TYR A 24 -4.44 -22.32 24.52
CA TYR A 24 -4.12 -23.72 24.81
C TYR A 24 -2.63 -24.04 24.81
N LEU A 25 -1.79 -23.07 24.47
CA LEU A 25 -0.35 -23.29 24.43
C LEU A 25 0.49 -22.28 25.21
N ASP A 26 1.56 -22.78 25.80
CA ASP A 26 2.49 -21.98 26.60
C ASP A 26 3.14 -20.92 25.71
N THR A 27 2.38 -19.88 25.38
CA THR A 27 2.87 -18.80 24.54
C THR A 27 1.94 -17.58 24.60
N SER A 28 2.52 -16.40 24.36
CA SER A 28 1.78 -15.15 24.38
C SER A 28 1.70 -14.54 23.00
N ASP A 29 0.96 -13.45 22.89
CA ASP A 29 0.83 -12.76 21.62
C ASP A 29 2.13 -12.01 21.40
N GLU A 30 2.73 -11.54 22.49
CA GLU A 30 3.99 -10.81 22.38
C GLU A 30 5.11 -11.73 21.92
N TRP A 31 5.22 -12.89 22.55
CA TRP A 31 6.23 -13.87 22.20
C TRP A 31 6.22 -14.00 20.68
N ILE A 32 5.02 -14.19 20.16
CA ILE A 32 4.80 -14.35 18.73
C ILE A 32 5.07 -13.09 17.91
N VAL A 33 4.40 -11.99 18.24
CA VAL A 33 4.57 -10.74 17.49
C VAL A 33 6.00 -10.20 17.39
N THR A 34 6.82 -10.47 18.39
CA THR A 34 8.18 -9.97 18.35
C THR A 34 9.19 -11.01 17.87
N ARG A 35 8.86 -12.28 18.04
CA ARG A 35 9.76 -13.35 17.62
C ARG A 35 9.61 -13.71 16.13
N THR A 36 8.39 -13.56 15.61
CA THR A 36 8.10 -13.90 14.22
C THR A 36 7.44 -12.77 13.42
N GLY A 37 6.73 -11.90 14.14
CA GLY A 37 6.06 -10.78 13.52
C GLY A 37 4.64 -11.15 13.12
N ILE A 38 4.27 -12.40 13.35
CA ILE A 38 2.95 -12.86 12.97
C ILE A 38 1.85 -12.56 13.98
N LYS A 39 0.73 -12.05 13.48
CA LYS A 39 -0.43 -11.71 14.30
C LYS A 39 -1.58 -12.69 14.07
N GLU A 40 -1.78 -13.08 12.81
CA GLU A 40 -2.84 -14.03 12.46
C GLU A 40 -2.39 -14.82 11.25
N ARG A 41 -3.08 -15.92 10.99
CA ARG A 41 -2.82 -16.78 9.84
C ARG A 41 -4.14 -17.47 9.49
N ARG A 42 -4.26 -17.93 8.24
CA ARG A 42 -5.47 -18.60 7.78
C ARG A 42 -5.31 -20.11 7.86
N VAL A 43 -6.41 -20.83 8.09
CA VAL A 43 -6.37 -22.28 8.20
C VAL A 43 -7.45 -22.92 7.32
N ALA A 44 -7.04 -23.90 6.52
CA ALA A 44 -7.96 -24.58 5.60
C ALA A 44 -9.10 -25.27 6.31
N ALA A 45 -10.29 -25.23 5.71
CA ALA A 45 -11.43 -25.89 6.32
C ALA A 45 -11.12 -27.37 6.50
N GLU A 46 -11.91 -28.05 7.33
CA GLU A 46 -11.68 -29.46 7.63
C GLU A 46 -11.47 -30.34 6.41
N ASP A 47 -12.32 -30.17 5.40
CA ASP A 47 -12.21 -30.98 4.19
C ASP A 47 -11.68 -30.13 3.02
N GLU A 48 -10.76 -29.22 3.31
CA GLU A 48 -10.19 -28.38 2.27
C GLU A 48 -8.71 -28.69 2.19
N TYR A 49 -8.27 -29.29 1.08
CA TYR A 49 -6.85 -29.64 0.93
C TYR A 49 -6.04 -28.83 -0.05
N THR A 50 -4.76 -29.17 -0.18
CA THR A 50 -3.87 -28.44 -1.08
C THR A 50 -4.43 -28.24 -2.49
N SER A 51 -5.07 -29.27 -3.04
CA SER A 51 -5.64 -29.15 -4.37
C SER A 51 -6.75 -28.10 -4.38
N ASP A 52 -7.51 -28.03 -3.29
CA ASP A 52 -8.60 -27.06 -3.19
C ASP A 52 -8.02 -25.65 -3.13
N LEU A 53 -6.95 -25.49 -2.35
CA LEU A 53 -6.35 -24.19 -2.25
C LEU A 53 -5.84 -23.83 -3.66
N ALA A 54 -5.32 -24.82 -4.38
CA ALA A 54 -4.81 -24.60 -5.72
C ALA A 54 -5.96 -24.22 -6.67
N PHE A 55 -7.09 -24.94 -6.57
CA PHE A 55 -8.24 -24.63 -7.42
C PHE A 55 -8.69 -23.20 -7.16
N LYS A 56 -8.87 -22.86 -5.89
CA LYS A 56 -9.30 -21.52 -5.51
C LYS A 56 -8.36 -20.42 -5.96
N ALA A 57 -7.06 -20.68 -5.94
CA ALA A 57 -6.11 -19.66 -6.38
C ALA A 57 -6.27 -19.45 -7.88
N VAL A 58 -6.49 -20.53 -8.64
CA VAL A 58 -6.64 -20.35 -10.07
C VAL A 58 -7.98 -19.64 -10.40
N GLU A 59 -9.04 -19.93 -9.63
CA GLU A 59 -10.32 -19.25 -9.86
C GLU A 59 -10.15 -17.75 -9.68
N ASP A 60 -9.37 -17.37 -8.67
CA ASP A 60 -9.15 -15.96 -8.42
C ASP A 60 -8.41 -15.38 -9.64
N LEU A 61 -7.43 -16.13 -10.15
CA LEU A 61 -6.66 -15.73 -11.33
C LEU A 61 -7.63 -15.48 -12.49
N LEU A 62 -8.59 -16.39 -12.64
CA LEU A 62 -9.59 -16.28 -13.68
C LEU A 62 -10.58 -15.12 -13.47
N ARG A 63 -10.91 -14.79 -12.22
CA ARG A 63 -11.80 -13.66 -11.97
C ARG A 63 -11.10 -12.37 -12.40
N ARG A 64 -9.82 -12.26 -12.03
CA ARG A 64 -9.03 -11.07 -12.36
C ARG A 64 -8.57 -11.02 -13.83
N HIS A 65 -8.37 -12.19 -14.42
CA HIS A 65 -7.89 -12.27 -15.80
C HIS A 65 -8.67 -13.30 -16.61
N PRO A 66 -9.87 -12.94 -17.06
CA PRO A 66 -10.75 -13.80 -17.86
C PRO A 66 -10.05 -14.36 -19.10
N GLY A 67 -10.26 -15.66 -19.34
CA GLY A 67 -9.67 -16.33 -20.49
C GLY A 67 -8.17 -16.55 -20.44
N ALA A 68 -7.58 -16.36 -19.26
CA ALA A 68 -6.13 -16.52 -19.09
C ALA A 68 -5.57 -17.92 -19.30
N LEU A 69 -6.37 -18.96 -19.08
CA LEU A 69 -5.85 -20.32 -19.22
C LEU A 69 -5.81 -20.76 -20.67
N GLU A 70 -6.23 -19.87 -21.55
CA GLU A 70 -6.23 -20.16 -22.96
C GLU A 70 -4.78 -20.23 -23.41
N GLY A 71 -4.41 -21.35 -24.03
CA GLY A 71 -3.04 -21.50 -24.52
C GLY A 71 -2.11 -22.13 -23.51
N VAL A 72 -2.64 -22.46 -22.33
CA VAL A 72 -1.84 -23.08 -21.31
C VAL A 72 -1.62 -24.58 -21.58
N ASP A 73 -0.36 -24.97 -21.80
CA ASP A 73 -0.06 -26.37 -22.09
C ASP A 73 0.57 -27.09 -20.92
N ALA A 74 0.73 -26.42 -19.78
CA ALA A 74 1.38 -27.10 -18.67
C ALA A 74 1.01 -26.55 -17.31
N VAL A 75 0.82 -27.46 -16.37
CA VAL A 75 0.52 -27.07 -15.02
C VAL A 75 1.57 -27.65 -14.10
N ILE A 76 2.23 -26.77 -13.36
CA ILE A 76 3.23 -27.17 -12.40
C ILE A 76 2.74 -26.70 -11.04
N VAL A 77 2.60 -27.62 -10.10
CA VAL A 77 2.17 -27.22 -8.76
C VAL A 77 3.36 -27.32 -7.80
N ALA A 78 3.84 -26.19 -7.31
CA ALA A 78 4.93 -26.23 -6.36
C ALA A 78 4.25 -26.39 -5.01
N THR A 79 4.50 -27.52 -4.36
CA THR A 79 3.92 -27.80 -3.06
C THR A 79 4.80 -28.80 -2.32
N ASN A 80 4.55 -28.94 -1.03
CA ASN A 80 5.28 -29.90 -0.20
C ASN A 80 4.27 -30.68 0.62
N THR A 81 2.99 -30.43 0.35
CA THR A 81 1.91 -31.12 1.04
C THR A 81 0.86 -31.56 0.02
N PRO A 82 1.26 -32.30 -1.03
CA PRO A 82 0.28 -32.75 -2.04
C PRO A 82 -0.77 -33.70 -1.44
N ASP A 83 -1.97 -33.68 -2.02
CA ASP A 83 -3.04 -34.55 -1.56
C ASP A 83 -2.60 -36.00 -1.51
N ALA A 84 -1.93 -36.46 -2.56
CA ALA A 84 -1.45 -37.84 -2.62
C ALA A 84 -0.07 -37.93 -3.25
N LEU A 85 0.61 -39.07 -3.09
CA LEU A 85 1.93 -39.29 -3.71
C LEU A 85 1.64 -39.30 -5.22
N PHE A 86 0.47 -39.83 -5.55
CA PHE A 86 -0.05 -39.88 -6.91
C PHE A 86 -1.54 -40.19 -6.75
N PRO A 87 -2.37 -39.61 -7.61
CA PRO A 87 -1.99 -38.70 -8.69
C PRO A 87 -1.40 -37.39 -8.14
N ASP A 88 -0.65 -36.67 -8.97
CA ASP A 88 -0.10 -35.41 -8.50
C ASP A 88 -1.19 -34.34 -8.51
N THR A 89 -0.98 -33.32 -7.71
CA THR A 89 -1.93 -32.25 -7.60
C THR A 89 -2.05 -31.46 -8.90
N ALA A 90 -0.98 -31.40 -9.70
CA ALA A 90 -1.05 -30.65 -10.97
C ALA A 90 -2.04 -31.33 -11.90
N ALA A 91 -2.07 -32.65 -11.88
CA ALA A 91 -3.01 -33.37 -12.73
C ALA A 91 -4.46 -33.04 -12.30
N LEU A 92 -4.68 -32.89 -11.00
CA LEU A 92 -6.02 -32.56 -10.51
C LEU A 92 -6.42 -31.14 -10.98
N VAL A 93 -5.45 -30.23 -10.99
CA VAL A 93 -5.72 -28.85 -11.42
C VAL A 93 -6.00 -28.85 -12.92
N GLN A 94 -5.23 -29.61 -13.68
CA GLN A 94 -5.41 -29.71 -15.13
C GLN A 94 -6.84 -30.19 -15.46
N ALA A 95 -7.30 -31.20 -14.72
CA ALA A 95 -8.64 -31.76 -14.90
C ALA A 95 -9.72 -30.71 -14.58
N ARG A 96 -9.65 -30.17 -13.36
CA ARG A 96 -10.58 -29.16 -12.90
C ARG A 96 -10.83 -28.07 -13.92
N PHE A 97 -9.79 -27.57 -14.56
CA PHE A 97 -10.00 -26.53 -15.53
C PHE A 97 -10.05 -27.03 -16.97
N GLY A 98 -10.21 -28.35 -17.11
CA GLY A 98 -10.29 -28.96 -18.43
C GLY A 98 -9.26 -28.52 -19.46
N LEU A 99 -7.99 -28.51 -19.06
CA LEU A 99 -6.90 -28.11 -19.94
C LEU A 99 -6.26 -29.27 -20.71
N LYS A 100 -5.73 -28.96 -21.88
CA LYS A 100 -5.04 -29.94 -22.69
C LYS A 100 -3.62 -29.63 -22.24
N ALA A 101 -3.12 -30.32 -21.21
CA ALA A 101 -1.78 -29.98 -20.73
C ALA A 101 -1.05 -31.04 -19.94
N PHE A 102 0.28 -30.98 -19.95
CA PHE A 102 1.01 -31.96 -19.15
C PHE A 102 1.07 -31.36 -17.74
N ALA A 103 1.24 -32.20 -16.72
CA ALA A 103 1.21 -31.72 -15.35
C ALA A 103 2.08 -32.49 -14.36
N TYR A 104 2.65 -31.76 -13.41
CA TYR A 104 3.44 -32.41 -12.39
C TYR A 104 3.63 -31.54 -11.15
N ASP A 105 3.90 -32.19 -10.02
CA ASP A 105 4.17 -31.44 -8.77
C ASP A 105 5.67 -31.28 -8.63
N LEU A 106 6.09 -30.13 -8.13
CA LEU A 106 7.49 -29.85 -7.92
C LEU A 106 7.74 -29.70 -6.40
N LEU A 107 8.59 -30.56 -5.83
CA LEU A 107 8.90 -30.47 -4.40
C LEU A 107 10.32 -29.94 -4.19
N ALA A 108 10.42 -28.75 -3.63
CA ALA A 108 11.72 -28.12 -3.37
C ALA A 108 11.62 -27.16 -2.17
N GLY A 109 10.74 -27.47 -1.23
CA GLY A 109 10.61 -26.59 -0.09
C GLY A 109 9.95 -25.25 -0.41
N CSO A 110 10.13 -24.34 0.52
CA CSO A 110 9.54 -23.03 0.41
CB CSO A 110 10.03 -22.19 1.60
SG CSO A 110 9.28 -22.81 3.20
C CSO A 110 9.82 -22.34 -0.93
O CSO A 110 8.93 -21.70 -1.50
OD CSO A 110 10.24 -24.15 3.58
N PRO A 111 11.04 -22.47 -1.46
CA PRO A 111 11.41 -21.85 -2.75
C PRO A 111 10.79 -22.51 -4.00
N GLY A 112 9.96 -23.54 -3.80
CA GLY A 112 9.34 -24.24 -4.89
C GLY A 112 8.65 -23.43 -5.99
N TRP A 113 8.00 -22.34 -5.60
CA TRP A 113 7.28 -21.50 -6.57
C TRP A 113 8.21 -20.76 -7.53
N ILE A 114 9.30 -20.21 -6.99
CA ILE A 114 10.27 -19.51 -7.82
C ILE A 114 10.94 -20.56 -8.73
N TYR A 115 11.18 -21.74 -8.16
CA TYR A 115 11.75 -22.85 -8.91
C TYR A 115 10.78 -23.13 -10.08
N ALA A 116 9.49 -23.18 -9.79
CA ALA A 116 8.48 -23.44 -10.82
C ALA A 116 8.46 -22.33 -11.90
N LEU A 117 8.70 -21.09 -11.48
CA LEU A 117 8.69 -19.98 -12.42
C LEU A 117 9.85 -20.14 -13.38
N ALA A 118 11.00 -20.55 -12.83
CA ALA A 118 12.19 -20.75 -13.65
C ALA A 118 11.92 -21.90 -14.61
N GLN A 119 11.36 -22.98 -14.10
CA GLN A 119 11.04 -24.12 -14.95
C GLN A 119 10.02 -23.75 -16.04
N ALA A 120 9.05 -22.92 -15.66
CA ALA A 120 8.03 -22.47 -16.59
C ALA A 120 8.69 -21.65 -17.69
N HIS A 121 9.58 -20.76 -17.26
CA HIS A 121 10.33 -19.92 -18.18
C HIS A 121 11.05 -20.79 -19.23
N ALA A 122 11.80 -21.78 -18.75
CA ALA A 122 12.55 -22.68 -19.62
C ALA A 122 11.63 -23.37 -20.62
N LEU A 123 10.51 -23.89 -20.12
CA LEU A 123 9.52 -24.55 -20.97
C LEU A 123 9.02 -23.62 -22.09
N VAL A 124 8.65 -22.39 -21.74
CA VAL A 124 8.17 -21.44 -22.73
C VAL A 124 9.28 -21.07 -23.74
N GLU A 125 10.46 -20.78 -23.21
CA GLU A 125 11.60 -20.41 -24.02
C GLU A 125 12.11 -21.52 -24.93
N ALA A 126 12.03 -22.78 -24.47
CA ALA A 126 12.48 -23.91 -25.27
C ALA A 126 11.36 -24.34 -26.19
N GLY A 127 10.24 -23.66 -26.07
CA GLY A 127 9.11 -23.98 -26.92
C GLY A 127 8.38 -25.26 -26.58
N LEU A 128 8.56 -25.79 -25.37
CA LEU A 128 7.84 -27.03 -25.04
C LEU A 128 6.42 -26.70 -24.58
N ALA A 129 6.20 -25.45 -24.19
CA ALA A 129 4.86 -25.02 -23.76
C ALA A 129 4.70 -23.57 -24.18
N GLN A 130 3.48 -23.19 -24.58
CA GLN A 130 3.20 -21.82 -24.99
C GLN A 130 3.08 -20.97 -23.73
N LYS A 131 2.31 -21.49 -22.77
CA LYS A 131 2.09 -20.83 -21.50
C LYS A 131 2.09 -21.92 -20.45
N VAL A 132 2.43 -21.55 -19.22
CA VAL A 132 2.49 -22.50 -18.14
C VAL A 132 1.78 -21.95 -16.92
N LEU A 133 0.94 -22.78 -16.29
CA LEU A 133 0.25 -22.36 -15.08
C LEU A 133 1.13 -22.82 -13.92
N ALA A 134 1.76 -21.88 -13.23
CA ALA A 134 2.63 -22.19 -12.11
C ALA A 134 1.92 -21.90 -10.78
N VAL A 135 1.64 -22.95 -10.02
CA VAL A 135 0.91 -22.78 -8.76
C VAL A 135 1.77 -23.03 -7.53
N GLY A 136 1.62 -22.17 -6.52
CA GLY A 136 2.32 -22.34 -5.26
C GLY A 136 1.20 -22.59 -4.26
N ALA A 137 1.09 -23.81 -3.73
CA ALA A 137 0.01 -24.13 -2.80
C ALA A 137 0.42 -25.08 -1.67
N GLU A 138 0.10 -24.68 -0.44
CA GLU A 138 0.45 -25.43 0.78
C GLU A 138 -0.64 -25.51 1.84
N ALA A 139 -0.87 -26.72 2.37
CA ALA A 139 -1.84 -26.91 3.43
C ALA A 139 -1.01 -27.44 4.61
N LEU A 140 -0.16 -26.59 5.17
CA LEU A 140 0.70 -27.00 6.26
C LEU A 140 -0.07 -27.42 7.50
N SER A 141 -1.26 -26.86 7.68
CA SER A 141 -2.07 -27.21 8.84
C SER A 141 -2.42 -28.68 8.86
N LYS A 142 -1.98 -29.43 7.86
CA LYS A 142 -2.31 -30.85 7.80
C LYS A 142 -1.17 -31.75 8.25
N ILE A 143 0.04 -31.19 8.37
CA ILE A 143 1.21 -31.96 8.80
C ILE A 143 1.90 -31.27 9.98
N ILE A 144 1.29 -30.21 10.46
CA ILE A 144 1.84 -29.45 11.56
C ILE A 144 1.41 -30.05 12.89
N ASP A 145 2.34 -30.13 13.85
CA ASP A 145 2.00 -30.64 15.17
C ASP A 145 1.42 -29.46 15.94
N TRP A 146 0.10 -29.43 16.02
CA TRP A 146 -0.61 -28.36 16.71
C TRP A 146 -0.11 -28.03 18.12
N ASN A 147 0.52 -29.01 18.77
CA ASN A 147 1.03 -28.83 20.12
C ASN A 147 2.42 -28.23 20.19
N ASP A 148 3.25 -28.50 19.18
CA ASP A 148 4.61 -27.99 19.14
C ASP A 148 4.64 -26.46 19.06
N ARG A 149 5.01 -25.83 20.17
CA ARG A 149 5.10 -24.38 20.27
C ARG A 149 5.85 -23.74 19.09
N ALA A 150 7.03 -24.27 18.83
CA ALA A 150 7.90 -23.78 17.77
C ALA A 150 7.26 -23.65 16.40
N THR A 151 6.59 -24.71 15.95
CA THR A 151 5.94 -24.72 14.64
C THR A 151 4.58 -24.03 14.60
N ALA A 152 3.61 -24.65 15.27
CA ALA A 152 2.23 -24.19 15.35
C ALA A 152 1.95 -22.71 15.01
N VAL A 153 2.70 -21.80 15.59
CA VAL A 153 2.47 -20.39 15.36
C VAL A 153 3.09 -19.82 14.08
N LEU A 154 3.91 -20.62 13.40
CA LEU A 154 4.60 -20.16 12.20
C LEU A 154 3.91 -20.32 10.87
N PHE A 155 3.22 -21.42 10.67
CA PHE A 155 2.63 -21.66 9.37
C PHE A 155 1.16 -21.36 9.15
N GLY A 156 0.88 -20.84 7.95
CA GLY A 156 -0.47 -20.52 7.52
C GLY A 156 -0.70 -21.19 6.17
N ASP A 157 -1.96 -21.51 5.86
CA ASP A 157 -2.32 -22.17 4.59
C ASP A 157 -2.57 -21.18 3.47
N GLY A 158 -2.32 -21.60 2.22
CA GLY A 158 -2.56 -20.71 1.10
C GLY A 158 -2.35 -21.27 -0.28
N GLY A 159 -2.69 -20.47 -1.28
CA GLY A 159 -2.54 -20.85 -2.67
C GLY A 159 -2.35 -19.63 -3.54
N GLY A 160 -1.46 -19.75 -4.51
CA GLY A 160 -1.20 -18.66 -5.42
C GLY A 160 -0.96 -19.25 -6.79
N ALA A 161 -1.09 -18.44 -7.83
CA ALA A 161 -0.88 -18.94 -9.17
C ALA A 161 -0.57 -17.83 -10.16
N ALA A 162 0.16 -18.21 -11.19
CA ALA A 162 0.49 -17.24 -12.21
C ALA A 162 0.59 -17.99 -13.53
N VAL A 163 0.36 -17.28 -14.62
CA VAL A 163 0.49 -17.91 -15.91
C VAL A 163 1.76 -17.33 -16.48
N VAL A 164 2.69 -18.19 -16.90
CA VAL A 164 3.93 -17.69 -17.48
C VAL A 164 3.84 -17.85 -19.00
N GLY A 165 4.20 -16.80 -19.72
CA GLY A 165 4.15 -16.84 -21.18
C GLY A 165 4.98 -15.76 -21.84
N LYS A 166 4.99 -15.71 -23.18
CA LYS A 166 5.75 -14.69 -23.89
C LYS A 166 5.19 -13.32 -23.58
N VAL A 167 6.06 -12.36 -23.27
CA VAL A 167 5.62 -10.99 -23.01
C VAL A 167 6.34 -10.02 -23.96
N ARG A 168 5.82 -8.82 -24.08
CA ARG A 168 6.41 -7.83 -24.99
C ARG A 168 7.89 -7.56 -24.74
N GLU A 169 8.56 -7.13 -25.81
CA GLU A 169 9.98 -6.80 -25.80
C GLU A 169 10.24 -5.84 -24.63
N GLY A 170 11.21 -6.17 -23.80
CA GLY A 170 11.53 -5.31 -22.66
C GLY A 170 10.96 -5.77 -21.32
N TYR A 171 9.94 -6.62 -21.34
CA TYR A 171 9.35 -7.12 -20.10
C TYR A 171 9.62 -8.59 -19.86
N GLY A 172 9.35 -9.03 -18.63
CA GLY A 172 9.53 -10.42 -18.30
C GLY A 172 10.69 -10.73 -17.37
N PHE A 173 11.02 -12.02 -17.31
CA PHE A 173 12.11 -12.48 -16.46
C PHE A 173 13.48 -12.05 -16.98
N ARG A 174 14.29 -11.51 -16.07
CA ARG A 174 15.62 -11.04 -16.46
C ARG A 174 16.72 -11.92 -15.88
N SER A 175 16.41 -12.61 -14.79
CA SER A 175 17.39 -13.49 -14.17
C SER A 175 16.76 -14.44 -13.17
N PHE A 176 17.52 -15.47 -12.84
CA PHE A 176 17.12 -16.49 -11.87
C PHE A 176 18.40 -16.95 -11.18
N VAL A 177 18.32 -17.10 -9.86
CA VAL A 177 19.42 -17.61 -9.08
C VAL A 177 18.73 -18.70 -8.29
N LEU A 178 19.17 -19.94 -8.50
CA LEU A 178 18.58 -21.08 -7.81
C LEU A 178 19.66 -21.95 -7.21
N GLY A 179 19.39 -22.53 -6.05
CA GLY A 179 20.39 -23.37 -5.42
C GLY A 179 19.88 -24.30 -4.34
N ALA A 180 20.71 -25.27 -3.97
CA ALA A 180 20.36 -26.24 -2.96
C ALA A 180 21.60 -26.70 -2.20
N ASP A 181 21.36 -27.26 -1.02
CA ASP A 181 22.43 -27.79 -0.21
C ASP A 181 21.82 -28.77 0.77
N GLY A 182 21.78 -30.04 0.35
CA GLY A 182 21.20 -31.09 1.16
C GLY A 182 21.94 -31.51 2.41
N THR A 183 23.18 -31.02 2.59
CA THR A 183 23.93 -31.38 3.80
C THR A 183 23.19 -30.74 4.99
N GLY A 184 22.33 -29.77 4.67
CA GLY A 184 21.55 -29.09 5.68
C GLY A 184 20.12 -29.59 5.62
N ALA A 185 19.99 -30.89 5.39
CA ALA A 185 18.68 -31.54 5.31
C ALA A 185 18.09 -31.80 6.70
N LYS A 186 18.99 -31.94 7.69
CA LYS A 186 18.58 -32.19 9.08
C LYS A 186 17.99 -30.95 9.77
N GLU A 187 18.24 -29.78 9.19
CA GLU A 187 17.78 -28.50 9.73
C GLU A 187 16.28 -28.21 9.57
N LEU A 188 15.65 -28.87 8.62
CA LEU A 188 14.22 -28.68 8.36
C LEU A 188 13.73 -29.88 7.54
N TYR A 189 12.69 -30.56 8.05
CA TYR A 189 12.16 -31.73 7.37
C TYR A 189 10.87 -32.33 7.97
N HIS A 190 10.34 -33.32 7.25
CA HIS A 190 9.16 -34.09 7.62
C HIS A 190 9.21 -35.31 6.70
N ALA A 191 9.59 -36.45 7.27
CA ALA A 191 9.70 -37.68 6.49
C ALA A 191 8.46 -38.00 5.67
N CYS A 192 8.57 -39.02 4.83
CA CYS A 192 7.47 -39.50 3.99
C CYS A 192 7.60 -41.00 3.82
N VAL A 193 8.66 -41.44 3.16
CA VAL A 193 8.90 -42.86 2.94
C VAL A 193 10.16 -43.37 3.66
N ALA A 194 11.05 -42.44 4.06
CA ALA A 194 12.30 -42.80 4.77
C ALA A 194 12.27 -42.30 6.22
N PRO A 195 12.82 -43.10 7.16
CA PRO A 195 12.88 -42.76 8.60
C PRO A 195 14.11 -41.97 9.03
N ARG A 196 15.10 -41.84 8.15
CA ARG A 196 16.33 -41.10 8.46
C ARG A 196 16.90 -40.42 7.22
N LEU A 197 17.83 -39.50 7.43
CA LEU A 197 18.47 -38.80 6.32
C LEU A 197 19.85 -39.42 6.04
N PRO A 198 20.44 -39.07 4.88
CA PRO A 198 21.75 -39.58 4.46
C PRO A 198 22.88 -39.41 5.47
N ASP A 199 22.79 -38.39 6.34
CA ASP A 199 23.84 -38.18 7.35
C ASP A 199 23.56 -39.00 8.61
N GLY A 200 22.34 -39.53 8.71
CA GLY A 200 21.97 -40.33 9.87
C GLY A 200 20.88 -39.71 10.72
N THR A 201 20.60 -38.42 10.51
CA THR A 201 19.58 -37.72 11.28
C THR A 201 18.21 -38.41 11.11
N SER A 202 17.75 -39.04 12.18
CA SER A 202 16.47 -39.74 12.14
C SER A 202 15.32 -38.75 12.03
N MET A 203 14.21 -39.20 11.42
CA MET A 203 13.03 -38.35 11.24
C MET A 203 11.81 -38.93 11.99
N LYS A 204 11.00 -38.04 12.55
CA LYS A 204 9.79 -38.44 13.29
C LYS A 204 8.57 -38.08 12.43
N ASN A 205 7.38 -38.55 12.83
CA ASN A 205 6.16 -38.30 12.08
C ASN A 205 5.62 -36.85 12.11
N ARG A 206 6.47 -35.89 12.45
CA ARG A 206 6.04 -34.49 12.50
C ARG A 206 7.07 -33.49 12.00
N LEU A 207 6.57 -32.32 11.62
CA LEU A 207 7.41 -31.25 11.10
C LEU A 207 8.44 -30.80 12.14
N TYR A 208 9.72 -30.83 11.76
CA TYR A 208 10.81 -30.42 12.64
C TYR A 208 11.61 -29.25 12.05
N MET A 209 12.05 -28.33 12.90
CA MET A 209 12.83 -27.17 12.45
C MET A 209 13.89 -26.68 13.44
N ASN A 210 15.10 -26.46 12.93
CA ASN A 210 16.23 -25.96 13.70
C ASN A 210 16.24 -24.46 13.37
N GLY A 211 15.31 -23.72 13.96
CA GLY A 211 15.21 -22.29 13.72
C GLY A 211 16.48 -21.45 13.73
N ARG A 212 17.33 -21.65 14.72
CA ARG A 212 18.56 -20.88 14.86
C ARG A 212 19.47 -20.91 13.64
N GLU A 213 19.65 -22.09 13.05
CA GLU A 213 20.49 -22.22 11.87
C GLU A 213 19.73 -21.75 10.65
N VAL A 214 18.44 -22.05 10.60
CA VAL A 214 17.58 -21.64 9.50
C VAL A 214 17.58 -20.11 9.38
N PHE A 215 17.67 -19.44 10.53
CA PHE A 215 17.71 -17.98 10.59
C PHE A 215 19.01 -17.49 9.98
N LYS A 216 20.11 -18.08 10.43
CA LYS A 216 21.45 -17.75 9.96
C LYS A 216 21.51 -17.91 8.42
N PHE A 217 20.90 -19.00 7.94
CA PHE A 217 20.83 -19.34 6.51
C PHE A 217 20.05 -18.30 5.69
N ALA A 218 18.77 -18.14 6.02
CA ALA A 218 17.89 -17.20 5.33
C ALA A 218 18.58 -15.87 5.12
N VAL A 219 19.00 -15.27 6.23
CA VAL A 219 19.66 -13.97 6.23
C VAL A 219 20.79 -13.84 5.20
N ARG A 220 21.77 -14.76 5.26
CA ARG A 220 22.89 -14.72 4.33
C ARG A 220 22.51 -15.09 2.91
N VAL A 221 21.70 -16.13 2.78
CA VAL A 221 21.28 -16.56 1.45
C VAL A 221 20.42 -15.48 0.79
N MET A 222 19.34 -15.09 1.47
CA MET A 222 18.44 -14.08 0.91
C MET A 222 19.22 -12.90 0.36
N ASN A 223 20.25 -12.48 1.09
CA ASN A 223 21.04 -11.35 0.68
C ASN A 223 21.93 -11.59 -0.55
N THR A 224 22.72 -12.67 -0.52
CA THR A 224 23.61 -13.00 -1.64
C THR A 224 22.81 -13.18 -2.93
N ALA A 225 21.82 -14.07 -2.85
CA ALA A 225 20.95 -14.39 -3.98
C ALA A 225 20.38 -13.13 -4.60
N THR A 226 19.80 -12.29 -3.74
CA THR A 226 19.19 -11.05 -4.19
C THR A 226 20.15 -10.21 -5.02
N LEU A 227 21.34 -9.98 -4.47
CA LEU A 227 22.32 -9.17 -5.19
C LEU A 227 22.78 -9.86 -6.47
N GLU A 228 22.99 -11.18 -6.36
CA GLU A 228 23.42 -11.99 -7.50
C GLU A 228 22.38 -11.88 -8.62
N ALA A 229 21.12 -12.02 -8.24
CA ALA A 229 20.03 -11.92 -9.20
C ALA A 229 19.97 -10.53 -9.81
N ILE A 230 19.94 -9.50 -8.95
CA ILE A 230 19.87 -8.14 -9.47
C ILE A 230 21.06 -7.94 -10.40
N GLU A 231 22.22 -8.40 -9.95
CA GLU A 231 23.41 -8.27 -10.75
C GLU A 231 23.25 -9.07 -12.03
N LYS A 232 22.85 -10.34 -11.94
CA LYS A 232 22.72 -11.15 -13.14
C LYS A 232 21.69 -10.53 -14.10
N ALA A 233 20.73 -9.79 -13.54
CA ALA A 233 19.68 -9.14 -14.32
C ALA A 233 20.15 -7.91 -15.08
N GLY A 234 21.32 -7.38 -14.74
CA GLY A 234 21.82 -6.19 -15.41
C GLY A 234 21.26 -4.90 -14.81
N LEU A 235 21.06 -4.91 -13.49
CA LEU A 235 20.53 -3.76 -12.79
C LEU A 235 21.29 -3.60 -11.47
N THR A 236 20.75 -2.75 -10.60
CA THR A 236 21.33 -2.50 -9.29
C THR A 236 20.13 -2.34 -8.38
N PRO A 237 20.33 -2.50 -7.06
CA PRO A 237 19.23 -2.37 -6.10
C PRO A 237 18.33 -1.15 -6.36
N GLU A 238 18.94 -0.05 -6.76
CA GLU A 238 18.22 1.18 -7.03
C GLU A 238 17.26 1.05 -8.20
N ASP A 239 17.42 -0.01 -8.98
CA ASP A 239 16.54 -0.22 -10.12
C ASP A 239 15.30 -1.04 -9.71
N ILE A 240 15.35 -1.62 -8.51
CA ILE A 240 14.25 -2.44 -8.02
C ILE A 240 13.14 -1.66 -7.33
N ARG A 241 11.94 -1.69 -7.94
CA ARG A 241 10.74 -1.03 -7.42
C ARG A 241 10.22 -1.68 -6.13
N LEU A 242 10.23 -3.01 -6.07
CA LEU A 242 9.77 -3.69 -4.87
C LEU A 242 10.42 -5.05 -4.71
N PHE A 243 10.85 -5.34 -3.48
CA PHE A 243 11.48 -6.62 -3.15
C PHE A 243 10.40 -7.43 -2.51
N VAL A 244 10.22 -8.66 -2.99
CA VAL A 244 9.20 -9.55 -2.46
C VAL A 244 9.89 -10.82 -2.00
N PRO A 245 10.06 -10.93 -0.68
CA PRO A 245 10.72 -12.09 -0.08
C PRO A 245 9.74 -13.12 0.43
N HIS A 246 10.27 -14.31 0.70
CA HIS A 246 9.46 -15.37 1.26
C HIS A 246 8.97 -14.78 2.58
N GLN A 247 7.70 -14.98 2.91
CA GLN A 247 7.15 -14.44 4.16
C GLN A 247 7.23 -15.49 5.25
N ALA A 248 8.42 -15.70 5.79
CA ALA A 248 8.60 -16.69 6.84
C ALA A 248 8.72 -16.05 8.23
N ASN A 249 9.49 -14.97 8.30
CA ASN A 249 9.73 -14.27 9.55
C ASN A 249 10.09 -12.80 9.33
N LEU A 250 9.41 -11.92 10.05
CA LEU A 250 9.64 -10.49 9.92
C LEU A 250 11.08 -10.09 10.29
N ARG A 251 11.63 -10.69 11.34
CA ARG A 251 13.00 -10.37 11.74
C ARG A 251 13.95 -10.67 10.58
N ILE A 252 13.72 -11.81 9.95
CA ILE A 252 14.52 -12.27 8.82
C ILE A 252 14.40 -11.31 7.64
N ILE A 253 13.17 -10.88 7.36
CA ILE A 253 12.90 -9.96 6.26
C ILE A 253 13.56 -8.63 6.61
N ASP A 254 13.37 -8.24 7.86
CA ASP A 254 13.92 -7.01 8.41
C ASP A 254 15.43 -7.04 8.25
N ALA A 255 16.03 -8.04 8.89
CA ALA A 255 17.46 -8.25 8.87
C ALA A 255 18.05 -8.26 7.47
N ALA A 256 17.29 -8.79 6.51
CA ALA A 256 17.76 -8.86 5.12
C ALA A 256 17.61 -7.54 4.37
N ARG A 257 16.62 -6.75 4.76
CA ARG A 257 16.37 -5.46 4.12
C ARG A 257 17.50 -4.51 4.49
N GLU A 258 17.74 -4.42 5.80
CA GLU A 258 18.79 -3.58 6.33
C GLU A 258 20.07 -3.91 5.56
N ARG A 259 20.46 -5.17 5.58
CA ARG A 259 21.66 -5.61 4.87
C ARG A 259 21.67 -5.18 3.39
N LEU A 260 20.59 -4.54 2.93
CA LEU A 260 20.52 -4.11 1.53
C LEU A 260 20.27 -2.61 1.37
N GLY A 261 20.21 -1.89 2.49
CA GLY A 261 19.97 -0.46 2.44
C GLY A 261 18.61 -0.17 1.81
N LEU A 262 17.57 -0.74 2.42
CA LEU A 262 16.21 -0.59 1.90
C LEU A 262 15.16 -0.11 2.90
N PRO A 263 14.24 0.74 2.42
CA PRO A 263 13.12 1.30 3.19
C PRO A 263 11.95 0.32 3.10
N TRP A 264 11.20 0.16 4.19
CA TRP A 264 10.07 -0.77 4.20
C TRP A 264 9.08 -0.61 3.05
N GLU A 265 9.11 0.54 2.41
CA GLU A 265 8.22 0.86 1.29
C GLU A 265 8.55 0.05 0.03
N ARG A 266 9.80 -0.40 -0.07
CA ARG A 266 10.25 -1.18 -1.22
C ARG A 266 10.36 -2.66 -0.87
N VAL A 267 9.63 -3.08 0.16
CA VAL A 267 9.61 -4.46 0.62
C VAL A 267 8.18 -4.87 0.91
N ALA A 268 7.78 -6.03 0.37
CA ALA A 268 6.43 -6.55 0.55
C ALA A 268 6.30 -7.38 1.82
N VAL A 269 5.25 -7.13 2.59
CA VAL A 269 5.02 -7.89 3.82
C VAL A 269 3.56 -8.26 4.01
N ASN A 270 3.33 -9.44 4.57
CA ASN A 270 1.98 -9.89 4.85
C ASN A 270 2.08 -11.08 5.80
N VAL A 271 3.31 -11.45 6.17
CA VAL A 271 3.53 -12.57 7.07
C VAL A 271 2.77 -12.33 8.38
N ASP A 272 2.45 -11.06 8.63
CA ASP A 272 1.73 -10.65 9.81
C ASP A 272 0.27 -11.10 9.78
N ARG A 273 -0.30 -11.19 8.57
CA ARG A 273 -1.68 -11.58 8.40
C ARG A 273 -1.92 -13.02 7.93
N TYR A 274 -0.91 -13.63 7.33
CA TYR A 274 -1.10 -15.00 6.84
C TYR A 274 -0.10 -16.04 7.35
N GLY A 275 0.93 -15.58 8.07
CA GLY A 275 1.92 -16.52 8.56
C GLY A 275 2.78 -16.99 7.40
N ASN A 276 3.48 -18.11 7.60
CA ASN A 276 4.34 -18.65 6.55
C ASN A 276 3.52 -19.60 5.68
N THR A 277 3.13 -19.15 4.49
CA THR A 277 2.36 -19.99 3.58
C THR A 277 3.24 -20.73 2.58
N SER A 278 4.53 -20.82 2.89
CA SER A 278 5.46 -21.55 2.06
C SER A 278 5.46 -21.11 0.61
N THR A 279 5.27 -22.06 -0.30
CA THR A 279 5.26 -21.74 -1.73
C THR A 279 4.23 -20.70 -2.16
N ALA A 280 3.14 -20.54 -1.41
CA ALA A 280 2.11 -19.56 -1.76
C ALA A 280 2.48 -18.16 -1.30
N SER A 281 3.51 -18.08 -0.47
CA SER A 281 3.96 -16.84 0.12
C SER A 281 4.16 -15.66 -0.84
N ILE A 282 5.03 -15.85 -1.81
CA ILE A 282 5.32 -14.80 -2.77
C ILE A 282 4.14 -14.46 -3.67
N PRO A 283 3.42 -15.48 -4.19
CA PRO A 283 2.31 -15.05 -5.03
C PRO A 283 1.23 -14.29 -4.24
N LEU A 284 1.01 -14.66 -2.98
CA LEU A 284 0.04 -13.96 -2.12
C LEU A 284 0.45 -12.50 -1.97
N ALA A 285 1.75 -12.28 -1.80
CA ALA A 285 2.30 -10.93 -1.65
C ALA A 285 2.24 -10.14 -2.95
N LEU A 286 2.63 -10.74 -4.06
CA LEU A 286 2.59 -10.03 -5.34
C LEU A 286 1.19 -9.53 -5.64
N LYS A 287 0.19 -10.36 -5.33
CA LYS A 287 -1.21 -10.00 -5.58
C LYS A 287 -1.58 -8.71 -4.86
N GLU A 288 -1.24 -8.62 -3.56
CA GLU A 288 -1.54 -7.40 -2.80
C GLU A 288 -0.81 -6.17 -3.38
N ALA A 289 0.46 -6.36 -3.74
CA ALA A 289 1.25 -5.29 -4.30
C ALA A 289 0.68 -4.82 -5.64
N VAL A 290 0.23 -5.75 -6.46
CA VAL A 290 -0.34 -5.37 -7.73
C VAL A 290 -1.58 -4.53 -7.48
N ASP A 291 -2.45 -5.04 -6.61
CA ASP A 291 -3.69 -4.35 -6.29
C ASP A 291 -3.53 -3.01 -5.58
N ALA A 292 -2.42 -2.80 -4.88
CA ALA A 292 -2.17 -1.54 -4.19
C ALA A 292 -1.51 -0.59 -5.16
N GLY A 293 -1.05 -1.13 -6.27
CA GLY A 293 -0.38 -0.34 -7.29
C GLY A 293 1.09 -0.16 -7.02
N ARG A 294 1.63 -0.91 -6.06
CA ARG A 294 3.04 -0.84 -5.72
C ARG A 294 3.84 -1.56 -6.79
N ILE A 295 3.15 -2.41 -7.54
CA ILE A 295 3.77 -3.12 -8.64
C ILE A 295 2.94 -2.70 -9.82
N ARG A 296 3.61 -2.29 -10.90
CA ARG A 296 2.91 -1.86 -12.10
C ARG A 296 3.70 -2.24 -13.33
N GLU A 297 3.02 -2.34 -14.46
CA GLU A 297 3.67 -2.69 -15.69
C GLU A 297 4.90 -1.83 -15.82
N GLY A 298 6.05 -2.46 -16.08
CA GLY A 298 7.28 -1.73 -16.23
C GLY A 298 8.24 -1.74 -15.04
N ASP A 299 7.74 -2.08 -13.85
CA ASP A 299 8.58 -2.12 -12.65
C ASP A 299 9.49 -3.34 -12.61
N HIS A 300 10.60 -3.20 -11.89
CA HIS A 300 11.53 -4.31 -11.74
C HIS A 300 11.26 -4.88 -10.36
N VAL A 301 10.79 -6.12 -10.32
CA VAL A 301 10.48 -6.76 -9.06
C VAL A 301 11.46 -7.89 -8.76
N LEU A 302 11.86 -7.99 -7.50
CA LEU A 302 12.76 -9.05 -7.11
C LEU A 302 12.04 -9.99 -6.19
N LEU A 303 12.20 -11.28 -6.48
CA LEU A 303 11.59 -12.34 -5.69
C LEU A 303 12.76 -13.14 -5.12
N VAL A 304 12.63 -13.57 -3.87
CA VAL A 304 13.69 -14.32 -3.24
C VAL A 304 13.08 -15.22 -2.16
N SER A 305 13.61 -16.43 -2.02
CA SER A 305 13.10 -17.37 -1.02
C SER A 305 14.16 -18.38 -0.57
N PHE A 306 13.95 -18.93 0.62
CA PHE A 306 14.86 -19.90 1.23
C PHE A 306 13.95 -20.94 1.87
N GLY A 307 14.49 -22.11 2.18
CA GLY A 307 13.66 -23.12 2.80
C GLY A 307 14.31 -24.48 2.95
N ALA A 308 13.48 -25.49 3.21
CA ALA A 308 13.97 -26.86 3.38
C ALA A 308 14.70 -27.34 2.14
N GLY A 309 15.72 -28.18 2.39
CA GLY A 309 16.52 -28.73 1.31
C GLY A 309 17.90 -29.05 1.82
N LEU A 310 18.70 -28.03 2.13
CA LEU A 310 18.29 -26.63 2.01
C LEU A 310 18.19 -26.17 0.55
N THR A 311 17.29 -25.22 0.32
CA THR A 311 17.01 -24.66 -0.99
C THR A 311 16.83 -23.15 -0.88
N TRP A 312 17.19 -22.46 -1.94
CA TRP A 312 17.04 -21.01 -2.00
C TRP A 312 16.91 -20.62 -3.46
N ALA A 313 16.25 -19.49 -3.72
CA ALA A 313 16.06 -19.03 -5.07
C ALA A 313 15.70 -17.55 -5.09
N ALA A 314 15.95 -16.91 -6.22
CA ALA A 314 15.68 -15.50 -6.39
C ALA A 314 15.50 -15.21 -7.87
N ALA A 315 14.65 -14.22 -8.18
CA ALA A 315 14.41 -13.84 -9.55
C ALA A 315 14.11 -12.35 -9.72
N VAL A 316 14.44 -11.83 -10.89
CA VAL A 316 14.19 -10.45 -11.22
C VAL A 316 13.29 -10.51 -12.45
N LEU A 317 12.14 -9.84 -12.33
CA LEU A 317 11.11 -9.81 -13.35
C LEU A 317 10.65 -8.39 -13.60
N THR A 318 10.65 -7.97 -14.85
CA THR A 318 10.16 -6.65 -15.22
C THR A 318 8.67 -6.89 -15.44
N TRP A 319 7.86 -6.42 -14.49
CA TRP A 319 6.40 -6.62 -14.51
C TRP A 319 5.63 -6.23 -15.78
N GLY A 320 4.55 -6.94 -16.03
CA GLY A 320 3.73 -6.64 -17.19
C GLY A 320 4.23 -7.15 -18.52
N GLY A 321 3.98 -6.36 -19.56
CA GLY A 321 4.37 -6.73 -20.89
C GLY A 321 3.33 -7.67 -21.48
N ALA A 322 2.29 -7.94 -20.69
CA ALA A 322 1.22 -8.86 -21.10
C ALA A 322 0.72 -8.53 -22.48
N SER B 2 19.42 -30.68 -26.89
CA SER B 2 20.18 -31.42 -25.84
C SER B 2 20.08 -32.92 -26.10
N GLY B 3 20.96 -33.67 -25.46
CA GLY B 3 20.97 -35.11 -25.60
C GLY B 3 21.39 -35.76 -24.29
N ILE B 4 21.53 -37.07 -24.30
CA ILE B 4 21.95 -37.77 -23.10
C ILE B 4 23.45 -37.99 -23.15
N LEU B 5 24.14 -37.36 -22.21
CA LEU B 5 25.59 -37.44 -22.10
C LEU B 5 26.09 -38.68 -21.36
N ALA B 6 25.34 -39.10 -20.34
CA ALA B 6 25.72 -40.24 -19.52
C ALA B 6 24.47 -40.98 -19.07
N LEU B 7 24.64 -42.24 -18.71
CA LEU B 7 23.53 -43.08 -18.27
C LEU B 7 24.00 -44.08 -17.24
N GLY B 8 23.15 -44.35 -16.24
CA GLY B 8 23.48 -45.32 -15.19
C GLY B 8 22.21 -45.83 -14.54
N ALA B 9 22.24 -47.02 -13.95
CA ALA B 9 21.05 -47.55 -13.31
C ALA B 9 21.42 -48.58 -12.27
N TYR B 10 20.45 -48.99 -11.46
CA TYR B 10 20.72 -49.93 -10.41
C TYR B 10 19.43 -50.57 -9.90
N VAL B 11 19.53 -51.82 -9.45
CA VAL B 11 18.39 -52.50 -8.85
C VAL B 11 18.96 -53.18 -7.62
N PRO B 12 18.21 -53.19 -6.53
CA PRO B 12 18.65 -53.81 -5.27
C PRO B 12 18.98 -55.29 -5.49
N GLU B 13 19.79 -55.82 -4.58
CA GLU B 13 20.23 -57.20 -4.63
C GLU B 13 19.17 -58.26 -4.36
N ARG B 14 18.33 -58.06 -3.33
CA ARG B 14 17.33 -59.07 -3.01
C ARG B 14 16.31 -59.36 -4.10
N VAL B 15 16.19 -60.63 -4.46
CA VAL B 15 15.26 -61.08 -5.48
C VAL B 15 14.03 -61.70 -4.87
N MET B 16 12.89 -61.42 -5.47
CA MET B 16 11.64 -62.01 -5.03
C MET B 16 11.03 -62.68 -6.24
N THR B 17 10.95 -64.01 -6.16
CA THR B 17 10.39 -64.84 -7.21
C THR B 17 8.89 -64.99 -7.01
N ASN B 18 8.18 -65.42 -8.04
CA ASN B 18 6.75 -65.63 -7.88
C ASN B 18 6.53 -66.69 -6.79
N ALA B 19 7.47 -67.61 -6.65
CA ALA B 19 7.36 -68.65 -5.63
C ALA B 19 7.41 -68.05 -4.22
N ASP B 20 8.17 -66.97 -4.05
CA ASP B 20 8.26 -66.33 -2.74
C ASP B 20 6.88 -65.77 -2.38
N PHE B 21 6.06 -65.52 -3.40
CA PHE B 21 4.73 -64.99 -3.17
C PHE B 21 3.76 -66.11 -2.88
N GLU B 22 4.02 -67.27 -3.49
CA GLU B 22 3.19 -68.45 -3.29
C GLU B 22 3.38 -68.94 -1.86
N ALA B 23 4.59 -68.73 -1.34
CA ALA B 23 4.92 -69.15 0.00
C ALA B 23 4.12 -68.43 1.08
N TYR B 24 3.15 -67.63 0.68
CA TYR B 24 2.35 -66.92 1.66
C TYR B 24 1.12 -66.21 1.06
N LEU B 25 0.85 -66.40 -0.22
CA LEU B 25 -0.28 -65.73 -0.86
C LEU B 25 -1.17 -66.62 -1.72
N ASP B 26 -2.44 -66.27 -1.78
CA ASP B 26 -3.39 -67.01 -2.59
C ASP B 26 -3.13 -66.66 -4.04
N THR B 27 -2.11 -67.28 -4.60
CA THR B 27 -1.73 -67.02 -5.99
C THR B 27 -0.81 -68.12 -6.50
N SER B 28 -0.58 -68.14 -7.81
CA SER B 28 0.31 -69.14 -8.37
C SER B 28 1.27 -68.45 -9.32
N ASP B 29 2.42 -69.08 -9.56
CA ASP B 29 3.40 -68.54 -10.49
C ASP B 29 2.68 -68.30 -11.82
N GLU B 30 1.94 -69.30 -12.25
CA GLU B 30 1.20 -69.26 -13.52
C GLU B 30 0.26 -68.07 -13.68
N TRP B 31 -0.46 -67.72 -12.60
CA TRP B 31 -1.38 -66.60 -12.67
C TRP B 31 -0.60 -65.31 -12.86
N ILE B 32 0.52 -65.22 -12.14
CA ILE B 32 1.39 -64.05 -12.20
C ILE B 32 2.05 -63.89 -13.58
N VAL B 33 2.67 -64.94 -14.08
CA VAL B 33 3.34 -64.87 -15.37
C VAL B 33 2.39 -64.64 -16.54
N THR B 34 1.24 -65.29 -16.52
CA THR B 34 0.30 -65.11 -17.63
C THR B 34 -0.36 -63.74 -17.61
N ARG B 35 -0.68 -63.25 -16.42
CA ARG B 35 -1.31 -61.94 -16.27
C ARG B 35 -0.39 -60.75 -16.50
N THR B 36 0.89 -60.88 -16.12
CA THR B 36 1.85 -59.77 -16.27
C THR B 36 3.22 -60.02 -16.92
N GLY B 37 3.68 -61.26 -16.95
CA GLY B 37 4.97 -61.56 -17.53
C GLY B 37 6.06 -61.49 -16.48
N ILE B 38 5.73 -60.98 -15.29
CA ILE B 38 6.70 -60.87 -14.20
C ILE B 38 7.09 -62.20 -13.58
N LYS B 39 8.37 -62.50 -13.58
CA LYS B 39 8.89 -63.73 -12.98
C LYS B 39 9.66 -63.38 -11.71
N GLU B 40 10.29 -62.20 -11.71
CA GLU B 40 11.06 -61.73 -10.57
C GLU B 40 11.00 -60.21 -10.49
N ARG B 41 11.43 -59.68 -9.35
CA ARG B 41 11.50 -58.25 -9.11
C ARG B 41 12.50 -58.08 -7.96
N ARG B 42 13.10 -56.90 -7.85
CA ARG B 42 14.07 -56.66 -6.79
C ARG B 42 13.45 -55.84 -5.69
N VAL B 43 13.89 -56.06 -4.46
CA VAL B 43 13.34 -55.32 -3.33
C VAL B 43 14.48 -54.65 -2.61
N ALA B 44 14.30 -53.38 -2.29
CA ALA B 44 15.33 -52.62 -1.58
C ALA B 44 15.56 -53.19 -0.16
N ALA B 45 16.79 -53.06 0.34
CA ALA B 45 17.10 -53.54 1.69
C ALA B 45 16.34 -52.68 2.69
N GLU B 46 16.15 -53.21 3.89
CA GLU B 46 15.41 -52.48 4.92
C GLU B 46 15.96 -51.09 5.23
N ASP B 47 17.24 -50.89 4.98
CA ASP B 47 17.91 -49.60 5.22
C ASP B 47 18.24 -48.91 3.90
N GLU B 48 17.51 -49.26 2.86
CA GLU B 48 17.76 -48.70 1.54
C GLU B 48 16.47 -48.06 1.03
N TYR B 49 16.51 -46.76 0.81
CA TYR B 49 15.34 -46.06 0.31
C TYR B 49 15.57 -45.44 -1.07
N THR B 50 14.59 -44.69 -1.55
CA THR B 50 14.68 -44.06 -2.86
C THR B 50 15.98 -43.28 -3.06
N SER B 51 16.33 -42.45 -2.08
CA SER B 51 17.57 -41.68 -2.20
C SER B 51 18.75 -42.62 -2.46
N ASP B 52 18.79 -43.73 -1.73
CA ASP B 52 19.87 -44.69 -1.87
C ASP B 52 19.91 -45.32 -3.24
N LEU B 53 18.73 -45.56 -3.81
CA LEU B 53 18.64 -46.16 -5.13
C LEU B 53 19.16 -45.14 -6.13
N ALA B 54 18.88 -43.88 -5.88
CA ALA B 54 19.33 -42.83 -6.75
C ALA B 54 20.86 -42.71 -6.68
N PHE B 55 21.42 -42.76 -5.47
CA PHE B 55 22.88 -42.67 -5.33
C PHE B 55 23.55 -43.78 -6.14
N LYS B 56 23.07 -45.00 -5.93
CA LYS B 56 23.59 -46.15 -6.63
C LYS B 56 23.51 -45.99 -8.15
N ALA B 57 22.42 -45.42 -8.65
CA ALA B 57 22.24 -45.21 -10.08
C ALA B 57 23.26 -44.21 -10.61
N VAL B 58 23.48 -43.15 -9.83
CA VAL B 58 24.44 -42.11 -10.17
C VAL B 58 25.87 -42.70 -10.08
N GLU B 59 26.11 -43.52 -9.06
CA GLU B 59 27.41 -44.16 -8.91
C GLU B 59 27.69 -45.03 -10.14
N ASP B 60 26.68 -45.74 -10.62
CA ASP B 60 26.86 -46.56 -11.82
C ASP B 60 27.22 -45.68 -13.02
N LEU B 61 26.49 -44.57 -13.14
CA LEU B 61 26.70 -43.64 -14.22
C LEU B 61 28.13 -43.09 -14.19
N LEU B 62 28.64 -42.81 -13.00
CA LEU B 62 30.00 -42.27 -12.88
C LEU B 62 31.05 -43.31 -13.27
N ARG B 63 30.73 -44.56 -12.98
CA ARG B 63 31.62 -45.66 -13.27
C ARG B 63 31.73 -45.86 -14.79
N ARG B 64 30.61 -45.60 -15.47
CA ARG B 64 30.56 -45.75 -16.92
C ARG B 64 31.08 -44.49 -17.63
N HIS B 65 30.87 -43.34 -17.00
CA HIS B 65 31.29 -42.05 -17.56
C HIS B 65 31.96 -41.23 -16.46
N PRO B 66 33.22 -41.55 -16.12
CA PRO B 66 33.85 -40.76 -15.06
C PRO B 66 33.87 -39.27 -15.42
N GLY B 67 33.64 -38.41 -14.43
CA GLY B 67 33.63 -36.97 -14.72
C GLY B 67 32.41 -36.45 -15.51
N ALA B 68 31.26 -37.12 -15.40
CA ALA B 68 30.05 -36.70 -16.09
C ALA B 68 29.24 -35.66 -15.32
N LEU B 69 29.43 -35.59 -14.00
CA LEU B 69 28.71 -34.62 -13.19
C LEU B 69 29.35 -33.25 -13.36
N GLU B 70 30.49 -33.24 -14.04
CA GLU B 70 31.18 -31.98 -14.29
C GLU B 70 30.27 -31.14 -15.19
N GLY B 71 29.88 -29.97 -14.70
CA GLY B 71 29.02 -29.09 -15.47
C GLY B 71 27.53 -29.24 -15.14
N VAL B 72 27.24 -30.14 -14.19
CA VAL B 72 25.86 -30.37 -13.79
C VAL B 72 25.41 -29.22 -12.88
N ASP B 73 24.44 -28.44 -13.37
CA ASP B 73 23.90 -27.30 -12.63
C ASP B 73 22.59 -27.60 -11.95
N ALA B 74 22.02 -28.76 -12.23
CA ALA B 74 20.74 -29.07 -11.61
C ALA B 74 20.50 -30.56 -11.50
N VAL B 75 19.75 -30.92 -10.45
CA VAL B 75 19.39 -32.30 -10.20
C VAL B 75 17.88 -32.41 -10.11
N ILE B 76 17.28 -33.27 -10.93
CA ILE B 76 15.84 -33.50 -10.89
C ILE B 76 15.61 -34.98 -10.59
N VAL B 77 14.86 -35.26 -9.54
CA VAL B 77 14.57 -36.64 -9.19
C VAL B 77 13.09 -36.92 -9.38
N ALA B 78 12.80 -37.70 -10.42
CA ALA B 78 11.45 -38.12 -10.74
C ALA B 78 11.14 -39.34 -9.86
N THR B 79 10.16 -39.21 -8.98
CA THR B 79 9.84 -40.31 -8.07
C THR B 79 8.44 -40.06 -7.51
N ASN B 80 7.87 -41.09 -6.91
CA ASN B 80 6.56 -41.00 -6.30
C ASN B 80 6.65 -41.59 -4.90
N THR B 81 7.88 -41.90 -4.49
CA THR B 81 8.16 -42.45 -3.17
C THR B 81 9.37 -41.74 -2.57
N PRO B 82 9.27 -40.41 -2.40
CA PRO B 82 10.40 -39.65 -1.83
C PRO B 82 10.61 -39.99 -0.35
N ASP B 83 11.86 -39.91 0.10
CA ASP B 83 12.22 -40.18 1.49
C ASP B 83 11.40 -39.26 2.40
N ALA B 84 11.24 -38.02 1.97
CA ALA B 84 10.50 -37.03 2.76
C ALA B 84 9.77 -36.02 1.86
N LEU B 85 8.83 -35.29 2.46
CA LEU B 85 8.09 -34.25 1.74
C LEU B 85 9.08 -33.09 1.54
N PHE B 86 10.03 -33.02 2.48
CA PHE B 86 11.12 -32.05 2.50
C PHE B 86 12.07 -32.50 3.62
N PRO B 87 13.39 -32.46 3.38
CA PRO B 87 14.07 -32.04 2.15
C PRO B 87 13.68 -32.93 0.95
N ASP B 88 13.81 -32.39 -0.25
CA ASP B 88 13.50 -33.19 -1.43
C ASP B 88 14.68 -34.13 -1.69
N THR B 89 14.39 -35.26 -2.30
CA THR B 89 15.40 -36.26 -2.60
C THR B 89 16.51 -35.74 -3.50
N ALA B 90 16.18 -34.91 -4.48
CA ALA B 90 17.17 -34.34 -5.38
C ALA B 90 18.26 -33.57 -4.64
N ALA B 91 17.92 -33.00 -3.49
CA ALA B 91 18.89 -32.21 -2.69
C ALA B 91 19.84 -33.17 -2.01
N LEU B 92 19.32 -34.30 -1.57
CA LEU B 92 20.15 -35.31 -0.95
C LEU B 92 21.14 -35.80 -2.00
N VAL B 93 20.67 -35.93 -3.24
CA VAL B 93 21.55 -36.39 -4.31
C VAL B 93 22.61 -35.33 -4.58
N GLN B 94 22.17 -34.08 -4.61
CA GLN B 94 23.05 -32.94 -4.85
C GLN B 94 24.20 -32.86 -3.85
N ALA B 95 23.89 -33.10 -2.58
CA ALA B 95 24.88 -33.05 -1.50
C ALA B 95 25.80 -34.27 -1.56
N ARG B 96 25.20 -35.46 -1.71
CA ARG B 96 25.96 -36.69 -1.79
C ARG B 96 27.10 -36.60 -2.81
N PHE B 97 26.89 -35.92 -3.92
CA PHE B 97 27.95 -35.83 -4.92
C PHE B 97 28.63 -34.47 -4.98
N GLY B 98 28.41 -33.67 -3.93
CA GLY B 98 29.03 -32.36 -3.87
C GLY B 98 28.80 -31.51 -5.10
N LEU B 99 27.59 -31.53 -5.62
CA LEU B 99 27.27 -30.76 -6.80
C LEU B 99 26.94 -29.34 -6.40
N LYS B 100 27.24 -28.41 -7.30
CA LYS B 100 26.91 -27.01 -7.08
C LYS B 100 25.70 -26.88 -8.00
N ALA B 101 24.50 -27.04 -7.46
CA ALA B 101 23.33 -26.97 -8.30
C ALA B 101 22.01 -26.86 -7.56
N PHE B 102 20.97 -26.48 -8.29
CA PHE B 102 19.66 -26.41 -7.69
C PHE B 102 19.04 -27.81 -7.85
N ALA B 103 18.09 -28.14 -6.98
CA ALA B 103 17.49 -29.45 -7.02
C ALA B 103 16.02 -29.52 -6.60
N TYR B 104 15.31 -30.49 -7.18
CA TYR B 104 13.91 -30.71 -6.86
C TYR B 104 13.38 -32.07 -7.31
N ASP B 105 12.38 -32.55 -6.61
CA ASP B 105 11.74 -33.79 -6.96
C ASP B 105 10.56 -33.49 -7.89
N LEU B 106 10.39 -34.35 -8.90
CA LEU B 106 9.29 -34.19 -9.85
C LEU B 106 8.31 -35.35 -9.67
N LEU B 107 7.05 -35.03 -9.40
CA LEU B 107 6.02 -36.04 -9.20
C LEU B 107 5.02 -36.02 -10.35
N ALA B 108 5.02 -37.08 -11.15
CA ALA B 108 4.13 -37.19 -12.29
C ALA B 108 3.84 -38.65 -12.62
N GLY B 109 3.77 -39.50 -11.59
CA GLY B 109 3.51 -40.91 -11.78
C GLY B 109 4.62 -41.65 -12.52
N CSO B 110 4.28 -42.74 -13.18
CA CSO B 110 5.26 -43.55 -13.91
CB CSO B 110 4.60 -44.79 -14.51
SG CSO B 110 4.16 -46.02 -13.23
C CSO B 110 6.05 -42.80 -15.00
O CSO B 110 7.22 -43.07 -15.22
OD CSO B 110 2.76 -45.44 -12.69
N PRO B 111 5.41 -41.85 -15.70
CA PRO B 111 6.09 -41.09 -16.76
C PRO B 111 7.06 -40.04 -16.23
N GLY B 112 7.14 -39.92 -14.91
CA GLY B 112 8.00 -38.92 -14.31
C GLY B 112 9.39 -38.75 -14.91
N TRP B 113 10.07 -39.84 -15.23
CA TRP B 113 11.41 -39.70 -15.78
C TRP B 113 11.39 -39.01 -17.15
N ILE B 114 10.45 -39.37 -18.03
CA ILE B 114 10.42 -38.72 -19.34
C ILE B 114 10.08 -37.26 -19.14
N TYR B 115 9.18 -36.99 -18.19
CA TYR B 115 8.84 -35.60 -17.85
C TYR B 115 10.13 -34.88 -17.46
N ALA B 116 10.96 -35.52 -16.61
CA ALA B 116 12.23 -34.92 -16.16
C ALA B 116 13.21 -34.68 -17.30
N LEU B 117 13.25 -35.59 -18.27
CA LEU B 117 14.13 -35.41 -19.43
C LEU B 117 13.71 -34.14 -20.15
N ALA B 118 12.40 -33.99 -20.40
CA ALA B 118 11.85 -32.81 -21.07
C ALA B 118 12.13 -31.50 -20.29
N GLN B 119 11.90 -31.47 -18.97
CA GLN B 119 12.19 -30.26 -18.20
C GLN B 119 13.69 -29.96 -18.30
N ALA B 120 14.50 -31.03 -18.21
CA ALA B 120 15.96 -30.92 -18.27
C ALA B 120 16.38 -30.33 -19.61
N HIS B 121 15.81 -30.87 -20.69
CA HIS B 121 16.10 -30.41 -22.03
C HIS B 121 15.80 -28.92 -22.08
N ALA B 122 14.69 -28.52 -21.47
CA ALA B 122 14.27 -27.12 -21.43
C ALA B 122 15.26 -26.24 -20.65
N LEU B 123 15.72 -26.70 -19.50
CA LEU B 123 16.70 -25.93 -18.71
C LEU B 123 18.00 -25.73 -19.49
N VAL B 124 18.38 -26.74 -20.25
CA VAL B 124 19.60 -26.66 -21.04
C VAL B 124 19.42 -25.68 -22.19
N GLU B 125 18.40 -25.88 -23.01
CA GLU B 125 18.14 -25.00 -24.15
C GLU B 125 17.85 -23.56 -23.77
N ALA B 126 17.21 -23.36 -22.61
CA ALA B 126 16.89 -22.03 -22.15
C ALA B 126 18.07 -21.36 -21.45
N GLY B 127 19.14 -22.11 -21.23
CA GLY B 127 20.32 -21.56 -20.59
C GLY B 127 20.29 -21.41 -19.08
N LEU B 128 19.40 -22.12 -18.40
CA LEU B 128 19.35 -22.04 -16.94
C LEU B 128 20.25 -23.11 -16.34
N ALA B 129 20.69 -24.04 -17.18
CA ALA B 129 21.57 -25.11 -16.73
C ALA B 129 22.46 -25.55 -17.87
N GLN B 130 23.73 -25.81 -17.56
CA GLN B 130 24.63 -26.27 -18.60
C GLN B 130 24.34 -27.77 -18.81
N LYS B 131 24.19 -28.48 -17.69
CA LYS B 131 23.89 -29.91 -17.71
C LYS B 131 22.96 -30.21 -16.55
N VAL B 132 22.13 -31.23 -16.71
CA VAL B 132 21.19 -31.60 -15.67
C VAL B 132 21.25 -33.10 -15.39
N LEU B 133 21.25 -33.45 -14.12
CA LEU B 133 21.25 -34.84 -13.70
C LEU B 133 19.77 -35.19 -13.51
N ALA B 134 19.24 -36.06 -14.38
CA ALA B 134 17.83 -36.46 -14.29
C ALA B 134 17.71 -37.92 -13.83
N VAL B 135 17.21 -38.08 -12.61
CA VAL B 135 17.07 -39.39 -11.99
C VAL B 135 15.63 -39.89 -11.96
N GLY B 136 15.49 -41.21 -12.06
CA GLY B 136 14.20 -41.87 -11.97
C GLY B 136 14.43 -42.98 -10.96
N ALA B 137 13.94 -42.80 -9.73
CA ALA B 137 14.15 -43.80 -8.67
C ALA B 137 12.86 -44.03 -7.89
N GLU B 138 12.61 -45.28 -7.52
CA GLU B 138 11.38 -45.65 -6.85
C GLU B 138 11.57 -46.83 -5.89
N ALA B 139 11.15 -46.63 -4.65
CA ALA B 139 11.24 -47.68 -3.64
C ALA B 139 9.82 -48.06 -3.26
N LEU B 140 9.07 -48.53 -4.26
CA LEU B 140 7.69 -48.94 -4.10
C LEU B 140 7.47 -49.96 -2.98
N SER B 141 8.49 -50.76 -2.68
CA SER B 141 8.39 -51.78 -1.64
C SER B 141 8.07 -51.20 -0.26
N LYS B 142 8.38 -49.92 -0.08
CA LYS B 142 8.14 -49.24 1.18
C LYS B 142 6.68 -48.86 1.38
N ILE B 143 5.93 -48.73 0.29
CA ILE B 143 4.53 -48.34 0.41
C ILE B 143 3.56 -49.42 -0.06
N ILE B 144 4.10 -50.54 -0.54
CA ILE B 144 3.24 -51.60 -1.03
C ILE B 144 2.57 -52.38 0.10
N ASP B 145 1.38 -52.92 -0.18
CA ASP B 145 0.65 -53.73 0.77
C ASP B 145 0.92 -55.19 0.39
N TRP B 146 1.91 -55.78 1.03
CA TRP B 146 2.31 -57.15 0.77
C TRP B 146 1.20 -58.19 0.76
N ASN B 147 0.12 -57.93 1.49
CA ASN B 147 -0.98 -58.89 1.58
C ASN B 147 -2.05 -58.70 0.50
N ASP B 148 -1.77 -57.87 -0.49
CA ASP B 148 -2.72 -57.60 -1.58
C ASP B 148 -2.34 -58.30 -2.89
N ARG B 149 -2.77 -59.54 -3.06
CA ARG B 149 -2.46 -60.34 -4.24
C ARG B 149 -2.54 -59.62 -5.59
N ALA B 150 -3.35 -58.57 -5.68
CA ALA B 150 -3.52 -57.86 -6.94
C ALA B 150 -2.59 -56.68 -7.20
N THR B 151 -1.74 -56.35 -6.24
CA THR B 151 -0.81 -55.25 -6.42
C THR B 151 0.59 -55.66 -5.98
N ALA B 152 0.67 -56.36 -4.85
CA ALA B 152 1.94 -56.79 -4.28
C ALA B 152 2.88 -57.52 -5.25
N VAL B 153 2.37 -58.08 -6.33
CA VAL B 153 3.21 -58.81 -7.26
C VAL B 153 3.58 -58.03 -8.51
N LEU B 154 3.08 -56.80 -8.62
CA LEU B 154 3.31 -55.98 -9.80
C LEU B 154 4.52 -55.05 -9.82
N PHE B 155 5.05 -54.72 -8.64
CA PHE B 155 6.14 -53.75 -8.59
C PHE B 155 7.53 -54.21 -8.16
N GLY B 156 8.51 -53.43 -8.58
CA GLY B 156 9.90 -53.71 -8.21
C GLY B 156 10.55 -52.39 -7.84
N ASP B 157 11.66 -52.43 -7.12
CA ASP B 157 12.38 -51.23 -6.74
C ASP B 157 13.52 -51.04 -7.71
N GLY B 158 13.99 -49.80 -7.85
CA GLY B 158 15.10 -49.54 -8.75
C GLY B 158 15.37 -48.08 -9.01
N GLY B 159 16.53 -47.79 -9.58
CA GLY B 159 16.89 -46.43 -9.89
C GLY B 159 17.58 -46.31 -11.23
N GLY B 160 17.51 -45.12 -11.82
CA GLY B 160 18.16 -44.89 -13.11
C GLY B 160 18.51 -43.42 -13.17
N ALA B 161 19.47 -43.08 -14.00
CA ALA B 161 19.89 -41.69 -14.10
C ALA B 161 20.58 -41.37 -15.42
N ALA B 162 20.49 -40.12 -15.83
CA ALA B 162 21.15 -39.67 -17.05
C ALA B 162 21.58 -38.24 -16.87
N VAL B 163 22.57 -37.84 -17.63
CA VAL B 163 23.00 -36.46 -17.58
C VAL B 163 22.54 -35.93 -18.92
N VAL B 164 21.86 -34.79 -18.87
CA VAL B 164 21.36 -34.14 -20.07
C VAL B 164 22.19 -32.89 -20.33
N GLY B 165 22.64 -32.72 -21.56
CA GLY B 165 23.43 -31.56 -21.92
C GLY B 165 23.56 -31.41 -23.43
N LYS B 166 24.34 -30.44 -23.87
CA LYS B 166 24.52 -30.19 -25.29
C LYS B 166 25.22 -31.35 -25.96
N VAL B 167 24.69 -31.76 -27.10
CA VAL B 167 25.28 -32.83 -27.91
C VAL B 167 25.51 -32.30 -29.32
N ARG B 168 26.46 -32.91 -30.02
CA ARG B 168 26.79 -32.48 -31.38
C ARG B 168 25.54 -32.44 -32.24
N GLU B 169 25.57 -31.59 -33.26
CA GLU B 169 24.43 -31.44 -34.16
C GLU B 169 24.02 -32.77 -34.78
N GLY B 170 22.71 -33.01 -34.83
CA GLY B 170 22.22 -34.25 -35.40
C GLY B 170 21.88 -35.29 -34.33
N TYR B 171 22.21 -34.98 -33.08
CA TYR B 171 21.92 -35.90 -31.98
C TYR B 171 21.08 -35.23 -30.93
N GLY B 172 20.58 -36.02 -29.99
CA GLY B 172 19.77 -35.48 -28.91
C GLY B 172 18.29 -35.68 -29.08
N PHE B 173 17.51 -34.99 -28.27
CA PHE B 173 16.05 -35.11 -28.35
C PHE B 173 15.51 -34.45 -29.59
N ARG B 174 14.59 -35.12 -30.25
CA ARG B 174 14.00 -34.57 -31.45
C ARG B 174 12.56 -34.21 -31.16
N SER B 175 11.98 -34.86 -30.15
CA SER B 175 10.60 -34.56 -29.78
C SER B 175 10.16 -35.08 -28.42
N PHE B 176 9.15 -34.41 -27.88
CA PHE B 176 8.58 -34.77 -26.60
C PHE B 176 7.07 -34.68 -26.72
N VAL B 177 6.35 -35.62 -26.12
CA VAL B 177 4.89 -35.58 -26.12
C VAL B 177 4.55 -35.85 -24.66
N LEU B 178 3.91 -34.88 -24.00
CA LEU B 178 3.55 -35.03 -22.58
C LEU B 178 2.08 -34.70 -22.37
N GLY B 179 1.43 -35.44 -21.47
CA GLY B 179 0.03 -35.20 -21.21
C GLY B 179 -0.49 -35.68 -19.87
N ALA B 180 -1.68 -35.20 -19.50
CA ALA B 180 -2.27 -35.59 -18.23
C ALA B 180 -3.78 -35.48 -18.30
N ASP B 181 -4.44 -36.34 -17.53
CA ASP B 181 -5.90 -36.36 -17.43
C ASP B 181 -6.19 -36.70 -15.97
N GLY B 182 -6.26 -35.65 -15.15
CA GLY B 182 -6.51 -35.83 -13.72
C GLY B 182 -7.85 -36.42 -13.34
N THR B 183 -8.76 -36.52 -14.30
CA THR B 183 -10.08 -37.09 -14.05
C THR B 183 -9.93 -38.60 -13.87
N GLY B 184 -8.73 -39.09 -14.17
CA GLY B 184 -8.44 -40.51 -14.03
C GLY B 184 -7.76 -40.75 -12.69
N ALA B 185 -7.93 -39.78 -11.79
CA ALA B 185 -7.37 -39.83 -10.45
C ALA B 185 -7.78 -41.07 -9.66
N LYS B 186 -9.07 -41.39 -9.68
CA LYS B 186 -9.59 -42.55 -8.96
C LYS B 186 -9.11 -43.91 -9.50
N GLU B 187 -8.56 -43.89 -10.72
CA GLU B 187 -8.06 -45.12 -11.36
C GLU B 187 -6.78 -45.67 -10.76
N LEU B 188 -5.96 -44.79 -10.20
CA LEU B 188 -4.68 -45.19 -9.60
C LEU B 188 -4.23 -44.11 -8.63
N TYR B 189 -4.03 -44.47 -7.37
CA TYR B 189 -3.63 -43.49 -6.38
C TYR B 189 -3.00 -44.03 -5.09
N HIS B 190 -2.58 -43.09 -4.23
CA HIS B 190 -1.99 -43.37 -2.93
C HIS B 190 -1.92 -42.03 -2.20
N ALA B 191 -2.87 -41.82 -1.29
CA ALA B 191 -2.98 -40.58 -0.52
C ALA B 191 -1.69 -40.19 0.20
N CYS B 192 -1.57 -38.90 0.51
CA CYS B 192 -0.40 -38.39 1.21
C CYS B 192 -0.80 -37.42 2.32
N VAL B 193 -1.75 -36.52 2.02
CA VAL B 193 -2.21 -35.55 3.00
C VAL B 193 -3.73 -35.50 3.06
N ALA B 194 -4.39 -35.93 1.97
CA ALA B 194 -5.85 -35.94 1.90
C ALA B 194 -6.45 -37.35 1.88
N PRO B 195 -7.66 -37.52 2.46
CA PRO B 195 -8.32 -38.83 2.49
C PRO B 195 -9.28 -39.01 1.32
N ARG B 196 -9.38 -38.00 0.45
CA ARG B 196 -10.26 -38.07 -0.69
C ARG B 196 -9.75 -37.29 -1.91
N LEU B 197 -10.14 -37.74 -3.09
CA LEU B 197 -9.75 -37.08 -4.33
C LEU B 197 -10.83 -36.07 -4.70
N PRO B 198 -10.47 -35.05 -5.49
CA PRO B 198 -11.41 -34.01 -5.92
C PRO B 198 -12.77 -34.54 -6.36
N ASP B 199 -12.79 -35.57 -7.20
CA ASP B 199 -14.07 -36.11 -7.67
C ASP B 199 -14.84 -36.84 -6.56
N GLY B 200 -14.27 -36.87 -5.36
CA GLY B 200 -14.93 -37.52 -4.24
C GLY B 200 -14.50 -38.94 -3.94
N THR B 201 -13.68 -39.53 -4.81
CA THR B 201 -13.22 -40.89 -4.61
C THR B 201 -12.44 -41.05 -3.30
N SER B 202 -13.05 -41.72 -2.34
CA SER B 202 -12.40 -41.96 -1.06
C SER B 202 -11.15 -42.79 -1.28
N MET B 203 -10.04 -42.41 -0.66
CA MET B 203 -8.79 -43.14 -0.81
C MET B 203 -8.52 -44.04 0.40
N LYS B 204 -8.17 -45.30 0.12
CA LYS B 204 -7.84 -46.23 1.20
C LYS B 204 -6.49 -45.81 1.76
N ASN B 205 -6.06 -46.41 2.87
CA ASN B 205 -4.79 -46.06 3.48
C ASN B 205 -3.59 -46.36 2.58
N ARG B 206 -3.68 -47.43 1.78
CA ARG B 206 -2.60 -47.82 0.88
C ARG B 206 -2.98 -47.68 -0.59
N LEU B 207 -2.09 -48.11 -1.45
CA LEU B 207 -2.27 -48.03 -2.91
C LEU B 207 -3.44 -48.83 -3.46
N TYR B 208 -4.27 -48.17 -4.25
CA TYR B 208 -5.41 -48.79 -4.92
C TYR B 208 -5.14 -48.71 -6.42
N MET B 209 -5.67 -49.67 -7.19
CA MET B 209 -5.47 -49.64 -8.65
C MET B 209 -6.49 -50.41 -9.48
N ASN B 210 -7.32 -49.67 -10.21
CA ASN B 210 -8.33 -50.24 -11.09
C ASN B 210 -7.55 -50.79 -12.29
N GLY B 211 -7.21 -52.07 -12.25
CA GLY B 211 -6.44 -52.68 -13.31
C GLY B 211 -7.00 -52.69 -14.74
N ARG B 212 -8.30 -52.91 -14.88
CA ARG B 212 -8.93 -52.96 -16.20
C ARG B 212 -8.82 -51.65 -16.96
N GLU B 213 -9.06 -50.55 -16.26
CA GLU B 213 -8.98 -49.23 -16.87
C GLU B 213 -7.55 -48.87 -17.25
N VAL B 214 -6.65 -48.93 -16.27
CA VAL B 214 -5.25 -48.61 -16.50
C VAL B 214 -4.67 -49.40 -17.68
N PHE B 215 -5.29 -50.54 -18.00
CA PHE B 215 -4.84 -51.38 -19.12
C PHE B 215 -5.34 -50.79 -20.45
N LYS B 216 -6.65 -50.64 -20.57
CA LYS B 216 -7.23 -50.08 -21.80
C LYS B 216 -6.51 -48.78 -22.17
N PHE B 217 -6.46 -47.86 -21.21
CA PHE B 217 -5.81 -46.56 -21.34
C PHE B 217 -4.37 -46.72 -21.81
N ALA B 218 -3.64 -47.62 -21.16
CA ALA B 218 -2.24 -47.85 -21.48
C ALA B 218 -1.99 -48.19 -22.95
N VAL B 219 -2.62 -49.25 -23.45
CA VAL B 219 -2.39 -49.64 -24.84
C VAL B 219 -2.81 -48.54 -25.78
N ARG B 220 -3.85 -47.83 -25.38
CA ARG B 220 -4.37 -46.75 -26.19
C ARG B 220 -3.38 -45.58 -26.29
N VAL B 221 -3.10 -44.94 -25.16
CA VAL B 221 -2.19 -43.80 -25.17
C VAL B 221 -0.79 -44.15 -25.68
N MET B 222 -0.31 -45.33 -25.34
CA MET B 222 1.02 -45.76 -25.76
C MET B 222 1.25 -45.60 -27.25
N ASN B 223 0.31 -46.09 -28.04
CA ASN B 223 0.42 -46.02 -29.49
C ASN B 223 0.27 -44.60 -29.97
N THR B 224 -0.80 -43.96 -29.52
CA THR B 224 -1.05 -42.59 -29.95
C THR B 224 0.12 -41.68 -29.61
N ALA B 225 0.57 -41.74 -28.37
CA ALA B 225 1.71 -40.93 -27.94
C ALA B 225 2.96 -41.30 -28.76
N THR B 226 3.19 -42.59 -28.93
CA THR B 226 4.35 -43.04 -29.70
C THR B 226 4.33 -42.51 -31.14
N LEU B 227 3.21 -42.71 -31.83
CA LEU B 227 3.10 -42.26 -33.22
C LEU B 227 3.25 -40.74 -33.30
N GLU B 228 2.66 -40.04 -32.35
CA GLU B 228 2.73 -38.59 -32.30
C GLU B 228 4.20 -38.16 -32.13
N ALA B 229 4.88 -38.77 -31.16
CA ALA B 229 6.29 -38.45 -30.92
C ALA B 229 7.11 -38.71 -32.18
N ILE B 230 6.90 -39.86 -32.83
CA ILE B 230 7.66 -40.18 -34.03
C ILE B 230 7.43 -39.16 -35.14
N GLU B 231 6.16 -38.79 -35.33
CA GLU B 231 5.79 -37.81 -36.34
C GLU B 231 6.37 -36.42 -35.95
N LYS B 232 6.19 -36.04 -34.70
CA LYS B 232 6.70 -34.77 -34.22
C LYS B 232 8.22 -34.65 -34.46
N ALA B 233 8.93 -35.77 -34.42
CA ALA B 233 10.36 -35.74 -34.64
C ALA B 233 10.70 -35.69 -36.13
N GLY B 234 9.67 -35.79 -36.97
CA GLY B 234 9.89 -35.76 -38.41
C GLY B 234 10.48 -37.05 -38.93
N LEU B 235 9.98 -38.17 -38.40
CA LEU B 235 10.44 -39.50 -38.77
C LEU B 235 9.22 -40.40 -38.89
N THR B 236 9.48 -41.66 -39.25
CA THR B 236 8.41 -42.64 -39.36
C THR B 236 8.82 -43.85 -38.52
N PRO B 237 7.86 -44.62 -38.03
CA PRO B 237 8.17 -45.79 -37.22
C PRO B 237 9.38 -46.59 -37.71
N GLU B 238 9.51 -46.73 -39.03
CA GLU B 238 10.60 -47.49 -39.65
C GLU B 238 12.00 -46.95 -39.28
N ASP B 239 12.07 -45.67 -38.92
CA ASP B 239 13.34 -45.02 -38.55
C ASP B 239 13.79 -45.31 -37.13
N ILE B 240 12.92 -45.89 -36.32
CA ILE B 240 13.28 -46.16 -34.95
C ILE B 240 14.04 -47.46 -34.77
N ARG B 241 15.18 -47.39 -34.07
CA ARG B 241 15.96 -48.61 -33.85
C ARG B 241 15.42 -49.40 -32.67
N LEU B 242 15.01 -48.70 -31.60
CA LEU B 242 14.51 -49.41 -30.45
C LEU B 242 13.37 -48.68 -29.79
N PHE B 243 12.36 -49.43 -29.40
CA PHE B 243 11.24 -48.85 -28.71
C PHE B 243 11.43 -49.23 -27.27
N VAL B 244 11.43 -48.23 -26.40
CA VAL B 244 11.63 -48.49 -24.97
C VAL B 244 10.46 -47.96 -24.17
N PRO B 245 9.45 -48.80 -23.96
CA PRO B 245 8.24 -48.47 -23.22
C PRO B 245 8.40 -48.71 -21.74
N HIS B 246 7.54 -48.07 -20.95
CA HIS B 246 7.54 -48.25 -19.51
C HIS B 246 7.30 -49.75 -19.26
N GLN B 247 7.98 -50.35 -18.29
CA GLN B 247 7.87 -51.79 -18.02
C GLN B 247 6.86 -52.16 -16.92
N ALA B 248 5.57 -52.15 -17.26
CA ALA B 248 4.53 -52.47 -16.27
C ALA B 248 3.89 -53.82 -16.44
N ASN B 249 3.68 -54.21 -17.70
CA ASN B 249 3.01 -55.45 -18.01
C ASN B 249 3.39 -55.91 -19.42
N LEU B 250 3.91 -57.14 -19.50
CA LEU B 250 4.30 -57.70 -20.78
C LEU B 250 3.13 -57.80 -21.77
N ARG B 251 1.91 -57.94 -21.25
CA ARG B 251 0.75 -58.04 -22.13
C ARG B 251 0.51 -56.68 -22.80
N ILE B 252 0.48 -55.62 -21.99
CA ILE B 252 0.29 -54.27 -22.52
C ILE B 252 1.36 -53.97 -23.56
N ILE B 253 2.60 -54.36 -23.21
CA ILE B 253 3.77 -54.17 -24.07
C ILE B 253 3.60 -54.94 -25.37
N ASP B 254 3.24 -56.21 -25.24
CA ASP B 254 3.02 -57.05 -26.40
C ASP B 254 1.85 -56.50 -27.22
N ALA B 255 0.79 -56.07 -26.52
CA ALA B 255 -0.38 -55.50 -27.19
C ALA B 255 0.01 -54.29 -28.03
N ALA B 256 0.71 -53.34 -27.39
CA ALA B 256 1.15 -52.12 -28.07
C ALA B 256 2.08 -52.45 -29.24
N ARG B 257 3.00 -53.39 -28.99
CA ARG B 257 3.97 -53.82 -29.98
C ARG B 257 3.32 -54.21 -31.30
N GLU B 258 2.34 -55.10 -31.21
CA GLU B 258 1.64 -55.56 -32.41
C GLU B 258 0.92 -54.40 -33.06
N ARG B 259 0.25 -53.58 -32.26
CA ARG B 259 -0.47 -52.42 -32.77
C ARG B 259 0.42 -51.62 -33.74
N LEU B 260 1.73 -51.59 -33.46
CA LEU B 260 2.66 -50.86 -34.32
C LEU B 260 3.31 -51.78 -35.34
N GLY B 261 2.98 -53.06 -35.29
CA GLY B 261 3.56 -54.03 -36.22
C GLY B 261 5.06 -54.21 -36.04
N LEU B 262 5.49 -54.31 -34.80
CA LEU B 262 6.92 -54.45 -34.50
C LEU B 262 7.34 -55.81 -34.00
N PRO B 263 8.51 -56.28 -34.45
CA PRO B 263 8.98 -57.59 -33.97
C PRO B 263 9.62 -57.32 -32.61
N TRP B 264 9.68 -58.33 -31.75
CA TRP B 264 10.28 -58.16 -30.43
C TRP B 264 11.71 -57.60 -30.44
N GLU B 265 12.48 -57.96 -31.44
CA GLU B 265 13.87 -57.50 -31.53
C GLU B 265 13.97 -55.98 -31.42
N ARG B 266 12.88 -55.29 -31.70
CA ARG B 266 12.90 -53.84 -31.66
C ARG B 266 12.27 -53.21 -30.42
N VAL B 267 11.94 -54.05 -29.46
CA VAL B 267 11.33 -53.60 -28.22
C VAL B 267 12.23 -53.96 -27.05
N ALA B 268 12.47 -53.02 -26.15
CA ALA B 268 13.30 -53.35 -25.00
C ALA B 268 12.37 -53.84 -23.91
N VAL B 269 12.64 -55.02 -23.37
CA VAL B 269 11.80 -55.59 -22.31
C VAL B 269 12.63 -56.10 -21.14
N ASN B 270 12.28 -55.68 -19.91
CA ASN B 270 12.96 -56.19 -18.72
C ASN B 270 11.97 -56.34 -17.56
N VAL B 271 10.68 -56.25 -17.88
CA VAL B 271 9.59 -56.36 -16.89
C VAL B 271 9.56 -57.70 -16.17
N ASP B 272 9.98 -58.76 -16.86
CA ASP B 272 9.99 -60.10 -16.31
C ASP B 272 11.00 -60.34 -15.18
N ARG B 273 12.03 -59.51 -15.09
CA ARG B 273 13.02 -59.65 -14.03
C ARG B 273 12.98 -58.58 -12.96
N TYR B 274 12.52 -57.38 -13.33
CA TYR B 274 12.48 -56.26 -12.39
C TYR B 274 11.08 -55.81 -12.03
N GLY B 275 10.06 -56.44 -12.62
CA GLY B 275 8.72 -56.02 -12.33
C GLY B 275 8.55 -54.58 -12.79
N ASN B 276 7.48 -53.92 -12.33
CA ASN B 276 7.22 -52.54 -12.69
C ASN B 276 7.98 -51.67 -11.70
N THR B 277 8.97 -50.93 -12.20
CA THR B 277 9.79 -50.07 -11.35
C THR B 277 9.51 -48.58 -11.57
N SER B 278 8.32 -48.27 -12.09
CA SER B 278 7.89 -46.91 -12.30
C SER B 278 8.89 -46.04 -13.07
N THR B 279 9.26 -44.92 -12.47
CA THR B 279 10.17 -43.99 -13.13
C THR B 279 11.54 -44.55 -13.43
N ALA B 280 11.92 -45.60 -12.71
CA ALA B 280 13.23 -46.19 -12.97
C ALA B 280 13.17 -47.13 -14.17
N SER B 281 11.95 -47.49 -14.56
CA SER B 281 11.74 -48.47 -15.62
C SER B 281 12.49 -48.25 -16.94
N ILE B 282 12.35 -47.06 -17.52
CA ILE B 282 13.00 -46.77 -18.79
C ILE B 282 14.54 -46.65 -18.72
N PRO B 283 15.09 -45.96 -17.71
CA PRO B 283 16.56 -45.88 -17.71
C PRO B 283 17.19 -47.25 -17.57
N LEU B 284 16.54 -48.13 -16.81
CA LEU B 284 17.04 -49.49 -16.62
C LEU B 284 17.06 -50.23 -17.95
N ALA B 285 15.92 -50.24 -18.63
CA ALA B 285 15.81 -50.90 -19.92
C ALA B 285 16.83 -50.31 -20.88
N LEU B 286 16.97 -48.98 -20.89
CA LEU B 286 17.93 -48.34 -21.77
C LEU B 286 19.36 -48.80 -21.47
N LYS B 287 19.72 -48.84 -20.19
CA LYS B 287 21.07 -49.24 -19.86
C LYS B 287 21.40 -50.62 -20.41
N GLU B 288 20.47 -51.55 -20.25
CA GLU B 288 20.69 -52.91 -20.74
C GLU B 288 20.77 -52.95 -22.27
N ALA B 289 19.95 -52.14 -22.94
CA ALA B 289 19.96 -52.10 -24.40
C ALA B 289 21.32 -51.63 -24.89
N VAL B 290 21.83 -50.59 -24.24
CA VAL B 290 23.12 -50.05 -24.61
C VAL B 290 24.23 -51.09 -24.40
N ASP B 291 24.18 -51.80 -23.28
CA ASP B 291 25.20 -52.79 -23.00
C ASP B 291 25.08 -54.02 -23.89
N ALA B 292 23.86 -54.36 -24.32
CA ALA B 292 23.70 -55.50 -25.20
C ALA B 292 23.98 -55.10 -26.65
N GLY B 293 24.39 -53.85 -26.84
CA GLY B 293 24.68 -53.35 -28.17
C GLY B 293 23.46 -53.11 -29.03
N ARG B 294 22.29 -53.11 -28.42
CA ARG B 294 21.04 -52.90 -29.16
C ARG B 294 20.87 -51.43 -29.57
N ILE B 295 21.55 -50.53 -28.89
CA ILE B 295 21.45 -49.11 -29.18
C ILE B 295 22.85 -48.53 -29.35
N ARG B 296 23.07 -47.78 -30.41
CA ARG B 296 24.38 -47.18 -30.64
C ARG B 296 24.25 -45.73 -31.08
N GLU B 297 25.37 -45.02 -31.08
CA GLU B 297 25.39 -43.63 -31.49
C GLU B 297 24.68 -43.43 -32.82
N GLY B 298 23.75 -42.48 -32.84
CA GLY B 298 23.03 -42.19 -34.06
C GLY B 298 21.72 -42.94 -34.23
N ASP B 299 21.44 -43.91 -33.37
CA ASP B 299 20.18 -44.61 -33.49
C ASP B 299 19.08 -43.70 -32.94
N HIS B 300 17.90 -43.84 -33.49
CA HIS B 300 16.76 -43.07 -33.04
C HIS B 300 16.01 -43.99 -32.11
N VAL B 301 15.90 -43.56 -30.85
CA VAL B 301 15.22 -44.32 -29.82
C VAL B 301 13.91 -43.68 -29.40
N LEU B 302 12.90 -44.51 -29.17
CA LEU B 302 11.62 -44.00 -28.75
C LEU B 302 11.31 -44.40 -27.30
N LEU B 303 11.00 -43.41 -26.48
CA LEU B 303 10.68 -43.65 -25.08
C LEU B 303 9.22 -43.33 -24.90
N VAL B 304 8.48 -44.18 -24.19
CA VAL B 304 7.07 -43.93 -23.97
C VAL B 304 6.61 -44.49 -22.61
N SER B 305 5.86 -43.69 -21.85
CA SER B 305 5.38 -44.14 -20.54
C SER B 305 3.98 -43.65 -20.28
N PHE B 306 3.27 -44.35 -19.40
CA PHE B 306 1.89 -44.00 -19.03
C PHE B 306 1.78 -44.37 -17.56
N GLY B 307 0.89 -43.71 -16.81
CA GLY B 307 0.77 -44.07 -15.41
C GLY B 307 -0.22 -43.26 -14.62
N ALA B 308 0.04 -43.16 -13.32
CA ALA B 308 -0.81 -42.42 -12.36
C ALA B 308 -0.94 -40.94 -12.71
N GLY B 309 -2.18 -40.44 -12.63
CA GLY B 309 -2.44 -39.05 -12.94
C GLY B 309 -3.89 -38.86 -13.36
N LEU B 310 -4.31 -39.44 -14.49
CA LEU B 310 -3.44 -40.25 -15.33
C LEU B 310 -2.41 -39.38 -16.05
N THR B 311 -1.25 -39.96 -16.31
CA THR B 311 -0.18 -39.24 -16.97
C THR B 311 0.34 -40.11 -18.11
N TRP B 312 0.97 -39.48 -19.10
CA TRP B 312 1.58 -40.22 -20.21
C TRP B 312 2.65 -39.36 -20.87
N ALA B 313 3.71 -39.99 -21.35
CA ALA B 313 4.77 -39.25 -22.01
C ALA B 313 5.45 -40.10 -23.04
N ALA B 314 6.10 -39.43 -23.99
CA ALA B 314 6.81 -40.12 -25.02
C ALA B 314 7.84 -39.15 -25.52
N ALA B 315 8.96 -39.68 -26.01
CA ALA B 315 10.04 -38.86 -26.54
C ALA B 315 10.76 -39.65 -27.60
N VAL B 316 11.45 -38.93 -28.47
CA VAL B 316 12.27 -39.55 -29.49
C VAL B 316 13.64 -38.91 -29.29
N LEU B 317 14.65 -39.77 -29.19
CA LEU B 317 16.02 -39.35 -28.94
C LEU B 317 17.02 -40.02 -29.89
N THR B 318 17.85 -39.23 -30.54
CA THR B 318 18.87 -39.77 -31.41
C THR B 318 20.06 -40.00 -30.47
N TRP B 319 20.34 -41.26 -30.16
CA TRP B 319 21.40 -41.62 -29.24
C TRP B 319 22.78 -41.06 -29.49
N GLY B 320 23.53 -40.82 -28.42
CA GLY B 320 24.88 -40.32 -28.54
C GLY B 320 25.05 -38.83 -28.68
N GLY B 321 26.12 -38.42 -29.36
CA GLY B 321 26.40 -37.02 -29.58
C GLY B 321 27.30 -36.35 -28.55
N ALA B 322 27.70 -37.06 -27.51
CA ALA B 322 28.58 -36.46 -26.52
C ALA B 322 29.93 -36.04 -27.15
N SER C 2 -5.79 43.08 -9.45
CA SER C 2 -7.12 43.22 -8.80
C SER C 2 -7.17 44.56 -8.08
N GLY C 3 -8.38 45.02 -7.80
CA GLY C 3 -8.53 46.28 -7.10
C GLY C 3 -9.79 46.24 -6.28
N ILE C 4 -10.12 47.33 -5.62
CA ILE C 4 -11.33 47.34 -4.80
C ILE C 4 -12.52 47.86 -5.63
N LEU C 5 -13.51 47.00 -5.84
CA LEU C 5 -14.70 47.36 -6.61
C LEU C 5 -15.83 47.97 -5.77
N ALA C 6 -15.80 47.74 -4.46
CA ALA C 6 -16.86 48.27 -3.62
C ALA C 6 -16.43 48.31 -2.17
N LEU C 7 -16.92 49.30 -1.43
CA LEU C 7 -16.54 49.45 -0.04
C LEU C 7 -17.75 49.72 0.83
N GLY C 8 -17.74 49.20 2.05
CA GLY C 8 -18.84 49.42 2.98
C GLY C 8 -18.31 49.30 4.39
N ALA C 9 -18.96 49.95 5.35
CA ALA C 9 -18.53 49.87 6.76
C ALA C 9 -19.69 50.18 7.69
N TYR C 10 -19.49 49.93 8.97
CA TYR C 10 -20.54 50.15 9.96
C TYR C 10 -19.99 50.08 11.39
N VAL C 11 -20.57 50.90 12.26
CA VAL C 11 -20.21 50.84 13.68
C VAL C 11 -21.54 50.73 14.39
N PRO C 12 -21.56 50.11 15.57
CA PRO C 12 -22.80 49.96 16.33
C PRO C 12 -23.28 51.33 16.81
N GLU C 13 -24.55 51.39 17.15
CA GLU C 13 -25.19 52.60 17.61
C GLU C 13 -24.73 53.16 18.96
N ARG C 14 -24.63 52.30 19.98
CA ARG C 14 -24.25 52.79 21.31
C ARG C 14 -22.89 53.41 21.44
N VAL C 15 -22.86 54.66 21.89
CA VAL C 15 -21.61 55.36 22.09
C VAL C 15 -21.15 55.24 23.52
N MET C 16 -19.85 55.30 23.70
CA MET C 16 -19.27 55.22 25.02
C MET C 16 -18.20 56.29 25.10
N THR C 17 -18.47 57.32 25.91
CA THR C 17 -17.52 58.42 26.07
C THR C 17 -16.54 58.10 27.16
N ASN C 18 -15.43 58.83 27.21
CA ASN C 18 -14.46 58.60 28.25
C ASN C 18 -15.19 58.84 29.57
N ALA C 19 -16.13 59.77 29.54
CA ALA C 19 -16.92 60.12 30.72
C ALA C 19 -17.58 58.87 31.32
N ASP C 20 -18.19 58.05 30.47
CA ASP C 20 -18.85 56.84 30.93
C ASP C 20 -17.88 55.93 31.66
N PHE C 21 -16.59 56.08 31.38
CA PHE C 21 -15.56 55.24 32.00
C PHE C 21 -15.16 55.71 33.39
N GLU C 22 -15.01 57.01 33.54
CA GLU C 22 -14.66 57.59 34.83
C GLU C 22 -15.78 57.21 35.80
N ALA C 23 -16.99 57.11 35.27
CA ALA C 23 -18.16 56.78 36.06
C ALA C 23 -18.11 55.42 36.79
N TYR C 24 -17.04 54.66 36.61
CA TYR C 24 -16.94 53.37 37.29
C TYR C 24 -15.52 52.80 37.31
N LEU C 25 -14.55 53.60 36.90
CA LEU C 25 -13.16 53.17 36.88
C LEU C 25 -12.31 54.34 37.32
N ASP C 26 -11.10 54.08 37.75
CA ASP C 26 -10.23 55.15 38.17
C ASP C 26 -9.39 55.63 37.00
N THR C 27 -10.03 56.37 36.10
CA THR C 27 -9.34 56.89 34.93
C THR C 27 -10.01 58.21 34.55
N SER C 28 -9.28 59.10 33.90
CA SER C 28 -9.84 60.39 33.51
C SER C 28 -9.84 60.64 32.01
N ASP C 29 -10.88 61.34 31.55
CA ASP C 29 -11.03 61.69 30.15
C ASP C 29 -9.71 62.28 29.63
N GLU C 30 -9.11 63.14 30.45
CA GLU C 30 -7.85 63.77 30.09
C GLU C 30 -6.75 62.73 29.93
N TRP C 31 -6.75 61.74 30.82
CA TRP C 31 -5.75 60.69 30.78
C TRP C 31 -5.86 59.89 29.48
N ILE C 32 -7.07 59.46 29.16
CA ILE C 32 -7.35 58.68 27.97
C ILE C 32 -7.03 59.45 26.70
N VAL C 33 -7.49 60.69 26.62
CA VAL C 33 -7.23 61.50 25.43
C VAL C 33 -5.75 61.82 25.27
N THR C 34 -5.08 62.09 26.39
CA THR C 34 -3.66 62.40 26.36
C THR C 34 -2.83 61.19 25.92
N ARG C 35 -3.14 60.04 26.51
CA ARG C 35 -2.44 58.79 26.23
C ARG C 35 -2.77 58.06 24.93
N THR C 36 -4.02 58.14 24.48
CA THR C 36 -4.43 57.43 23.26
C THR C 36 -5.07 58.29 22.18
N GLY C 37 -5.72 59.37 22.61
CA GLY C 37 -6.38 60.25 21.68
C GLY C 37 -7.84 59.89 21.51
N ILE C 38 -8.30 58.85 22.23
CA ILE C 38 -9.70 58.42 22.11
C ILE C 38 -10.66 59.22 22.98
N LYS C 39 -11.77 59.64 22.38
CA LYS C 39 -12.79 60.41 23.07
C LYS C 39 -14.05 59.56 23.14
N GLU C 40 -14.28 58.76 22.10
CA GLU C 40 -15.45 57.89 22.04
C GLU C 40 -15.07 56.57 21.38
N ARG C 41 -16.02 55.62 21.43
CA ARG C 41 -15.88 54.31 20.81
C ARG C 41 -17.29 53.74 20.82
N ARG C 42 -17.59 52.83 19.90
CA ARG C 42 -18.92 52.23 19.84
C ARG C 42 -18.93 50.81 20.41
N VAL C 43 -20.09 50.39 20.91
CA VAL C 43 -20.22 49.08 21.52
C VAL C 43 -21.42 48.35 20.92
N ALA C 44 -21.22 47.12 20.50
CA ALA C 44 -22.31 46.35 19.90
C ALA C 44 -23.41 46.08 20.92
N ALA C 45 -24.65 45.95 20.43
CA ALA C 45 -25.80 45.70 21.28
C ALA C 45 -25.69 44.33 21.95
N GLU C 46 -26.60 44.07 22.88
CA GLU C 46 -26.61 42.81 23.63
C GLU C 46 -26.62 41.57 22.72
N ASP C 47 -27.46 41.57 21.68
CA ASP C 47 -27.51 40.43 20.78
C ASP C 47 -26.97 40.79 19.40
N GLU C 48 -25.90 41.56 19.39
CA GLU C 48 -25.24 41.96 18.16
C GLU C 48 -23.79 41.47 18.24
N TYR C 49 -23.44 40.46 17.45
CA TYR C 49 -22.08 39.95 17.47
C TYR C 49 -21.34 40.24 16.18
N THR C 50 -20.14 39.67 16.05
CA THR C 50 -19.29 39.89 14.88
C THR C 50 -19.99 39.60 13.56
N SER C 51 -20.72 38.49 13.48
CA SER C 51 -21.43 38.18 12.26
C SER C 51 -22.38 39.33 11.92
N ASP C 52 -23.04 39.88 12.93
CA ASP C 52 -23.96 40.98 12.72
C ASP C 52 -23.28 42.22 12.16
N LEU C 53 -22.13 42.56 12.75
CA LEU C 53 -21.37 43.70 12.31
C LEU C 53 -20.95 43.53 10.85
N ALA C 54 -20.60 42.28 10.49
CA ALA C 54 -20.20 41.94 9.14
C ALA C 54 -21.39 42.08 8.17
N PHE C 55 -22.57 41.64 8.60
CA PHE C 55 -23.77 41.75 7.75
C PHE C 55 -24.01 43.22 7.43
N LYS C 56 -24.02 44.04 8.48
CA LYS C 56 -24.26 45.48 8.38
C LYS C 56 -23.24 46.14 7.44
N ALA C 57 -21.98 45.76 7.57
CA ALA C 57 -20.95 46.34 6.71
C ALA C 57 -21.23 45.99 5.26
N VAL C 58 -21.67 44.74 5.01
CA VAL C 58 -21.98 44.30 3.65
C VAL C 58 -23.25 45.03 3.16
N GLU C 59 -24.19 45.23 4.07
CA GLU C 59 -25.42 45.93 3.70
C GLU C 59 -25.07 47.34 3.28
N ASP C 60 -24.12 47.96 3.98
CA ASP C 60 -23.76 49.33 3.62
C ASP C 60 -23.11 49.30 2.23
N LEU C 61 -22.26 48.31 2.03
CA LEU C 61 -21.59 48.13 0.78
C LEU C 61 -22.63 47.95 -0.34
N LEU C 62 -23.71 47.23 -0.08
CA LEU C 62 -24.72 47.06 -1.12
C LEU C 62 -25.46 48.35 -1.48
N ARG C 63 -25.74 49.21 -0.49
CA ARG C 63 -26.42 50.47 -0.79
C ARG C 63 -25.53 51.38 -1.61
N ARG C 64 -24.24 51.41 -1.30
CA ARG C 64 -23.32 52.25 -2.02
C ARG C 64 -23.02 51.66 -3.40
N HIS C 65 -23.08 50.34 -3.52
CA HIS C 65 -22.77 49.66 -4.78
C HIS C 65 -23.78 48.54 -5.04
N PRO C 66 -24.93 48.89 -5.64
CA PRO C 66 -25.89 47.82 -5.89
C PRO C 66 -25.28 46.85 -6.90
N GLY C 67 -25.57 45.56 -6.74
CA GLY C 67 -25.02 44.56 -7.63
C GLY C 67 -23.52 44.30 -7.50
N ALA C 68 -22.95 44.60 -6.33
CA ALA C 68 -21.52 44.39 -6.11
C ALA C 68 -21.20 42.95 -5.72
N LEU C 69 -22.15 42.26 -5.10
CA LEU C 69 -21.88 40.89 -4.71
C LEU C 69 -22.02 39.94 -5.89
N GLU C 70 -22.46 40.46 -7.02
CA GLU C 70 -22.61 39.59 -8.19
C GLU C 70 -21.23 39.35 -8.75
N GLY C 71 -20.87 38.07 -8.82
CA GLY C 71 -19.57 37.69 -9.34
C GLY C 71 -18.65 37.22 -8.23
N VAL C 72 -19.11 37.38 -6.98
CA VAL C 72 -18.33 36.99 -5.80
C VAL C 72 -18.35 35.48 -5.64
N ASP C 73 -17.15 34.87 -5.66
CA ASP C 73 -16.99 33.43 -5.52
C ASP C 73 -16.44 33.04 -4.15
N ALA C 74 -16.14 34.02 -3.32
CA ALA C 74 -15.60 33.71 -2.02
C ALA C 74 -15.80 34.82 -1.02
N VAL C 75 -15.85 34.41 0.24
CA VAL C 75 -16.02 35.34 1.34
C VAL C 75 -14.93 35.05 2.34
N ILE C 76 -14.17 36.08 2.70
CA ILE C 76 -13.13 35.95 3.72
C ILE C 76 -13.46 36.95 4.85
N VAL C 77 -13.61 36.46 6.07
CA VAL C 77 -13.88 37.35 7.18
C VAL C 77 -12.66 37.39 8.08
N ALA C 78 -12.01 38.54 8.12
CA ALA C 78 -10.83 38.73 8.94
C ALA C 78 -11.29 39.15 10.32
N THR C 79 -11.12 38.28 11.29
CA THR C 79 -11.56 38.62 12.64
C THR C 79 -10.71 37.88 13.65
N ASN C 80 -10.91 38.25 14.91
CA ASN C 80 -10.22 37.62 16.03
C ASN C 80 -11.24 37.36 17.12
N THR C 81 -12.51 37.61 16.79
CA THR C 81 -13.61 37.40 17.71
C THR C 81 -14.78 36.77 16.97
N PRO C 82 -14.57 35.60 16.33
CA PRO C 82 -15.66 34.95 15.60
C PRO C 82 -16.76 34.45 16.52
N ASP C 83 -17.98 34.35 15.97
CA ASP C 83 -19.13 33.86 16.72
C ASP C 83 -18.86 32.50 17.34
N ALA C 84 -18.42 31.57 16.51
CA ALA C 84 -18.13 30.22 16.98
C ALA C 84 -16.78 29.77 16.43
N LEU C 85 -16.21 28.70 17.00
CA LEU C 85 -14.96 28.16 16.50
C LEU C 85 -15.31 27.57 15.12
N PHE C 86 -16.57 27.17 15.01
CA PHE C 86 -17.18 26.63 13.78
C PHE C 86 -18.69 26.53 14.07
N PRO C 87 -19.53 26.87 13.07
CA PRO C 87 -19.18 27.32 11.71
C PRO C 87 -18.39 28.62 11.72
N ASP C 88 -17.70 28.91 10.62
CA ASP C 88 -16.96 30.16 10.54
C ASP C 88 -17.92 31.30 10.19
N THR C 89 -17.55 32.49 10.64
CA THR C 89 -18.33 33.68 10.41
C THR C 89 -18.54 33.92 8.92
N ALA C 90 -17.51 33.69 8.11
CA ALA C 90 -17.59 33.88 6.67
C ALA C 90 -18.72 33.07 6.05
N ALA C 91 -18.93 31.85 6.52
CA ALA C 91 -20.01 31.00 5.99
C ALA C 91 -21.37 31.65 6.30
N LEU C 92 -21.51 32.20 7.50
CA LEU C 92 -22.73 32.88 7.91
C LEU C 92 -23.00 34.03 6.95
N VAL C 93 -21.95 34.77 6.62
CA VAL C 93 -22.10 35.90 5.70
C VAL C 93 -22.52 35.36 4.34
N GLN C 94 -21.85 34.30 3.90
CA GLN C 94 -22.15 33.68 2.61
C GLN C 94 -23.64 33.37 2.51
N ALA C 95 -24.19 32.80 3.59
CA ALA C 95 -25.60 32.44 3.66
C ALA C 95 -26.49 33.70 3.71
N ARG C 96 -26.24 34.56 4.69
CA ARG C 96 -27.02 35.78 4.83
C ARG C 96 -27.31 36.46 3.50
N PHE C 97 -26.34 36.46 2.59
CA PHE C 97 -26.52 37.12 1.30
C PHE C 97 -26.77 36.17 0.13
N GLY C 98 -27.04 34.91 0.47
CA GLY C 98 -27.31 33.90 -0.54
C GLY C 98 -26.29 33.88 -1.66
N LEU C 99 -25.04 33.70 -1.30
CA LEU C 99 -23.96 33.68 -2.26
C LEU C 99 -23.54 32.25 -2.52
N LYS C 100 -23.07 31.99 -3.73
CA LYS C 100 -22.57 30.69 -4.12
C LYS C 100 -21.06 30.92 -4.01
N ALA C 101 -20.46 30.53 -2.90
CA ALA C 101 -19.04 30.78 -2.73
C ALA C 101 -18.41 30.01 -1.59
N PHE C 102 -17.09 29.88 -1.60
CA PHE C 102 -16.44 29.22 -0.49
C PHE C 102 -16.25 30.31 0.58
N ALA C 103 -16.03 29.91 1.81
CA ALA C 103 -15.93 30.87 2.87
C ALA C 103 -15.05 30.40 3.99
N TYR C 104 -14.31 31.34 4.57
CA TYR C 104 -13.46 31.06 5.71
C TYR C 104 -13.11 32.33 6.47
N ASP C 105 -12.74 32.15 7.74
CA ASP C 105 -12.34 33.26 8.58
C ASP C 105 -10.82 33.26 8.53
N LEU C 106 -10.24 34.45 8.60
CA LEU C 106 -8.80 34.59 8.61
C LEU C 106 -8.45 35.23 9.96
N LEU C 107 -7.51 34.60 10.68
CA LEU C 107 -7.07 35.10 11.99
C LEU C 107 -5.60 35.49 11.97
N ALA C 108 -5.35 36.80 11.93
CA ALA C 108 -3.98 37.29 11.89
C ALA C 108 -3.85 38.59 12.71
N GLY C 109 -4.64 38.71 13.77
CA GLY C 109 -4.61 39.89 14.60
C GLY C 109 -5.13 41.11 13.88
N CSO C 110 -4.70 42.29 14.35
CA CSO C 110 -5.15 43.55 13.76
CB CSO C 110 -4.47 44.72 14.49
SG CSO C 110 -5.12 44.94 16.21
C CSO C 110 -4.95 43.69 12.23
O CSO C 110 -5.81 44.27 11.57
OD CSO C 110 -4.41 43.72 17.01
N PRO C 111 -3.83 43.19 11.68
CA PRO C 111 -3.53 43.26 10.24
C PRO C 111 -4.38 42.32 9.38
N GLY C 112 -5.24 41.56 10.05
CA GLY C 112 -6.10 40.63 9.35
C GLY C 112 -6.76 41.15 8.09
N TRP C 113 -7.27 42.38 8.10
CA TRP C 113 -7.94 42.85 6.89
C TRP C 113 -7.01 43.02 5.67
N ILE C 114 -5.81 43.56 5.88
CA ILE C 114 -4.89 43.73 4.77
C ILE C 114 -4.50 42.32 4.26
N TYR C 115 -4.30 41.40 5.19
CA TYR C 115 -3.98 40.01 4.85
C TYR C 115 -5.12 39.49 3.95
N ALA C 116 -6.36 39.75 4.34
CA ALA C 116 -7.51 39.30 3.56
C ALA C 116 -7.49 39.91 2.18
N LEU C 117 -7.18 41.21 2.10
CA LEU C 117 -7.12 41.84 0.80
C LEU C 117 -6.10 41.08 -0.07
N ALA C 118 -4.92 40.81 0.51
CA ALA C 118 -3.84 40.09 -0.15
C ALA C 118 -4.21 38.69 -0.64
N GLN C 119 -4.87 37.90 0.20
CA GLN C 119 -5.29 36.55 -0.18
C GLN C 119 -6.31 36.64 -1.29
N ALA C 120 -7.19 37.63 -1.17
CA ALA C 120 -8.23 37.88 -2.13
C ALA C 120 -7.59 38.21 -3.46
N HIS C 121 -6.60 39.08 -3.42
CA HIS C 121 -5.92 39.48 -4.63
C HIS C 121 -5.34 38.24 -5.28
N ALA C 122 -4.76 37.36 -4.48
CA ALA C 122 -4.16 36.12 -5.00
C ALA C 122 -5.21 35.23 -5.66
N LEU C 123 -6.33 35.01 -4.97
CA LEU C 123 -7.39 34.17 -5.51
C LEU C 123 -7.85 34.69 -6.86
N VAL C 124 -8.09 36.00 -6.95
CA VAL C 124 -8.51 36.61 -8.22
C VAL C 124 -7.44 36.41 -9.28
N GLU C 125 -6.21 36.80 -8.96
CA GLU C 125 -5.13 36.67 -9.93
C GLU C 125 -4.86 35.23 -10.32
N ALA C 126 -5.09 34.30 -9.41
CA ALA C 126 -4.83 32.89 -9.72
C ALA C 126 -6.04 32.19 -10.36
N GLY C 127 -7.14 32.92 -10.48
CA GLY C 127 -8.33 32.36 -11.08
C GLY C 127 -9.20 31.46 -10.23
N LEU C 128 -8.97 31.42 -8.92
CA LEU C 128 -9.80 30.56 -8.09
C LEU C 128 -11.09 31.28 -7.73
N ALA C 129 -11.14 32.58 -7.98
CA ALA C 129 -12.32 33.38 -7.69
C ALA C 129 -12.39 34.57 -8.65
N GLN C 130 -13.59 34.89 -9.11
CA GLN C 130 -13.75 36.02 -10.02
C GLN C 130 -13.66 37.31 -9.18
N LYS C 131 -14.39 37.31 -8.05
CA LYS C 131 -14.42 38.43 -7.13
C LYS C 131 -14.42 37.86 -5.71
N VAL C 132 -13.89 38.61 -4.77
CA VAL C 132 -13.87 38.16 -3.40
C VAL C 132 -14.45 39.22 -2.46
N LEU C 133 -15.29 38.77 -1.54
CA LEU C 133 -15.88 39.67 -0.53
C LEU C 133 -14.92 39.58 0.67
N ALA C 134 -14.17 40.66 0.92
CA ALA C 134 -13.22 40.66 2.03
C ALA C 134 -13.75 41.50 3.21
N VAL C 135 -14.12 40.82 4.29
CA VAL C 135 -14.67 41.51 5.46
C VAL C 135 -13.73 41.64 6.65
N GLY C 136 -13.83 42.78 7.32
CA GLY C 136 -13.04 43.06 8.53
C GLY C 136 -14.03 43.42 9.62
N ALA C 137 -14.25 42.51 10.57
CA ALA C 137 -15.22 42.77 11.63
C ALA C 137 -14.77 42.29 13.01
N GLU C 138 -15.05 43.09 14.03
CA GLU C 138 -14.64 42.74 15.39
C GLU C 138 -15.59 43.20 16.50
N ALA C 139 -15.93 42.28 17.38
CA ALA C 139 -16.81 42.59 18.50
C ALA C 139 -15.94 42.46 19.74
N LEU C 140 -14.92 43.29 19.81
CA LEU C 140 -14.00 43.28 20.93
C LEU C 140 -14.70 43.50 22.26
N SER C 141 -15.84 44.17 22.25
CA SER C 141 -16.56 44.44 23.49
C SER C 141 -17.03 43.15 24.16
N LYS C 142 -17.04 42.05 23.40
CA LYS C 142 -17.48 40.77 23.95
C LYS C 142 -16.34 40.03 24.65
N ILE C 143 -15.09 40.46 24.47
CA ILE C 143 -13.99 39.76 25.14
C ILE C 143 -13.17 40.67 26.04
N ILE C 144 -13.45 41.96 25.98
CA ILE C 144 -12.69 42.90 26.77
C ILE C 144 -12.97 42.83 28.27
N ASP C 145 -11.93 43.09 29.05
CA ASP C 145 -11.99 43.10 30.51
C ASP C 145 -12.51 44.48 30.92
N TRP C 146 -13.83 44.67 30.86
CA TRP C 146 -14.44 45.96 31.19
C TRP C 146 -13.90 46.65 32.44
N ASN C 147 -13.32 45.87 33.35
CA ASN C 147 -12.80 46.41 34.60
C ASN C 147 -11.34 46.83 34.51
N ASP C 148 -10.59 46.22 33.59
CA ASP C 148 -9.18 46.56 33.43
C ASP C 148 -9.00 47.86 32.63
N ARG C 149 -9.01 48.98 33.32
CA ARG C 149 -8.86 50.30 32.71
C ARG C 149 -7.68 50.35 31.76
N ALA C 150 -6.65 49.57 32.05
CA ALA C 150 -5.45 49.55 31.23
C ALA C 150 -5.74 49.25 29.75
N THR C 151 -6.87 48.60 29.48
CA THR C 151 -7.20 48.27 28.11
C THR C 151 -8.68 48.46 27.80
N ALA C 152 -9.50 48.58 28.84
CA ALA C 152 -10.94 48.74 28.66
C ALA C 152 -11.37 49.99 27.90
N VAL C 153 -10.49 50.99 27.82
CA VAL C 153 -10.85 52.22 27.11
C VAL C 153 -10.19 52.32 25.73
N LEU C 154 -9.54 51.23 25.30
CA LEU C 154 -8.81 51.22 24.03
C LEU C 154 -9.53 50.74 22.78
N PHE C 155 -10.42 49.78 22.95
CA PHE C 155 -11.09 49.16 21.82
C PHE C 155 -12.53 49.53 21.54
N GLY C 156 -12.91 49.37 20.27
CA GLY C 156 -14.26 49.64 19.85
C GLY C 156 -14.74 48.53 18.92
N ASP C 157 -16.04 48.48 18.65
CA ASP C 157 -16.60 47.46 17.74
C ASP C 157 -16.84 48.09 16.39
N GLY C 158 -16.74 47.28 15.35
CA GLY C 158 -16.99 47.80 14.02
C GLY C 158 -16.91 46.72 12.96
N GLY C 159 -17.34 47.08 11.76
CA GLY C 159 -17.30 46.17 10.64
C GLY C 159 -16.98 46.93 9.38
N GLY C 160 -16.27 46.28 8.47
CA GLY C 160 -15.91 46.89 7.20
C GLY C 160 -15.88 45.81 6.14
N ALA C 161 -16.12 46.17 4.90
CA ALA C 161 -16.13 45.19 3.84
C ALA C 161 -15.76 45.74 2.47
N ALA C 162 -15.14 44.91 1.65
CA ALA C 162 -14.76 45.33 0.31
C ALA C 162 -14.85 44.13 -0.62
N VAL C 163 -15.19 44.41 -1.87
CA VAL C 163 -15.27 43.36 -2.85
C VAL C 163 -13.99 43.57 -3.60
N VAL C 164 -13.26 42.50 -3.88
CA VAL C 164 -12.01 42.62 -4.63
C VAL C 164 -12.21 41.91 -5.94
N GLY C 165 -11.84 42.54 -7.03
CA GLY C 165 -11.98 41.92 -8.34
C GLY C 165 -11.08 42.65 -9.32
N LYS C 166 -11.13 42.22 -10.59
CA LYS C 166 -10.31 42.85 -11.62
C LYS C 166 -10.72 44.30 -11.82
N VAL C 167 -9.73 45.17 -11.99
CA VAL C 167 -9.97 46.59 -12.23
C VAL C 167 -9.21 46.98 -13.49
N ARG C 168 -9.58 48.10 -14.10
CA ARG C 168 -8.90 48.55 -15.32
C ARG C 168 -7.39 48.65 -15.12
N GLU C 169 -6.67 48.61 -16.23
CA GLU C 169 -5.22 48.67 -16.19
C GLU C 169 -4.72 49.99 -15.61
N GLY C 170 -3.82 49.90 -14.62
CA GLY C 170 -3.29 51.08 -13.98
C GLY C 170 -3.72 51.20 -12.53
N TYR C 171 -4.92 50.72 -12.24
CA TYR C 171 -5.45 50.78 -10.90
C TYR C 171 -5.35 49.44 -10.21
N GLY C 172 -5.63 49.43 -8.91
CA GLY C 172 -5.58 48.18 -8.18
C GLY C 172 -4.38 48.09 -7.26
N PHE C 173 -4.23 46.93 -6.63
CA PHE C 173 -3.12 46.72 -5.70
C PHE C 173 -1.82 46.76 -6.41
N ARG C 174 -0.88 47.51 -5.85
CA ARG C 174 0.43 47.64 -6.44
C ARG C 174 1.45 46.86 -5.65
N SER C 175 1.20 46.72 -4.36
CA SER C 175 2.13 45.98 -3.55
C SER C 175 1.56 45.60 -2.20
N PHE C 176 2.10 44.52 -1.67
CA PHE C 176 1.72 44.00 -0.37
C PHE C 176 3.00 43.72 0.36
N VAL C 177 2.99 43.99 1.66
CA VAL C 177 4.11 43.69 2.53
C VAL C 177 3.41 43.02 3.72
N LEU C 178 3.74 41.74 3.97
CA LEU C 178 3.12 41.01 5.06
C LEU C 178 4.17 40.28 5.88
N GLY C 179 3.99 40.25 7.20
CA GLY C 179 4.97 39.60 8.05
C GLY C 179 4.46 39.25 9.42
N ALA C 180 5.21 38.39 10.10
CA ALA C 180 4.83 37.93 11.42
C ALA C 180 6.04 37.62 12.27
N ASP C 181 5.85 37.69 13.59
CA ASP C 181 6.90 37.38 14.54
C ASP C 181 6.22 36.77 15.77
N GLY C 182 6.04 35.46 15.72
CA GLY C 182 5.40 34.74 16.81
C GLY C 182 6.06 34.84 18.17
N THR C 183 7.33 35.26 18.20
CA THR C 183 8.06 35.39 19.46
C THR C 183 7.45 36.50 20.33
N GLY C 184 6.71 37.41 19.69
CA GLY C 184 6.07 38.50 20.40
C GLY C 184 4.64 38.12 20.74
N ALA C 185 4.43 36.82 20.92
CA ALA C 185 3.12 36.28 21.25
C ALA C 185 2.69 36.68 22.66
N LYS C 186 3.65 36.75 23.58
CA LYS C 186 3.38 37.12 24.98
C LYS C 186 3.08 38.62 25.20
N GLU C 187 3.29 39.43 24.16
CA GLU C 187 3.07 40.87 24.23
C GLU C 187 1.61 41.28 24.04
N LEU C 188 0.83 40.41 23.42
CA LEU C 188 -0.58 40.68 23.17
C LEU C 188 -1.31 39.38 22.85
N TYR C 189 -2.27 39.00 23.70
CA TYR C 189 -2.99 37.75 23.48
C TYR C 189 -4.30 37.59 24.26
N HIS C 190 -5.02 36.53 23.90
CA HIS C 190 -6.27 36.15 24.55
C HIS C 190 -6.39 34.65 24.27
N ALA C 191 -6.09 33.85 25.29
CA ALA C 191 -6.14 32.40 25.19
C ALA C 191 -7.49 31.91 24.64
N CYS C 192 -7.48 30.76 23.98
CA CYS C 192 -8.70 30.19 23.43
C CYS C 192 -8.85 28.72 23.86
N VAL C 193 -7.99 27.87 23.32
CA VAL C 193 -8.02 26.44 23.63
C VAL C 193 -6.84 26.00 24.53
N ALA C 194 -5.83 26.88 24.65
CA ALA C 194 -4.64 26.59 25.47
C ALA C 194 -4.43 27.57 26.64
N PRO C 195 -3.89 27.07 27.77
CA PRO C 195 -3.63 27.92 28.95
C PRO C 195 -2.24 28.56 28.93
N ARG C 196 -1.38 28.11 28.02
CA ARG C 196 -0.03 28.63 27.90
C ARG C 196 0.42 28.84 26.44
N LEU C 197 1.47 29.64 26.27
CA LEU C 197 2.03 29.91 24.95
C LEU C 197 3.34 29.13 24.78
N PRO C 198 3.80 28.91 23.54
CA PRO C 198 5.05 28.16 23.34
C PRO C 198 6.21 28.57 24.26
N ASP C 199 6.42 29.86 24.50
CA ASP C 199 7.53 30.27 25.38
C ASP C 199 7.22 30.01 26.86
N GLY C 200 6.04 29.49 27.15
CA GLY C 200 5.67 29.18 28.53
C GLY C 200 4.72 30.16 29.20
N THR C 201 4.60 31.36 28.64
CA THR C 201 3.72 32.39 29.20
C THR C 201 2.32 31.86 29.46
N SER C 202 1.91 31.92 30.72
CA SER C 202 0.57 31.47 31.11
C SER C 202 -0.41 32.57 30.68
N MET C 203 -1.66 32.20 30.42
CA MET C 203 -2.65 33.20 30.00
C MET C 203 -3.80 33.29 30.98
N LYS C 204 -4.26 34.51 31.23
CA LYS C 204 -5.37 34.77 32.17
C LYS C 204 -6.74 34.53 31.53
N ASN C 205 -7.80 34.81 32.28
CA ASN C 205 -9.17 34.61 31.80
C ASN C 205 -9.48 35.42 30.54
N ARG C 206 -9.07 36.69 30.53
CA ARG C 206 -9.32 37.57 29.39
C ARG C 206 -8.06 38.27 28.85
N LEU C 207 -8.22 38.94 27.72
CA LEU C 207 -7.15 39.64 27.02
C LEU C 207 -6.11 40.35 27.88
N TYR C 208 -4.85 40.18 27.50
CA TYR C 208 -3.71 40.83 28.16
C TYR C 208 -2.88 41.57 27.12
N MET C 209 -2.41 42.77 27.48
CA MET C 209 -1.61 43.57 26.57
C MET C 209 -0.51 44.35 27.28
N ASN C 210 0.71 44.16 26.81
CA ASN C 210 1.87 44.85 27.36
C ASN C 210 2.05 46.09 26.48
N GLY C 211 1.41 47.18 26.90
CA GLY C 211 1.45 48.43 26.14
C GLY C 211 2.79 49.04 25.74
N ARG C 212 3.75 49.04 26.67
CA ARG C 212 5.08 49.62 26.40
C ARG C 212 5.78 49.03 25.19
N GLU C 213 5.78 47.70 25.11
CA GLU C 213 6.41 46.99 23.99
C GLU C 213 5.65 47.19 22.68
N VAL C 214 4.35 46.87 22.70
CA VAL C 214 3.51 47.01 21.52
C VAL C 214 3.72 48.36 20.82
N PHE C 215 3.86 49.43 21.61
CA PHE C 215 4.05 50.78 21.07
C PHE C 215 5.35 50.85 20.24
N LYS C 216 6.44 50.37 20.82
CA LYS C 216 7.73 50.37 20.15
C LYS C 216 7.65 49.63 18.81
N PHE C 217 7.13 48.41 18.87
CA PHE C 217 6.93 47.55 17.69
C PHE C 217 6.19 48.37 16.62
N ALA C 218 5.05 48.93 17.04
CA ALA C 218 4.18 49.73 16.19
C ALA C 218 4.86 50.77 15.32
N VAL C 219 5.45 51.78 15.94
CA VAL C 219 6.09 52.84 15.17
C VAL C 219 7.19 52.34 14.23
N ARG C 220 8.04 51.44 14.74
CA ARG C 220 9.12 50.89 13.94
C ARG C 220 8.56 50.17 12.72
N VAL C 221 7.62 49.27 12.96
CA VAL C 221 7.02 48.51 11.88
C VAL C 221 6.26 49.38 10.89
N MET C 222 5.33 50.19 11.39
CA MET C 222 4.52 51.07 10.54
C MET C 222 5.36 51.77 9.48
N ASN C 223 6.42 52.44 9.94
CA ASN C 223 7.33 53.16 9.07
C ASN C 223 8.04 52.28 8.05
N THR C 224 8.76 51.28 8.56
CA THR C 224 9.52 50.35 7.72
C THR C 224 8.64 49.65 6.72
N ALA C 225 7.51 49.12 7.17
CA ALA C 225 6.58 48.42 6.28
C ALA C 225 6.01 49.39 5.24
N THR C 226 5.61 50.56 5.70
CA THR C 226 5.07 51.58 4.81
C THR C 226 6.05 51.87 3.67
N LEU C 227 7.28 52.22 4.06
CA LEU C 227 8.31 52.55 3.10
C LEU C 227 8.65 51.43 2.14
N GLU C 228 8.62 50.19 2.62
CA GLU C 228 8.91 49.05 1.76
C GLU C 228 7.78 48.86 0.74
N ALA C 229 6.54 49.05 1.18
CA ALA C 229 5.39 48.89 0.30
C ALA C 229 5.42 49.97 -0.77
N ILE C 230 5.76 51.19 -0.38
CA ILE C 230 5.80 52.26 -1.36
C ILE C 230 6.90 51.93 -2.37
N GLU C 231 8.06 51.54 -1.85
CA GLU C 231 9.16 51.17 -2.72
C GLU C 231 8.75 50.03 -3.64
N LYS C 232 8.22 48.94 -3.06
CA LYS C 232 7.84 47.80 -3.87
C LYS C 232 6.80 48.13 -4.93
N ALA C 233 5.98 49.15 -4.66
CA ALA C 233 4.94 49.55 -5.61
C ALA C 233 5.47 50.45 -6.73
N GLY C 234 6.74 50.79 -6.67
CA GLY C 234 7.34 51.64 -7.69
C GLY C 234 6.98 53.10 -7.59
N LEU C 235 6.77 53.57 -6.37
CA LEU C 235 6.40 54.97 -6.12
C LEU C 235 7.30 55.50 -5.01
N THR C 236 7.08 56.75 -4.64
CA THR C 236 7.84 57.41 -3.56
C THR C 236 6.80 57.98 -2.60
N PRO C 237 7.16 58.16 -1.32
CA PRO C 237 6.19 58.70 -0.37
C PRO C 237 5.45 59.95 -0.83
N GLU C 238 6.00 60.62 -1.83
CA GLU C 238 5.41 61.84 -2.39
C GLU C 238 4.26 61.53 -3.34
N ASP C 239 4.15 60.28 -3.76
CA ASP C 239 3.08 59.88 -4.68
C ASP C 239 1.83 59.41 -3.96
N ILE C 240 1.95 59.18 -2.65
CA ILE C 240 0.83 58.72 -1.87
C ILE C 240 -0.15 59.84 -1.57
N ARG C 241 -1.38 59.69 -2.01
CA ARG C 241 -2.40 60.68 -1.75
C ARG C 241 -2.88 60.60 -0.28
N LEU C 242 -3.04 59.39 0.24
CA LEU C 242 -3.52 59.24 1.61
C LEU C 242 -2.97 58.00 2.32
N PHE C 243 -2.65 58.19 3.60
CA PHE C 243 -2.12 57.12 4.43
C PHE C 243 -3.22 56.73 5.37
N VAL C 244 -3.55 55.45 5.35
CA VAL C 244 -4.59 54.91 6.20
C VAL C 244 -4.00 53.81 7.08
N PRO C 245 -3.54 54.20 8.27
CA PRO C 245 -2.94 53.26 9.22
C PRO C 245 -4.03 52.63 10.10
N HIS C 246 -3.69 51.54 10.78
CA HIS C 246 -4.61 50.91 11.71
C HIS C 246 -4.84 52.02 12.77
N GLN C 247 -6.07 52.15 13.27
CA GLN C 247 -6.38 53.20 14.24
C GLN C 247 -6.25 52.68 15.67
N ALA C 248 -5.02 52.55 16.14
CA ALA C 248 -4.82 52.01 17.46
C ALA C 248 -4.59 53.04 18.55
N ASN C 249 -3.73 54.00 18.24
CA ASN C 249 -3.35 55.03 19.19
C ASN C 249 -2.99 56.27 18.37
N LEU C 250 -3.58 57.40 18.71
CA LEU C 250 -3.28 58.61 17.98
C LEU C 250 -1.81 58.96 18.17
N ARG C 251 -1.28 58.74 19.37
CA ARG C 251 0.13 59.05 19.64
C ARG C 251 1.04 58.24 18.70
N ILE C 252 0.70 56.97 18.51
CA ILE C 252 1.47 56.10 17.61
C ILE C 252 1.37 56.64 16.18
N ILE C 253 0.14 56.96 15.76
CA ILE C 253 -0.13 57.48 14.41
C ILE C 253 0.68 58.73 14.14
N ASP C 254 0.63 59.66 15.10
CA ASP C 254 1.34 60.92 15.02
C ASP C 254 2.82 60.63 14.82
N ALA C 255 3.33 59.72 15.64
CA ALA C 255 4.72 59.31 15.59
C ALA C 255 5.15 58.86 14.20
N ALA C 256 4.41 57.94 13.61
CA ALA C 256 4.72 57.43 12.29
C ALA C 256 4.61 58.51 11.24
N ARG C 257 3.70 59.46 11.48
CA ARG C 257 3.49 60.53 10.53
C ARG C 257 4.68 61.45 10.40
N GLU C 258 5.36 61.73 11.50
CA GLU C 258 6.52 62.60 11.43
C GLU C 258 7.66 61.87 10.75
N ARG C 259 7.96 60.65 11.19
CA ARG C 259 9.04 59.88 10.58
C ARG C 259 8.84 59.71 9.07
N LEU C 260 7.85 60.40 8.51
CA LEU C 260 7.57 60.35 7.08
C LEU C 260 7.48 61.78 6.55
N GLY C 261 7.46 62.73 7.48
CA GLY C 261 7.38 64.14 7.12
C GLY C 261 6.06 64.42 6.45
N LEU C 262 4.99 63.94 7.09
CA LEU C 262 3.66 64.09 6.56
C LEU C 262 2.77 65.06 7.28
N PRO C 263 1.98 65.81 6.51
CA PRO C 263 1.02 66.79 7.01
C PRO C 263 -0.19 65.95 7.47
N TRP C 264 -0.81 66.34 8.57
CA TRP C 264 -1.99 65.60 9.03
C TRP C 264 -3.02 65.38 7.92
N GLU C 265 -3.13 66.32 6.98
CA GLU C 265 -4.12 66.20 5.90
C GLU C 265 -3.91 65.02 4.97
N ARG C 266 -2.79 64.32 5.13
CA ARG C 266 -2.51 63.17 4.29
C ARG C 266 -2.61 61.85 5.08
N VAL C 267 -3.26 61.93 6.24
CA VAL C 267 -3.44 60.77 7.09
C VAL C 267 -4.90 60.65 7.46
N ALA C 268 -5.47 59.46 7.32
CA ALA C 268 -6.86 59.24 7.69
C ALA C 268 -6.87 58.95 9.18
N VAL C 269 -7.74 59.62 9.92
CA VAL C 269 -7.80 59.40 11.36
C VAL C 269 -9.19 59.36 11.92
N ASN C 270 -9.55 58.27 12.63
CA ASN C 270 -10.86 58.21 13.26
C ASN C 270 -10.84 57.45 14.57
N VAL C 271 -9.64 57.18 15.07
CA VAL C 271 -9.47 56.46 16.34
C VAL C 271 -10.09 57.24 17.50
N ASP C 272 -10.21 58.55 17.35
CA ASP C 272 -10.79 59.39 18.39
C ASP C 272 -12.29 59.17 18.59
N ARG C 273 -12.97 58.70 17.54
CA ARG C 273 -14.41 58.45 17.59
C ARG C 273 -14.81 56.98 17.70
N TYR C 274 -13.98 56.08 17.18
CA TYR C 274 -14.30 54.65 17.19
C TYR C 274 -13.35 53.78 17.99
N GLY C 275 -12.37 54.40 18.62
CA GLY C 275 -11.41 53.63 19.39
C GLY C 275 -10.72 52.68 18.43
N ASN C 276 -10.03 51.70 18.98
CA ASN C 276 -9.33 50.70 18.20
C ASN C 276 -10.34 49.62 17.78
N THR C 277 -10.68 49.56 16.49
CA THR C 277 -11.63 48.57 16.00
C THR C 277 -10.97 47.40 15.28
N SER C 278 -9.69 47.20 15.55
CA SER C 278 -8.96 46.08 14.96
C SER C 278 -9.14 45.96 13.44
N THR C 279 -9.47 44.77 12.97
CA THR C 279 -9.61 44.53 11.53
C THR C 279 -10.54 45.47 10.80
N ALA C 280 -11.51 46.02 11.52
CA ALA C 280 -12.48 46.96 10.96
C ALA C 280 -11.89 48.36 10.79
N SER C 281 -10.89 48.66 11.59
CA SER C 281 -10.26 49.97 11.58
C SER C 281 -9.99 50.60 10.22
N ILE C 282 -9.21 49.92 9.37
CA ILE C 282 -8.86 50.48 8.06
C ILE C 282 -10.02 50.69 7.09
N PRO C 283 -10.90 49.69 6.92
CA PRO C 283 -12.01 49.90 5.99
C PRO C 283 -12.94 51.03 6.46
N LEU C 284 -13.05 51.23 7.77
CA LEU C 284 -13.89 52.33 8.26
C LEU C 284 -13.26 53.67 7.85
N ALA C 285 -11.97 53.82 8.11
CA ALA C 285 -11.26 55.04 7.75
C ALA C 285 -11.34 55.24 6.24
N LEU C 286 -11.16 54.16 5.48
CA LEU C 286 -11.25 54.25 4.04
C LEU C 286 -12.60 54.79 3.61
N LYS C 287 -13.67 54.21 4.13
CA LYS C 287 -14.99 54.65 3.75
C LYS C 287 -15.12 56.15 4.00
N GLU C 288 -14.85 56.59 5.23
CA GLU C 288 -14.97 58.00 5.54
C GLU C 288 -14.20 58.88 4.58
N ALA C 289 -12.95 58.50 4.32
CA ALA C 289 -12.09 59.27 3.44
C ALA C 289 -12.68 59.34 2.03
N VAL C 290 -13.25 58.24 1.57
CA VAL C 290 -13.84 58.25 0.23
C VAL C 290 -15.02 59.21 0.25
N ASP C 291 -15.82 59.15 1.31
CA ASP C 291 -16.98 60.02 1.40
C ASP C 291 -16.67 61.48 1.60
N ALA C 292 -15.51 61.80 2.16
CA ALA C 292 -15.18 63.21 2.36
C ALA C 292 -14.40 63.76 1.17
N GLY C 293 -14.42 63.03 0.06
CA GLY C 293 -13.71 63.45 -1.15
C GLY C 293 -12.20 63.44 -1.03
N ARG C 294 -11.66 62.79 0.00
CA ARG C 294 -10.21 62.73 0.23
C ARG C 294 -9.47 61.70 -0.62
N ILE C 295 -10.19 60.78 -1.24
CA ILE C 295 -9.60 59.75 -2.09
C ILE C 295 -10.40 59.67 -3.37
N ARG C 296 -9.75 59.75 -4.52
CA ARG C 296 -10.47 59.69 -5.79
C ARG C 296 -9.85 58.61 -6.68
N GLU C 297 -10.63 58.14 -7.65
CA GLU C 297 -10.14 57.15 -8.61
C GLU C 297 -8.79 57.67 -9.13
N GLY C 298 -7.78 56.83 -9.11
CA GLY C 298 -6.47 57.26 -9.56
C GLY C 298 -5.50 57.59 -8.44
N ASP C 299 -6.00 57.89 -7.24
CA ASP C 299 -5.10 58.21 -6.14
C ASP C 299 -4.38 56.94 -5.67
N HIS C 300 -3.15 57.11 -5.20
CA HIS C 300 -2.40 56.00 -4.64
C HIS C 300 -2.64 56.09 -3.15
N VAL C 301 -3.12 55.00 -2.57
CA VAL C 301 -3.43 54.95 -1.14
C VAL C 301 -2.58 53.93 -0.42
N LEU C 302 -2.12 54.29 0.77
CA LEU C 302 -1.30 53.37 1.53
C LEU C 302 -2.05 52.88 2.75
N LEU C 303 -2.05 51.58 2.95
CA LEU C 303 -2.71 50.96 4.07
C LEU C 303 -1.60 50.29 4.83
N VAL C 304 -1.65 50.34 6.16
CA VAL C 304 -0.65 49.71 7.01
C VAL C 304 -1.23 49.40 8.38
N SER C 305 -0.91 48.21 8.88
CA SER C 305 -1.39 47.78 10.19
C SER C 305 -0.36 46.92 10.89
N PHE C 306 -0.47 46.84 12.22
CA PHE C 306 0.44 46.06 13.07
C PHE C 306 -0.43 45.49 14.18
N GLY C 307 -0.10 44.31 14.73
CA GLY C 307 -0.94 43.80 15.78
C GLY C 307 -0.48 42.55 16.49
N ALA C 308 -1.46 41.81 17.04
CA ALA C 308 -1.20 40.57 17.77
C ALA C 308 -0.62 39.48 16.88
N GLY C 309 0.41 38.83 17.39
CA GLY C 309 1.06 37.77 16.63
C GLY C 309 2.46 37.51 17.11
N LEU C 310 3.35 38.49 16.96
CA LEU C 310 3.03 39.78 16.35
C LEU C 310 2.85 39.69 14.83
N THR C 311 2.01 40.57 14.30
CA THR C 311 1.71 40.59 12.87
C THR C 311 1.76 42.02 12.36
N TRP C 312 2.14 42.19 11.10
CA TRP C 312 2.15 43.51 10.48
C TRP C 312 1.85 43.40 8.98
N ALA C 313 1.30 44.46 8.39
CA ALA C 313 0.98 44.45 6.97
C ALA C 313 0.85 45.83 6.40
N ALA C 314 1.24 45.98 5.13
CA ALA C 314 1.13 47.24 4.43
C ALA C 314 0.77 46.95 3.00
N ALA C 315 0.11 47.90 2.34
CA ALA C 315 -0.27 47.71 0.95
C ALA C 315 -0.44 49.04 0.24
N VAL C 316 -0.17 49.06 -1.06
CA VAL C 316 -0.34 50.27 -1.87
C VAL C 316 -1.42 49.92 -2.86
N LEU C 317 -2.47 50.73 -2.87
CA LEU C 317 -3.62 50.54 -3.73
C LEU C 317 -3.90 51.81 -4.51
N THR C 318 -3.99 51.68 -5.83
CA THR C 318 -4.31 52.82 -6.68
C THR C 318 -5.81 52.71 -6.71
N TRP C 319 -6.48 53.67 -6.08
CA TRP C 319 -7.92 53.67 -5.95
C TRP C 319 -8.75 53.64 -7.23
N GLY C 320 -9.93 53.06 -7.13
CA GLY C 320 -10.84 53.00 -8.27
C GLY C 320 -10.55 51.93 -9.31
N GLY C 321 -10.82 52.27 -10.56
CA GLY C 321 -10.59 51.36 -11.68
C GLY C 321 -11.74 50.39 -11.90
N ALA C 322 -12.80 50.53 -11.10
CA ALA C 322 -13.95 49.65 -11.20
C ALA C 322 -14.71 49.81 -12.51
N SER D 2 1.36 25.13 -9.16
CA SER D 2 2.16 24.71 -7.97
C SER D 2 1.79 23.28 -7.57
N GLY D 3 2.61 22.68 -6.71
CA GLY D 3 2.35 21.34 -6.23
C GLY D 3 2.85 21.20 -4.81
N ILE D 4 2.90 19.96 -4.32
CA ILE D 4 3.38 19.70 -2.97
C ILE D 4 4.83 19.28 -3.02
N LEU D 5 5.68 20.06 -2.39
CA LEU D 5 7.11 19.80 -2.40
C LEU D 5 7.57 18.94 -1.24
N ALA D 6 6.76 18.89 -0.18
CA ALA D 6 7.13 18.14 1.02
C ALA D 6 5.89 17.86 1.84
N LEU D 7 5.95 16.80 2.64
CA LEU D 7 4.80 16.36 3.44
C LEU D 7 5.21 15.71 4.73
N GLY D 8 4.44 15.96 5.79
CA GLY D 8 4.74 15.36 7.08
C GLY D 8 3.45 15.33 7.89
N ALA D 9 3.38 14.48 8.92
CA ALA D 9 2.19 14.43 9.77
C ALA D 9 2.55 13.87 11.13
N TYR D 10 1.65 14.01 12.09
CA TYR D 10 1.90 13.51 13.43
C TYR D 10 0.62 13.30 14.21
N VAL D 11 0.64 12.33 15.12
CA VAL D 11 -0.50 12.07 16.01
C VAL D 11 0.08 11.87 17.39
N PRO D 12 -0.61 12.34 18.43
CA PRO D 12 -0.10 12.17 19.80
C PRO D 12 0.19 10.69 20.08
N GLU D 13 0.95 10.45 21.14
CA GLU D 13 1.34 9.10 21.52
C GLU D 13 0.22 8.34 22.24
N ARG D 14 -0.49 9.00 23.13
CA ARG D 14 -1.55 8.33 23.87
C ARG D 14 -2.64 7.73 22.98
N VAL D 15 -2.81 6.42 23.10
CA VAL D 15 -3.79 5.67 22.32
C VAL D 15 -5.06 5.40 23.13
N MET D 16 -6.20 5.57 22.49
CA MET D 16 -7.46 5.28 23.15
C MET D 16 -8.23 4.26 22.31
N THR D 17 -8.38 3.08 22.89
CA THR D 17 -9.07 1.95 22.28
C THR D 17 -10.54 2.09 22.56
N ASN D 18 -11.36 1.36 21.82
CA ASN D 18 -12.80 1.42 22.07
C ASN D 18 -13.03 0.88 23.48
N ALA D 19 -12.12 0.01 23.91
CA ALA D 19 -12.18 -0.59 25.24
C ALA D 19 -12.16 0.49 26.32
N ASP D 20 -11.21 1.42 26.18
CA ASP D 20 -11.09 2.52 27.15
C ASP D 20 -12.40 3.30 27.21
N PHE D 21 -13.20 3.18 26.15
CA PHE D 21 -14.48 3.84 26.10
C PHE D 21 -15.51 2.98 26.83
N GLU D 22 -15.43 1.66 26.64
CA GLU D 22 -16.35 0.75 27.30
C GLU D 22 -16.09 0.92 28.79
N ALA D 23 -14.80 0.92 29.13
CA ALA D 23 -14.36 1.04 30.51
C ALA D 23 -14.92 2.24 31.30
N TYR D 24 -15.81 3.04 30.71
CA TYR D 24 -16.36 4.19 31.45
C TYR D 24 -17.64 4.68 30.83
N LEU D 25 -17.74 4.50 29.52
CA LEU D 25 -18.92 4.92 28.78
C LEU D 25 -19.58 3.62 28.36
N ASP D 26 -20.90 3.52 28.53
CA ASP D 26 -21.53 2.28 28.14
C ASP D 26 -21.61 2.31 26.62
N THR D 27 -20.64 1.67 25.99
CA THR D 27 -20.55 1.60 24.54
C THR D 27 -19.41 0.65 24.22
N SER D 28 -19.75 -0.46 23.58
CA SER D 28 -18.75 -1.46 23.23
C SER D 28 -18.02 -1.17 21.94
N ASP D 29 -16.95 -1.92 21.73
CA ASP D 29 -16.13 -1.83 20.53
C ASP D 29 -17.05 -2.09 19.34
N GLU D 30 -17.89 -3.11 19.45
CA GLU D 30 -18.83 -3.47 18.38
C GLU D 30 -19.73 -2.30 17.97
N TRP D 31 -20.33 -1.65 18.96
CA TRP D 31 -21.21 -0.53 18.67
C TRP D 31 -20.46 0.55 17.90
N ILE D 32 -19.30 0.90 18.43
CA ILE D 32 -18.48 1.93 17.82
C ILE D 32 -18.04 1.56 16.42
N VAL D 33 -17.45 0.38 16.28
CA VAL D 33 -16.96 -0.06 14.99
C VAL D 33 -18.02 -0.08 13.88
N THR D 34 -19.22 -0.58 14.17
CA THR D 34 -20.22 -0.64 13.12
C THR D 34 -20.75 0.74 12.70
N ARG D 35 -20.87 1.65 13.66
CA ARG D 35 -21.40 2.97 13.35
C ARG D 35 -20.37 3.97 12.80
N THR D 36 -19.08 3.78 13.15
CA THR D 36 -18.03 4.69 12.69
C THR D 36 -16.86 4.02 11.99
N GLY D 37 -16.54 2.79 12.38
CA GLY D 37 -15.42 2.09 11.77
C GLY D 37 -14.14 2.31 12.55
N ILE D 38 -14.23 3.12 13.60
CA ILE D 38 -13.06 3.44 14.42
C ILE D 38 -12.76 2.39 15.50
N LYS D 39 -11.48 2.05 15.65
CA LYS D 39 -11.04 1.09 16.66
C LYS D 39 -10.14 1.80 17.68
N GLU D 40 -9.38 2.78 17.19
CA GLU D 40 -8.45 3.58 18.00
C GLU D 40 -8.38 5.02 17.52
N ARG D 41 -7.92 5.91 18.39
CA ARG D 41 -7.71 7.31 18.07
C ARG D 41 -6.61 7.78 19.02
N ARG D 42 -5.98 8.90 18.69
CA ARG D 42 -4.91 9.44 19.51
C ARG D 42 -5.39 10.66 20.28
N VAL D 43 -4.87 10.83 21.49
CA VAL D 43 -5.25 11.95 22.32
C VAL D 43 -4.01 12.74 22.71
N ALA D 44 -4.08 14.05 22.54
CA ALA D 44 -2.96 14.92 22.88
C ALA D 44 -2.66 14.85 24.39
N ALA D 45 -1.38 14.89 24.74
CA ALA D 45 -1.01 14.86 26.16
C ALA D 45 -1.59 16.08 26.86
N GLU D 46 -1.68 16.03 28.19
CA GLU D 46 -2.24 17.13 28.96
C GLU D 46 -1.69 18.52 28.61
N ASP D 47 -0.38 18.60 28.40
CA ASP D 47 0.27 19.87 28.09
C ASP D 47 0.65 19.95 26.62
N GLU D 48 -0.20 19.41 25.76
CA GLU D 48 0.05 19.43 24.33
C GLU D 48 -1.15 20.02 23.61
N TYR D 49 -0.92 21.08 22.85
CA TYR D 49 -2.02 21.72 22.14
C TYR D 49 -1.89 21.72 20.64
N THR D 50 -2.81 22.41 19.97
CA THR D 50 -2.81 22.45 18.52
C THR D 50 -1.48 22.93 17.95
N SER D 51 -0.90 23.93 18.61
CA SER D 51 0.38 24.47 18.17
C SER D 51 1.44 23.37 18.18
N ASP D 52 1.45 22.56 19.24
CA ASP D 52 2.41 21.47 19.35
C ASP D 52 2.19 20.43 18.26
N LEU D 53 0.92 20.11 17.98
CA LEU D 53 0.63 19.14 16.94
C LEU D 53 1.20 19.67 15.61
N ALA D 54 1.06 20.98 15.40
CA ALA D 54 1.56 21.62 14.19
C ALA D 54 3.09 21.57 14.15
N PHE D 55 3.75 21.96 15.24
CA PHE D 55 5.21 21.94 15.29
C PHE D 55 5.71 20.54 14.93
N LYS D 56 5.15 19.55 15.60
CA LYS D 56 5.56 18.18 15.36
C LYS D 56 5.27 17.64 13.97
N ALA D 57 4.25 18.16 13.31
CA ALA D 57 3.95 17.68 11.97
C ALA D 57 4.98 18.30 11.03
N VAL D 58 5.45 19.51 11.37
CA VAL D 58 6.46 20.18 10.56
C VAL D 58 7.83 19.51 10.77
N GLU D 59 8.12 19.11 12.01
CA GLU D 59 9.36 18.42 12.30
C GLU D 59 9.42 17.13 11.49
N ASP D 60 8.29 16.47 11.35
CA ASP D 60 8.26 15.23 10.60
C ASP D 60 8.59 15.58 9.14
N LEU D 61 7.88 16.56 8.60
CA LEU D 61 8.09 17.02 7.24
C LEU D 61 9.59 17.27 6.98
N LEU D 62 10.24 17.93 7.94
CA LEU D 62 11.65 18.25 7.84
C LEU D 62 12.55 17.03 7.98
N ARG D 63 12.09 16.05 8.75
CA ARG D 63 12.85 14.81 8.93
C ARG D 63 12.77 14.02 7.60
N ARG D 64 11.62 14.07 6.93
CA ARG D 64 11.44 13.36 5.67
C ARG D 64 12.01 14.18 4.53
N HIS D 65 12.03 15.50 4.69
CA HIS D 65 12.52 16.41 3.65
C HIS D 65 13.43 17.50 4.22
N PRO D 66 14.70 17.18 4.50
CA PRO D 66 15.61 18.19 5.06
C PRO D 66 15.69 19.48 4.23
N GLY D 67 15.68 20.61 4.92
CA GLY D 67 15.76 21.91 4.28
C GLY D 67 14.56 22.30 3.43
N ALA D 68 13.40 21.69 3.66
CA ALA D 68 12.21 22.00 2.87
C ALA D 68 11.55 23.34 3.19
N LEU D 69 11.93 23.97 4.30
CA LEU D 69 11.35 25.26 4.66
C LEU D 69 12.14 26.39 4.03
N GLU D 70 13.16 26.02 3.28
CA GLU D 70 13.97 27.01 2.60
C GLU D 70 13.05 27.57 1.54
N GLY D 71 12.89 28.90 1.52
CA GLY D 71 12.05 29.53 0.52
C GLY D 71 10.60 29.76 0.90
N VAL D 72 10.21 29.29 2.10
CA VAL D 72 8.85 29.44 2.59
C VAL D 72 8.62 30.87 3.08
N ASP D 73 7.67 31.59 2.48
CA ASP D 73 7.36 32.97 2.87
C ASP D 73 5.98 33.09 3.48
N ALA D 74 5.31 31.97 3.70
CA ALA D 74 3.96 32.02 4.26
C ALA D 74 3.58 30.75 5.01
N VAL D 75 2.99 30.94 6.19
CA VAL D 75 2.53 29.82 7.00
C VAL D 75 1.02 29.96 7.16
N ILE D 76 0.29 28.91 6.81
CA ILE D 76 -1.14 28.95 6.95
C ILE D 76 -1.50 27.76 7.82
N VAL D 77 -2.21 28.00 8.91
CA VAL D 77 -2.61 26.90 9.77
C VAL D 77 -4.13 26.70 9.70
N ALA D 78 -4.58 25.61 9.11
CA ALA D 78 -6.01 25.33 9.06
C ALA D 78 -6.30 24.60 10.37
N THR D 79 -7.23 25.15 11.15
CA THR D 79 -7.58 24.54 12.43
C THR D 79 -8.90 25.12 12.87
N ASN D 80 -9.45 24.56 13.95
CA ASN D 80 -10.72 25.05 14.50
C ASN D 80 -10.58 25.02 16.02
N THR D 81 -9.37 24.69 16.46
CA THR D 81 -9.04 24.62 17.88
C THR D 81 -7.73 25.37 18.14
N PRO D 82 -7.62 26.64 17.70
CA PRO D 82 -6.36 27.36 17.94
C PRO D 82 -6.06 27.55 19.42
N ASP D 83 -4.76 27.71 19.74
CA ASP D 83 -4.31 27.92 21.11
C ASP D 83 -5.03 29.12 21.68
N ALA D 84 -4.93 30.25 20.98
CA ALA D 84 -5.57 31.49 21.42
C ALA D 84 -6.28 32.16 20.26
N LEU D 85 -7.17 33.11 20.57
CA LEU D 85 -7.89 33.85 19.52
C LEU D 85 -6.84 34.68 18.78
N PHE D 86 -5.75 34.95 19.49
CA PHE D 86 -4.58 35.67 19.00
C PHE D 86 -3.57 35.64 20.14
N PRO D 87 -2.28 35.49 19.84
CA PRO D 87 -1.69 35.35 18.50
C PRO D 87 -2.15 34.09 17.75
N ASP D 88 -2.19 34.16 16.43
CA ASP D 88 -2.61 33.00 15.68
C ASP D 88 -1.53 31.92 15.70
N THR D 89 -1.99 30.68 15.60
CA THR D 89 -1.12 29.52 15.61
C THR D 89 -0.05 29.53 14.51
N ALA D 90 -0.40 30.03 13.32
CA ALA D 90 0.56 30.10 12.22
C ALA D 90 1.75 30.99 12.57
N ALA D 91 1.52 32.01 13.38
CA ALA D 91 2.60 32.91 13.79
C ALA D 91 3.54 32.13 14.70
N LEU D 92 2.97 31.29 15.56
CA LEU D 92 3.77 30.48 16.47
C LEU D 92 4.66 29.49 15.71
N VAL D 93 4.13 28.96 14.61
CA VAL D 93 4.87 28.03 13.74
C VAL D 93 6.00 28.79 13.07
N GLN D 94 5.69 29.98 12.55
CA GLN D 94 6.67 30.84 11.88
C GLN D 94 7.87 31.11 12.80
N ALA D 95 7.56 31.43 14.06
CA ALA D 95 8.58 31.72 15.06
C ALA D 95 9.34 30.46 15.45
N ARG D 96 8.60 29.39 15.74
CA ARG D 96 9.24 28.15 16.11
C ARG D 96 10.31 27.74 15.09
N PHE D 97 10.04 27.93 13.79
CA PHE D 97 11.04 27.55 12.78
C PHE D 97 11.85 28.70 12.23
N GLY D 98 11.75 29.84 12.91
CA GLY D 98 12.51 31.01 12.50
C GLY D 98 12.35 31.34 11.03
N LEU D 99 11.11 31.36 10.56
CA LEU D 99 10.87 31.68 9.18
C LEU D 99 10.62 33.17 8.96
N LYS D 100 11.05 33.65 7.80
CA LYS D 100 10.81 35.03 7.40
C LYS D 100 9.50 34.86 6.63
N ALA D 101 8.37 35.02 7.30
CA ALA D 101 7.11 34.80 6.60
C ALA D 101 5.88 35.45 7.19
N PHE D 102 4.84 35.61 6.37
CA PHE D 102 3.59 36.13 6.95
C PHE D 102 2.87 34.87 7.46
N ALA D 103 1.87 35.05 8.32
CA ALA D 103 1.20 33.90 8.89
C ALA D 103 -0.22 34.16 9.38
N TYR D 104 -1.12 33.21 9.15
CA TYR D 104 -2.49 33.34 9.64
C TYR D 104 -3.14 31.99 9.83
N ASP D 105 -4.18 31.97 10.66
CA ASP D 105 -4.94 30.73 10.88
C ASP D 105 -6.16 30.85 9.98
N LEU D 106 -6.54 29.72 9.40
CA LEU D 106 -7.68 29.64 8.51
C LEU D 106 -8.73 28.75 9.17
N LEU D 107 -9.94 29.29 9.35
CA LEU D 107 -11.05 28.55 9.94
C LEU D 107 -12.15 28.28 8.92
N ALA D 108 -12.36 27.00 8.61
CA ALA D 108 -13.36 26.61 7.64
C ALA D 108 -13.85 25.18 7.92
N GLY D 109 -13.77 24.75 9.17
CA GLY D 109 -14.22 23.41 9.49
C GLY D 109 -13.26 22.35 8.96
N CSO D 110 -13.73 21.12 8.88
CA CSO D 110 -12.92 19.99 8.43
CB CSO D 110 -13.77 18.71 8.39
SG CSO D 110 -14.38 18.14 10.06
C CSO D 110 -12.20 20.20 7.07
O CSO D 110 -11.06 19.79 6.90
OD CSO D 110 -15.59 19.21 10.40
N PRO D 111 -12.85 20.86 6.11
CA PRO D 111 -12.23 21.11 4.81
C PRO D 111 -11.12 22.15 4.84
N GLY D 112 -10.81 22.67 6.04
CA GLY D 112 -9.80 23.70 6.19
C GLY D 112 -8.46 23.49 5.50
N TRP D 113 -7.93 22.27 5.55
CA TRP D 113 -6.63 22.02 4.93
C TRP D 113 -6.65 22.12 3.42
N ILE D 114 -7.72 21.63 2.79
CA ILE D 114 -7.80 21.75 1.34
C ILE D 114 -7.99 23.24 1.02
N TYR D 115 -8.78 23.94 1.84
CA TYR D 115 -8.98 25.37 1.61
C TYR D 115 -7.59 26.01 1.65
N ALA D 116 -6.76 25.60 2.60
CA ALA D 116 -5.40 26.16 2.71
C ALA D 116 -4.50 25.81 1.51
N LEU D 117 -4.67 24.61 0.95
CA LEU D 117 -3.86 24.22 -0.20
C LEU D 117 -4.21 25.17 -1.32
N ALA D 118 -5.51 25.39 -1.52
CA ALA D 118 -5.98 26.30 -2.56
C ALA D 118 -5.47 27.73 -2.34
N GLN D 119 -5.52 28.22 -1.10
CA GLN D 119 -5.04 29.58 -0.85
C GLN D 119 -3.54 29.66 -1.10
N ALA D 120 -2.83 28.60 -0.70
CA ALA D 120 -1.39 28.52 -0.88
C ALA D 120 -1.02 28.48 -2.37
N HIS D 121 -1.80 27.73 -3.14
CA HIS D 121 -1.57 27.62 -4.58
C HIS D 121 -1.72 29.01 -5.20
N ALA D 122 -2.74 29.74 -4.75
CA ALA D 122 -3.01 31.07 -5.31
C ALA D 122 -1.93 32.08 -4.95
N LEU D 123 -1.43 32.01 -3.73
CA LEU D 123 -0.36 32.91 -3.31
C LEU D 123 0.87 32.65 -4.19
N VAL D 124 1.22 31.38 -4.35
CA VAL D 124 2.39 31.01 -5.15
C VAL D 124 2.20 31.49 -6.58
N GLU D 125 1.02 31.23 -7.15
CA GLU D 125 0.72 31.63 -8.52
C GLU D 125 0.64 33.13 -8.73
N ALA D 126 0.18 33.87 -7.73
CA ALA D 126 0.08 35.32 -7.91
C ALA D 126 1.40 35.97 -7.57
N GLY D 127 2.35 35.16 -7.12
CA GLY D 127 3.64 35.70 -6.78
C GLY D 127 3.75 36.32 -5.40
N LEU D 128 2.72 36.19 -4.55
CA LEU D 128 2.84 36.79 -3.21
C LEU D 128 3.71 35.95 -2.28
N ALA D 129 3.95 34.69 -2.65
CA ALA D 129 4.81 33.81 -1.85
C ALA D 129 5.51 32.82 -2.77
N GLN D 130 6.77 32.50 -2.47
CA GLN D 130 7.53 31.55 -3.27
C GLN D 130 7.05 30.13 -2.94
N LYS D 131 7.00 29.81 -1.65
CA LYS D 131 6.53 28.52 -1.18
C LYS D 131 5.66 28.86 0.01
N VAL D 132 4.78 27.94 0.37
CA VAL D 132 3.85 28.13 1.47
C VAL D 132 3.77 26.88 2.32
N LEU D 133 3.85 27.05 3.63
CA LEU D 133 3.75 25.93 4.55
C LEU D 133 2.27 25.86 4.89
N ALA D 134 1.60 24.79 4.48
CA ALA D 134 0.17 24.63 4.75
C ALA D 134 -0.05 23.55 5.81
N VAL D 135 -0.48 23.97 7.00
CA VAL D 135 -0.67 23.04 8.10
C VAL D 135 -2.14 22.71 8.37
N GLY D 136 -2.39 21.47 8.75
CA GLY D 136 -3.72 21.04 9.11
C GLY D 136 -3.54 20.49 10.52
N ALA D 137 -4.08 21.14 11.54
CA ALA D 137 -3.91 20.64 12.89
C ALA D 137 -5.10 20.91 13.80
N GLU D 138 -5.53 19.84 14.50
CA GLU D 138 -6.68 19.85 15.40
C GLU D 138 -6.43 19.09 16.70
N ALA D 139 -6.81 19.70 17.83
CA ALA D 139 -6.67 19.07 19.14
C ALA D 139 -8.07 19.08 19.72
N LEU D 140 -8.96 18.36 19.04
CA LEU D 140 -10.36 18.26 19.42
C LEU D 140 -10.60 17.72 20.82
N SER D 141 -9.66 16.94 21.34
CA SER D 141 -9.80 16.34 22.68
C SER D 141 -9.99 17.44 23.71
N LYS D 142 -9.56 18.63 23.33
CA LYS D 142 -9.63 19.79 24.18
C LYS D 142 -11.00 20.43 24.29
N ILE D 143 -11.86 20.27 23.28
CA ILE D 143 -13.20 20.88 23.33
C ILE D 143 -14.33 19.88 23.33
N ILE D 144 -14.00 18.60 23.27
CA ILE D 144 -15.00 17.56 23.22
C ILE D 144 -15.59 17.22 24.60
N ASP D 145 -16.88 16.89 24.62
CA ASP D 145 -17.55 16.49 25.85
C ASP D 145 -17.44 14.97 25.91
N TRP D 146 -16.50 14.49 26.71
CA TRP D 146 -16.23 13.07 26.84
C TRP D 146 -17.38 12.16 27.29
N ASN D 147 -18.54 12.75 27.58
CA ASN D 147 -19.68 11.96 28.01
C ASN D 147 -20.73 11.76 26.94
N ASP D 148 -20.69 12.60 25.91
CA ASP D 148 -21.64 12.49 24.81
C ASP D 148 -21.13 11.40 23.85
N ARG D 149 -21.28 10.14 24.26
CA ARG D 149 -20.83 8.99 23.49
C ARG D 149 -21.02 9.19 21.99
N ALA D 150 -21.97 10.02 21.61
CA ALA D 150 -22.24 10.29 20.21
C ALA D 150 -21.04 10.90 19.47
N THR D 151 -20.25 11.71 20.18
CA THR D 151 -19.08 12.35 19.57
C THR D 151 -17.74 11.90 20.16
N ALA D 152 -17.70 11.72 21.48
CA ALA D 152 -16.47 11.33 22.18
C ALA D 152 -15.73 10.14 21.58
N VAL D 153 -16.43 9.33 20.80
CA VAL D 153 -15.81 8.14 20.19
C VAL D 153 -15.49 8.41 18.74
N LEU D 154 -15.84 9.60 18.28
CA LEU D 154 -15.64 9.97 16.89
C LEU D 154 -14.38 10.78 16.56
N PHE D 155 -13.96 11.67 17.45
CA PHE D 155 -12.81 12.50 17.13
C PHE D 155 -11.46 12.03 17.58
N GLY D 156 -10.44 12.48 16.86
CA GLY D 156 -9.06 12.14 17.17
C GLY D 156 -8.22 13.40 17.03
N ASP D 157 -7.04 13.41 17.64
CA ASP D 157 -6.14 14.56 17.58
C ASP D 157 -5.04 14.29 16.56
N GLY D 158 -4.56 15.35 15.91
CA GLY D 158 -3.50 15.17 14.94
C GLY D 158 -3.05 16.43 14.22
N GLY D 159 -1.95 16.28 13.49
CA GLY D 159 -1.40 17.38 12.74
C GLY D 159 -0.77 16.88 11.44
N GLY D 160 -0.78 17.71 10.43
CA GLY D 160 -0.19 17.34 9.17
C GLY D 160 0.25 18.61 8.49
N ALA D 161 1.21 18.50 7.58
CA ALA D 161 1.71 19.68 6.91
C ALA D 161 2.28 19.39 5.53
N ALA D 162 2.27 20.39 4.67
CA ALA D 162 2.84 20.23 3.34
C ALA D 162 3.42 21.57 2.89
N VAL D 163 4.48 21.53 2.11
CA VAL D 163 5.02 22.77 1.59
C VAL D 163 4.47 22.83 0.19
N VAL D 164 3.84 23.96 -0.14
CA VAL D 164 3.30 24.15 -1.48
C VAL D 164 4.20 25.16 -2.22
N GLY D 165 4.55 24.83 -3.45
CA GLY D 165 5.41 25.70 -4.23
C GLY D 165 5.46 25.23 -5.67
N LYS D 166 6.29 25.86 -6.49
CA LYS D 166 6.38 25.49 -7.90
C LYS D 166 6.93 24.09 -8.17
N VAL D 167 6.27 23.37 -9.07
CA VAL D 167 6.71 22.03 -9.46
C VAL D 167 6.86 22.03 -10.98
N ARG D 168 7.59 21.04 -11.51
CA ARG D 168 7.84 20.92 -12.94
C ARG D 168 6.56 20.90 -13.76
N GLU D 169 6.69 21.26 -15.04
CA GLU D 169 5.53 21.30 -15.91
C GLU D 169 4.85 19.94 -15.97
N GLY D 170 3.52 19.93 -15.93
CA GLY D 170 2.79 18.68 -15.97
C GLY D 170 2.36 18.12 -14.62
N TYR D 171 2.94 18.62 -13.53
CA TYR D 171 2.58 18.15 -12.18
C TYR D 171 1.89 19.24 -11.38
N GLY D 172 1.50 18.91 -10.14
CA GLY D 172 0.87 19.89 -9.29
C GLY D 172 -0.64 19.94 -9.37
N PHE D 173 -1.21 20.92 -8.68
CA PHE D 173 -2.64 21.09 -8.63
C PHE D 173 -3.31 21.32 -9.99
N ARG D 174 -4.33 20.52 -10.27
CA ARG D 174 -5.09 20.55 -11.52
C ARG D 174 -6.41 21.26 -11.37
N SER D 175 -6.97 21.19 -10.17
CA SER D 175 -8.23 21.85 -9.93
C SER D 175 -8.57 21.94 -8.45
N PHE D 176 -9.55 22.79 -8.17
CA PHE D 176 -10.02 22.98 -6.83
C PHE D 176 -11.51 23.24 -6.92
N VAL D 177 -12.25 22.63 -6.02
CA VAL D 177 -13.66 22.86 -5.94
C VAL D 177 -13.82 23.19 -4.45
N LEU D 178 -14.39 24.35 -4.16
CA LEU D 178 -14.57 24.80 -2.78
C LEU D 178 -15.94 25.42 -2.66
N GLY D 179 -16.62 25.15 -1.55
CA GLY D 179 -17.94 25.72 -1.37
C GLY D 179 -18.37 25.76 0.08
N ALA D 180 -19.49 26.42 0.35
CA ALA D 180 -20.00 26.51 1.70
C ALA D 180 -21.50 26.78 1.66
N ASP D 181 -22.18 26.43 2.76
CA ASP D 181 -23.60 26.66 2.89
C ASP D 181 -23.89 26.90 4.37
N GLY D 182 -23.85 28.19 4.76
CA GLY D 182 -24.06 28.58 6.14
C GLY D 182 -25.43 28.39 6.75
N THR D 183 -26.43 28.08 5.92
CA THR D 183 -27.78 27.86 6.43
C THR D 183 -27.76 26.65 7.35
N GLY D 184 -26.72 25.82 7.18
CA GLY D 184 -26.56 24.62 7.98
C GLY D 184 -25.55 24.79 9.11
N ALA D 185 -25.53 25.99 9.69
CA ALA D 185 -24.65 26.29 10.81
C ALA D 185 -25.08 25.50 12.05
N LYS D 186 -26.38 25.27 12.19
CA LYS D 186 -26.88 24.54 13.35
C LYS D 186 -26.65 23.02 13.30
N GLU D 187 -26.26 22.51 12.13
CA GLU D 187 -26.03 21.08 11.96
C GLU D 187 -24.84 20.56 12.76
N LEU D 188 -23.77 21.35 12.81
CA LEU D 188 -22.54 20.98 13.54
C LEU D 188 -21.89 22.28 14.00
N TYR D 189 -21.74 22.45 15.32
CA TYR D 189 -21.17 23.68 15.82
C TYR D 189 -20.56 23.67 17.23
N HIS D 190 -19.79 24.71 17.50
CA HIS D 190 -19.15 24.94 18.79
C HIS D 190 -19.04 26.45 18.89
N ALA D 191 -19.77 27.02 19.84
CA ALA D 191 -19.77 28.47 20.03
C ALA D 191 -18.42 29.01 20.52
N CYS D 192 -18.25 30.33 20.39
CA CYS D 192 -17.04 31.01 20.85
C CYS D 192 -17.40 32.33 21.53
N VAL D 193 -17.64 33.37 20.73
CA VAL D 193 -18.00 34.68 21.24
C VAL D 193 -19.53 34.88 21.30
N ALA D 194 -20.25 34.25 20.37
CA ALA D 194 -21.71 34.37 20.31
C ALA D 194 -22.47 33.19 20.95
N PRO D 195 -23.55 33.47 21.72
CA PRO D 195 -24.35 32.42 22.37
C PRO D 195 -25.44 31.88 21.45
N ARG D 196 -25.39 32.25 20.18
CA ARG D 196 -26.39 31.78 19.22
C ARG D 196 -26.01 32.05 17.77
N LEU D 197 -26.63 31.31 16.85
CA LEU D 197 -26.36 31.46 15.43
C LEU D 197 -27.38 32.43 14.80
N PRO D 198 -27.15 32.82 13.53
CA PRO D 198 -28.05 33.74 12.81
C PRO D 198 -29.51 33.30 12.71
N ASP D 199 -29.74 32.00 12.53
CA ASP D 199 -31.10 31.47 12.40
C ASP D 199 -31.82 31.26 13.75
N GLY D 200 -31.20 31.70 14.84
CA GLY D 200 -31.80 31.57 16.15
C GLY D 200 -31.29 30.43 17.01
N THR D 201 -30.90 29.32 16.37
CA THR D 201 -30.40 28.15 17.07
C THR D 201 -29.49 28.54 18.23
N SER D 202 -29.93 28.24 19.45
CA SER D 202 -29.16 28.56 20.64
C SER D 202 -28.01 27.58 20.85
N MET D 203 -26.78 28.06 20.67
CA MET D 203 -25.60 27.22 20.82
C MET D 203 -25.30 26.86 22.26
N LYS D 204 -24.82 25.63 22.44
CA LYS D 204 -24.47 25.10 23.75
C LYS D 204 -22.96 25.24 23.97
N ASN D 205 -22.55 25.31 25.24
CA ASN D 205 -21.14 25.45 25.60
C ASN D 205 -20.30 24.23 25.25
N ARG D 206 -20.88 23.33 24.46
CA ARG D 206 -20.20 22.12 24.05
C ARG D 206 -20.36 21.86 22.56
N LEU D 207 -19.57 20.94 22.04
CA LEU D 207 -19.61 20.59 20.62
C LEU D 207 -20.90 19.83 20.32
N TYR D 208 -21.79 20.46 19.56
CA TYR D 208 -23.06 19.82 19.16
C TYR D 208 -22.96 19.29 17.74
N MET D 209 -23.77 18.29 17.42
CA MET D 209 -23.79 17.71 16.08
C MET D 209 -25.07 16.93 15.77
N ASN D 210 -25.61 17.16 14.57
CA ASN D 210 -26.80 16.47 14.11
C ASN D 210 -26.31 15.43 13.10
N GLY D 211 -25.78 14.32 13.62
CA GLY D 211 -25.26 13.26 12.77
C GLY D 211 -26.06 12.95 11.51
N ARG D 212 -27.34 12.63 11.67
CA ARG D 212 -28.23 12.28 10.56
C ARG D 212 -28.10 13.23 9.36
N GLU D 213 -28.14 14.53 9.65
CA GLU D 213 -28.01 15.54 8.61
C GLU D 213 -26.60 15.58 8.06
N VAL D 214 -25.62 15.63 8.95
CA VAL D 214 -24.21 15.65 8.56
C VAL D 214 -23.92 14.46 7.62
N PHE D 215 -24.58 13.33 7.85
CA PHE D 215 -24.40 12.14 7.00
C PHE D 215 -24.98 12.35 5.59
N LYS D 216 -26.22 12.84 5.51
CA LYS D 216 -26.85 13.09 4.21
C LYS D 216 -25.89 13.97 3.40
N PHE D 217 -25.64 15.15 3.94
CA PHE D 217 -24.75 16.17 3.37
C PHE D 217 -23.49 15.54 2.77
N ALA D 218 -22.70 14.91 3.62
CA ALA D 218 -21.45 14.26 3.23
C ALA D 218 -21.50 13.42 1.97
N VAL D 219 -22.37 12.40 1.97
CA VAL D 219 -22.47 11.51 0.81
C VAL D 219 -22.69 12.28 -0.48
N ARG D 220 -23.64 13.20 -0.46
CA ARG D 220 -23.95 13.99 -1.63
C ARG D 220 -22.77 14.90 -1.98
N VAL D 221 -22.32 15.65 -0.99
CA VAL D 221 -21.20 16.57 -1.15
C VAL D 221 -19.98 15.90 -1.75
N MET D 222 -19.43 14.94 -1.02
CA MET D 222 -18.25 14.23 -1.48
C MET D 222 -18.37 13.81 -2.93
N ASN D 223 -19.46 13.13 -3.26
CA ASN D 223 -19.69 12.66 -4.62
C ASN D 223 -19.63 13.77 -5.68
N THR D 224 -20.52 14.74 -5.57
CA THR D 224 -20.57 15.85 -6.53
C THR D 224 -19.26 16.62 -6.68
N ALA D 225 -18.67 17.03 -5.55
CA ALA D 225 -17.41 17.79 -5.57
C ALA D 225 -16.32 17.00 -6.25
N THR D 226 -16.20 15.72 -5.87
CA THR D 226 -15.19 14.84 -6.43
C THR D 226 -15.26 14.78 -7.94
N LEU D 227 -16.46 14.49 -8.43
CA LEU D 227 -16.67 14.40 -9.87
C LEU D 227 -16.41 15.74 -10.54
N GLU D 228 -16.92 16.82 -9.94
CA GLU D 228 -16.71 18.15 -10.48
C GLU D 228 -15.22 18.47 -10.49
N ALA D 229 -14.51 18.08 -9.43
CA ALA D 229 -13.10 18.35 -9.37
C ALA D 229 -12.38 17.54 -10.46
N ILE D 230 -12.76 16.28 -10.58
CA ILE D 230 -12.12 15.45 -11.58
C ILE D 230 -12.40 16.06 -12.93
N GLU D 231 -13.64 16.51 -13.08
CA GLU D 231 -14.12 17.12 -14.30
C GLU D 231 -13.31 18.39 -14.65
N LYS D 232 -13.18 19.30 -13.69
CA LYS D 232 -12.47 20.55 -13.90
C LYS D 232 -10.98 20.30 -14.14
N ALA D 233 -10.47 19.20 -13.57
CA ALA D 233 -9.07 18.84 -13.75
C ALA D 233 -8.82 18.37 -15.18
N GLY D 234 -9.89 18.13 -15.93
CA GLY D 234 -9.75 17.64 -17.30
C GLY D 234 -9.46 16.14 -17.31
N LEU D 235 -10.18 15.40 -16.47
CA LEU D 235 -9.99 13.97 -16.38
C LEU D 235 -11.32 13.29 -16.12
N THR D 236 -11.23 12.00 -15.86
CA THR D 236 -12.39 11.19 -15.54
C THR D 236 -11.96 10.38 -14.35
N PRO D 237 -12.91 9.75 -13.66
CA PRO D 237 -12.62 8.92 -12.47
C PRO D 237 -11.53 7.86 -12.68
N GLU D 238 -11.44 7.31 -13.89
CA GLU D 238 -10.46 6.27 -14.20
C GLU D 238 -9.00 6.76 -14.15
N ASP D 239 -8.81 8.07 -14.29
CA ASP D 239 -7.46 8.65 -14.28
C ASP D 239 -6.91 8.84 -12.86
N ILE D 240 -7.78 8.70 -11.86
CA ILE D 240 -7.39 8.89 -10.49
C ILE D 240 -6.80 7.64 -9.85
N ARG D 241 -5.52 7.72 -9.48
CA ARG D 241 -4.82 6.63 -8.83
C ARG D 241 -5.29 6.41 -7.39
N LEU D 242 -5.57 7.48 -6.66
CA LEU D 242 -6.01 7.30 -5.29
C LEU D 242 -6.93 8.41 -4.83
N PHE D 243 -8.02 8.03 -4.17
CA PHE D 243 -8.97 8.98 -3.63
C PHE D 243 -8.66 9.05 -2.14
N VAL D 244 -8.42 10.26 -1.65
CA VAL D 244 -8.09 10.49 -0.25
C VAL D 244 -9.11 11.43 0.34
N PRO D 245 -10.14 10.89 0.99
CA PRO D 245 -11.22 11.66 1.62
C PRO D 245 -10.97 12.00 3.07
N HIS D 246 -11.73 12.97 3.58
CA HIS D 246 -11.66 13.34 4.98
C HIS D 246 -12.00 12.03 5.73
N GLN D 247 -11.17 11.61 6.68
CA GLN D 247 -11.42 10.37 7.42
C GLN D 247 -12.44 10.60 8.54
N ALA D 248 -13.68 10.90 8.20
CA ALA D 248 -14.69 11.16 9.22
C ALA D 248 -15.50 9.95 9.70
N ASN D 249 -15.77 9.02 8.80
CA ASN D 249 -16.59 7.86 9.14
C ASN D 249 -16.48 6.81 8.05
N LEU D 250 -16.02 5.62 8.39
CA LEU D 250 -15.88 4.57 7.39
C LEU D 250 -17.15 4.37 6.57
N ARG D 251 -18.32 4.41 7.22
CA ARG D 251 -19.58 4.22 6.51
C ARG D 251 -19.83 5.29 5.46
N ILE D 252 -19.53 6.55 5.78
CA ILE D 252 -19.71 7.63 4.81
C ILE D 252 -18.71 7.45 3.66
N ILE D 253 -17.48 7.07 4.00
CA ILE D 253 -16.45 6.84 3.01
C ILE D 253 -16.96 5.74 2.08
N ASP D 254 -17.47 4.68 2.71
CA ASP D 254 -18.01 3.52 2.04
C ASP D 254 -19.12 3.93 1.07
N ALA D 255 -20.14 4.60 1.59
CA ALA D 255 -21.27 5.06 0.78
C ALA D 255 -20.80 5.98 -0.34
N ALA D 256 -19.69 6.65 -0.12
CA ALA D 256 -19.16 7.55 -1.12
C ALA D 256 -18.45 6.69 -2.16
N ARG D 257 -17.65 5.75 -1.68
CA ARG D 257 -16.89 4.85 -2.55
C ARG D 257 -17.80 4.16 -3.55
N GLU D 258 -18.88 3.56 -3.06
CA GLU D 258 -19.82 2.86 -3.92
C GLU D 258 -20.50 3.85 -4.87
N ARG D 259 -20.97 4.98 -4.34
CA ARG D 259 -21.63 5.99 -5.16
C ARG D 259 -20.75 6.30 -6.38
N LEU D 260 -19.44 6.04 -6.26
CA LEU D 260 -18.50 6.26 -7.35
C LEU D 260 -17.98 4.93 -7.91
N GLY D 261 -18.57 3.83 -7.43
CA GLY D 261 -18.17 2.50 -7.89
C GLY D 261 -16.68 2.29 -7.85
N LEU D 262 -16.12 2.33 -6.66
CA LEU D 262 -14.67 2.16 -6.50
C LEU D 262 -14.23 1.02 -5.61
N PRO D 263 -13.07 0.45 -5.92
CA PRO D 263 -12.51 -0.66 -5.14
C PRO D 263 -11.72 -0.06 -3.97
N TRP D 264 -11.92 -0.61 -2.78
CA TRP D 264 -11.21 -0.12 -1.61
C TRP D 264 -9.73 0.16 -1.86
N GLU D 265 -9.13 -0.54 -2.81
CA GLU D 265 -7.71 -0.37 -3.14
C GLU D 265 -7.40 1.05 -3.65
N ARG D 266 -8.41 1.69 -4.24
CA ARG D 266 -8.26 3.03 -4.77
C ARG D 266 -8.71 4.14 -3.82
N VAL D 267 -8.85 3.77 -2.54
CA VAL D 267 -9.26 4.68 -1.50
C VAL D 267 -8.31 4.59 -0.32
N ALA D 268 -7.80 5.74 0.12
CA ALA D 268 -6.88 5.80 1.25
C ALA D 268 -7.73 5.83 2.51
N VAL D 269 -7.44 4.96 3.47
CA VAL D 269 -8.24 4.91 4.68
C VAL D 269 -7.45 4.67 5.95
N ASN D 270 -7.75 5.44 6.99
CA ASN D 270 -7.09 5.21 8.28
C ASN D 270 -7.88 5.71 9.48
N VAL D 271 -9.14 6.03 9.23
CA VAL D 271 -10.02 6.50 10.30
C VAL D 271 -10.12 5.45 11.39
N ASP D 272 -9.80 4.22 11.03
CA ASP D 272 -9.85 3.10 11.96
C ASP D 272 -8.76 3.17 13.03
N ARG D 273 -7.69 3.89 12.77
CA ARG D 273 -6.58 4.02 13.71
C ARG D 273 -6.49 5.39 14.35
N TYR D 274 -6.99 6.42 13.65
CA TYR D 274 -6.88 7.77 14.18
C TYR D 274 -8.18 8.50 14.45
N GLY D 275 -9.29 7.91 14.01
CA GLY D 275 -10.58 8.55 14.19
C GLY D 275 -10.68 9.75 13.24
N ASN D 276 -11.60 10.66 13.55
CA ASN D 276 -11.78 11.85 12.73
C ASN D 276 -10.86 12.95 13.29
N THR D 277 -9.76 13.22 12.59
CA THR D 277 -8.83 14.26 13.03
C THR D 277 -9.02 15.58 12.30
N SER D 278 -10.25 15.82 11.88
CA SER D 278 -10.60 17.07 11.23
C SER D 278 -9.62 17.47 10.12
N THR D 279 -9.04 18.65 10.24
CA THR D 279 -8.13 19.15 9.21
C THR D 279 -6.84 18.36 9.00
N ALA D 280 -6.42 17.59 10.00
CA ALA D 280 -5.19 16.80 9.91
C ALA D 280 -5.46 15.49 9.20
N SER D 281 -6.74 15.19 9.03
CA SER D 281 -7.17 13.94 8.41
C SER D 281 -6.57 13.58 7.05
N ILE D 282 -6.74 14.46 6.07
CA ILE D 282 -6.24 14.18 4.73
C ILE D 282 -4.71 14.06 4.67
N PRO D 283 -3.97 15.00 5.27
CA PRO D 283 -2.52 14.83 5.17
C PRO D 283 -2.05 13.55 5.88
N LEU D 284 -2.73 13.17 6.97
CA LEU D 284 -2.34 11.97 7.68
C LEU D 284 -2.44 10.77 6.74
N ALA D 285 -3.55 10.72 6.01
CA ALA D 285 -3.80 9.64 5.06
C ALA D 285 -2.88 9.70 3.86
N LEU D 286 -2.57 10.92 3.41
CA LEU D 286 -1.66 11.09 2.28
C LEU D 286 -0.28 10.55 2.63
N LYS D 287 0.17 10.83 3.85
CA LYS D 287 1.47 10.38 4.28
C LYS D 287 1.54 8.86 4.26
N GLU D 288 0.56 8.20 4.86
CA GLU D 288 0.57 6.76 4.86
C GLU D 288 0.60 6.17 3.46
N ALA D 289 -0.18 6.74 2.55
CA ALA D 289 -0.24 6.26 1.17
C ALA D 289 1.12 6.38 0.50
N VAL D 290 1.72 7.54 0.61
CA VAL D 290 3.03 7.79 0.04
C VAL D 290 4.01 6.73 0.51
N ASP D 291 4.01 6.56 1.83
CA ASP D 291 4.86 5.63 2.54
C ASP D 291 4.53 4.17 2.19
N ALA D 292 3.27 3.89 1.91
CA ALA D 292 2.85 2.54 1.57
C ALA D 292 3.12 2.33 0.09
N GLY D 293 3.79 3.28 -0.53
CA GLY D 293 4.10 3.17 -1.95
C GLY D 293 2.89 3.14 -2.86
N ARG D 294 1.74 3.64 -2.41
CA ARG D 294 0.52 3.65 -3.25
C ARG D 294 0.38 4.93 -4.09
N ILE D 295 1.38 5.81 -4.00
CA ILE D 295 1.36 7.07 -4.72
C ILE D 295 2.74 7.35 -5.24
N ARG D 296 2.85 7.55 -6.56
CA ARG D 296 4.13 7.86 -7.19
C ARG D 296 4.05 9.19 -7.93
N GLU D 297 5.22 9.74 -8.24
CA GLU D 297 5.25 10.97 -8.99
C GLU D 297 4.45 10.69 -10.26
N GLY D 298 3.60 11.62 -10.67
CA GLY D 298 2.82 11.42 -11.89
C GLY D 298 1.40 10.94 -11.66
N ASP D 299 1.11 10.37 -10.49
CA ASP D 299 -0.24 9.88 -10.19
C ASP D 299 -1.17 11.04 -9.90
N HIS D 300 -2.42 10.90 -10.31
CA HIS D 300 -3.42 11.92 -10.04
C HIS D 300 -4.14 11.49 -8.78
N VAL D 301 -4.03 12.31 -7.75
CA VAL D 301 -4.67 12.03 -6.48
C VAL D 301 -5.84 13.00 -6.27
N LEU D 302 -6.97 12.49 -5.81
CA LEU D 302 -8.11 13.37 -5.55
C LEU D 302 -8.31 13.50 -4.06
N LEU D 303 -8.43 14.74 -3.58
CA LEU D 303 -8.65 15.01 -2.16
C LEU D 303 -10.04 15.58 -2.08
N VAL D 304 -10.78 15.22 -1.04
CA VAL D 304 -12.13 15.74 -0.88
C VAL D 304 -12.49 15.75 0.61
N SER D 305 -13.27 16.75 1.04
CA SER D 305 -13.65 16.88 2.45
C SER D 305 -14.95 17.64 2.60
N PHE D 306 -15.60 17.43 3.73
CA PHE D 306 -16.89 18.07 4.05
C PHE D 306 -16.82 18.39 5.55
N GLY D 307 -17.65 19.31 6.01
CA GLY D 307 -17.62 19.61 7.43
C GLY D 307 -18.46 20.78 7.90
N ALA D 308 -18.08 21.31 9.05
CA ALA D 308 -18.78 22.44 9.67
C ALA D 308 -18.73 23.68 8.77
N GLY D 309 -19.83 24.42 8.79
CA GLY D 309 -19.93 25.63 7.98
C GLY D 309 -21.38 25.88 7.63
N LEU D 310 -22.00 25.01 6.81
CA LEU D 310 -21.34 23.82 6.26
C LEU D 310 -20.29 24.20 5.22
N THR D 311 -19.30 23.33 5.05
CA THR D 311 -18.20 23.56 4.12
C THR D 311 -17.82 22.29 3.40
N TRP D 312 -17.26 22.45 2.21
CA TRP D 312 -16.79 21.29 1.44
C TRP D 312 -15.70 21.72 0.45
N ALA D 313 -14.84 20.78 0.10
CA ALA D 313 -13.75 21.08 -0.82
C ALA D 313 -13.19 19.80 -1.45
N ALA D 314 -12.62 19.95 -2.63
CA ALA D 314 -12.03 18.83 -3.31
C ALA D 314 -10.93 19.38 -4.20
N ALA D 315 -9.94 18.56 -4.51
CA ALA D 315 -8.83 18.99 -5.32
C ALA D 315 -8.22 17.81 -6.05
N VAL D 316 -7.70 18.07 -7.23
CA VAL D 316 -7.02 17.02 -7.98
C VAL D 316 -5.56 17.49 -8.02
N LEU D 317 -4.67 16.62 -7.56
CA LEU D 317 -3.25 16.93 -7.51
C LEU D 317 -2.41 15.86 -8.22
N THR D 318 -1.64 16.28 -9.22
CA THR D 318 -0.76 15.35 -9.92
C THR D 318 0.50 15.30 -9.06
N TRP D 319 0.67 14.20 -8.35
CA TRP D 319 1.77 14.03 -7.43
C TRP D 319 3.19 14.22 -7.97
N GLY D 320 4.06 14.72 -7.09
CA GLY D 320 5.45 14.94 -7.43
C GLY D 320 5.76 16.20 -8.23
N GLY D 321 6.80 16.08 -9.06
CA GLY D 321 7.22 17.20 -9.89
C GLY D 321 8.18 18.14 -9.17
N ALA D 322 8.57 17.77 -7.96
CA ALA D 322 9.48 18.59 -7.17
C ALA D 322 10.93 18.33 -7.56
C1 GOL E . 20.47 -20.14 -12.62
O1 GOL E . 19.89 -20.97 -13.58
C2 GOL E . 21.08 -20.94 -11.48
O2 GOL E . 22.08 -21.80 -11.99
C3 GOL E . 21.70 -20.03 -10.43
O3 GOL E . 22.24 -20.78 -9.37
C1 GOL F . 18.77 -15.67 -19.00
O1 GOL F . 19.62 -16.77 -18.74
C2 GOL F . 17.38 -15.85 -18.36
O2 GOL F . 17.49 -16.00 -16.97
C3 GOL F . 16.42 -14.70 -18.65
O3 GOL F . 16.18 -14.57 -20.03
C1 GOL G . 2.24 -31.77 -25.71
O1 GOL G . 1.86 -33.11 -25.94
C2 GOL G . 3.74 -31.71 -25.59
O2 GOL G . 4.32 -32.23 -26.74
C3 GOL G . 4.27 -30.31 -25.35
O3 GOL G . 5.68 -30.34 -25.27
C1 GOL H . 6.32 39.70 2.24
O1 GOL H . 5.85 40.90 2.81
C2 GOL H . 5.77 39.53 0.83
O2 GOL H . 6.37 38.41 0.24
C3 GOL H . 4.25 39.38 0.77
O3 GOL H . 3.82 39.20 -0.55
C1 GOL I . 2.00 43.04 -6.14
O1 GOL I . 1.92 42.06 -5.12
C2 GOL I . 1.12 42.64 -7.30
O2 GOL I . -0.19 42.49 -6.84
C3 GOL I . 1.16 43.66 -8.44
O3 GOL I . 0.34 43.21 -9.50
C1 GOL J . 0.36 64.35 -3.44
O1 GOL J . -0.15 63.98 -2.19
C2 GOL J . 0.00 63.30 -4.51
O2 GOL J . -1.40 63.18 -4.59
C3 GOL J . 0.56 63.70 -5.87
O3 GOL J . 0.23 62.74 -6.85
C1 GOL K . -15.70 27.05 -6.70
O1 GOL K . -15.60 25.90 -5.92
C2 GOL K . -14.39 27.29 -7.44
O2 GOL K . -14.53 28.40 -8.30
C3 GOL K . -13.22 27.53 -6.48
O3 GOL K . -12.04 27.77 -7.20
C1 GOL L . 2.67 7.94 11.12
O1 GOL L . 2.86 7.19 12.28
C2 GOL L . 1.76 9.12 11.40
O2 GOL L . 2.29 9.89 12.45
C3 GOL L . 1.51 10.03 10.20
O3 GOL L . 0.89 9.31 9.13
C1 GOL M . 7.21 8.72 -5.91
O1 GOL M . 7.48 8.73 -4.53
C2 GOL M . 8.24 7.91 -6.70
O2 GOL M . 8.27 6.59 -6.25
C3 GOL M . 7.93 7.91 -8.17
O3 GOL M . 8.89 7.17 -8.86
C1 GOL N . 3.55 5.95 15.88
O1 GOL N . 3.06 7.09 15.24
C2 GOL N . 3.91 6.28 17.33
O2 GOL N . 2.77 6.74 18.00
C3 GOL N . 4.48 5.09 18.08
O3 GOL N . 4.79 5.46 19.40
#